data_5XQ3
#
_entry.id   5XQ3
#
_cell.length_a   167.471
_cell.length_b   167.471
_cell.length_c   172.289
_cell.angle_alpha   90.00
_cell.angle_beta   90.00
_cell.angle_gamma   90.00
#
_symmetry.space_group_name_H-M   'P 42 21 2'
#
loop_
_entity.id
_entity.type
_entity.pdbx_description
1 polymer 'Pcrglx protein'
2 polymer 'Pcrglx protein'
3 non-polymer 'CALCIUM ION'
4 water water
#
loop_
_entity_poly.entity_id
_entity_poly.type
_entity_poly.pdbx_seq_one_letter_code
_entity_poly.pdbx_strand_id
1 'polypeptide(L)'
;FNCTSSSATVHWLGDKPTYHAGVTFGLPWPQGKYRPQETSFSLTGDTEDKSELQSWATGYWADGSLKWTAHAIAESNQIY
DQYTVTASSLGCVKSSSSSSESSAPNSSIVVTDNSDALTVNTGEVAVSFPKGGNVIIGDIKTKSGKVIGANGRLVLQSQD
SVPDNFDNRANSPIQYSNFDGNINEVFVNQTSARTLVTVRGNHTVTDGTDHDPWLPFVVRFYLYANSATIKV(MSE)HSI
VFDGDENDFITGLGIRFDVPLKGEEYYDRHIRFAGVDGGIFNEAVQGITGLRRDPGEEIRAAQFAGQKLADTETWEPRVS
TRLKWIPTWADYGLTQLTADGFGLKKRTKAGQSWVNIPSGTRAEGLAYLGGATQGGLAVGLRDFWKRYPVGLDISNAASD
TGELTLWLYSPAAEPLDLRPFHDGLGQDGYEDQLDALEITYEDWEPGFDTPYGIARTSEVYLFAFDQTPTSDKLASLTAY
(MSE)NDPPVLVAEPKYIHETQALGEYWALPGSASPAAATLEDRLQFIFDFYKGQIEQRRWYGFLDYGDF(MSE)HTYDP
DRHTWRYDVGGYAWDNSELSPDLFFWLYFLRTGSKDAYRFAEALTRHTGEVDVYHIGDWKGLGTRHGVQHWSDSAKQARI
SQPQYRKYFFYLSGGDERVGELLEELLDTDKTYGELDPQRKVRTDGWEPSPNSTVSFGLGTDWSGLAAGWLIEWERRGPR
WEEAKTKLTNTIAGIANLTNGFVTGSGLYDPVTWTLGPPPSDPGNRGNVSISHLNAVFGLPEVVSEAIAYLADDIPKGFK
QAWLDYCYYYHASASEQKDRYGVSFSKISLLQAHSRLAAYAAYETKNKTLALRAWKDFYASDGLLPDAPWNITHVDGSDV
LVPVDEAAWLATNDIAQYGLAVIQNLAYVSDSLDDYQSLE
;
A
2 'polypeptide(L)'
;FNCTSSSATVHWLGDKPTYHAGVTFGLPWPQGKYRPQETSFSLTGDTEDKSELQSWATGYWADGSLKWTAHAIAESNQIY
DQYTVTASSLGCVKSSSSSSESSAPNSSIVVTDNSDALTVNTGEVAVSFPKGGNVIIGDIKTKSGKVIGANGRLVLQSQD
SVPDNFDNRANSPIQYSNFDGNINEVFVNQTSARTLVTVRGNHTVTDGTDHDPWLPFVVRFYLYANSATIKV(MSE)HSI
VFDGDENDFITGLGIRFDVPLKGEEYYDRHIRFAGVDGGIFNEAVQGITGLRRDPGEEIRAAQFAGQKLADTETWEPRVS
TRLKWIPTWADYGLTQLTADGFGLKKRTKAGQSWVNIPSGTRAEGLAYLGGATQGGLAVGLRDFWKRYPVGLDISNAASD
TGELTLWLYSPAAEPLDLRPFHDGLGQDGYEDQLDALEITYEDWEPGFDTPYGIARTSEVYLFAFDQTPTSDKLASLTAY
(MSE)NDPPVLVAEPKYIHETQALGEYWALPGSASPAAATLEDRLQFIFDFYKGQIEQRRWYGFLDYGDF(MSE)HTYDP
DRHTWRYDVGGYAWDNSELSPDLFFWLYFLRTGSKDAYRFAEALTRHTGEVDVYHIGDWKGLGTRHGVQHWSDSAKQARI
SQPQYRKYFFYLSGGDERVGELLEELLDTDKTYGELDPQRKVRTDGWEPSPNSTVSFGLGTDWSGLAAGWLIEWERRGPR
WEEAKTKLTNTIAGIANLTNGFVTGSGLYDPVTWTLGPPPSDPGNRGNVSISHLNAVFGLPEVVSEAIAYLADDIPKGFK
QAWLDYCYYYHASASEQKDRYGVSFSKISLLQAHSRLAAYAAYETKNKTLALRAWKDFYASDGLLPDAPWNITHVDGSDV
LVPVDEAAWLATNDIAQYGLAVIQNLAYVSDSLDDYQS
;
B
#
# COMPACT_ATOMS: atom_id res chain seq x y z
N ASN A 2 25.16 20.87 56.21
CA ASN A 2 24.74 19.52 56.69
C ASN A 2 23.83 18.82 55.62
N CYS A 3 23.04 17.80 56.02
CA CYS A 3 22.31 16.99 55.03
C CYS A 3 21.08 17.64 54.41
N THR A 4 21.02 17.58 53.08
CA THR A 4 19.84 17.92 52.28
C THR A 4 19.45 16.74 51.37
N SER A 5 18.25 16.21 51.50
CA SER A 5 17.86 15.04 50.70
C SER A 5 16.40 15.14 50.32
N SER A 6 16.05 14.57 49.18
CA SER A 6 14.70 14.68 48.63
C SER A 6 14.48 13.65 47.52
N SER A 7 13.22 13.31 47.25
CA SER A 7 12.88 12.27 46.30
C SER A 7 11.87 12.79 45.30
N ALA A 8 11.94 12.20 44.10
CA ALA A 8 11.05 12.48 42.99
C ALA A 8 10.81 11.19 42.32
N THR A 9 9.57 10.92 41.91
CA THR A 9 9.18 9.62 41.39
C THR A 9 8.97 9.78 39.90
N VAL A 10 9.03 8.66 39.23
CA VAL A 10 9.02 8.65 37.82
C VAL A 10 8.18 7.44 37.42
N HIS A 11 7.45 7.58 36.30
CA HIS A 11 6.45 6.61 35.84
C HIS A 11 6.58 6.30 34.36
N TRP A 12 6.17 5.07 34.02
CA TRP A 12 6.07 4.67 32.64
C TRP A 12 5.04 5.57 32.03
N LEU A 13 5.24 5.89 30.78
CA LEU A 13 4.44 6.87 30.09
C LEU A 13 3.02 6.38 29.96
N GLY A 14 2.85 5.11 29.59
CA GLY A 14 1.51 4.50 29.63
C GLY A 14 1.55 3.33 30.58
N ASP A 15 1.06 2.19 30.11
CA ASP A 15 1.12 0.95 30.84
C ASP A 15 2.54 0.42 31.02
N LYS A 16 2.73 -0.27 32.15
CA LYS A 16 3.95 -0.97 32.51
C LYS A 16 4.40 -1.90 31.39
N PRO A 17 5.66 -1.73 30.93
CA PRO A 17 6.15 -2.62 29.88
C PRO A 17 6.39 -4.06 30.35
N THR A 18 6.39 -4.95 29.38
CA THR A 18 6.76 -6.34 29.60
C THR A 18 8.23 -6.57 29.31
N TYR A 19 8.83 -5.66 28.54
CA TYR A 19 10.25 -5.68 28.22
C TYR A 19 10.74 -4.24 28.05
N HIS A 20 11.94 -3.95 28.57
CA HIS A 20 12.71 -2.78 28.12
C HIS A 20 14.22 -3.07 28.03
N ALA A 21 14.96 -2.20 27.33
CA ALA A 21 16.36 -2.48 26.92
C ALA A 21 17.33 -1.52 27.57
N GLY A 22 17.02 -1.17 28.80
CA GLY A 22 17.51 0.05 29.41
C GLY A 22 16.81 1.28 28.85
N VAL A 23 16.87 2.34 29.64
CA VAL A 23 16.12 3.55 29.43
C VAL A 23 16.76 4.70 30.24
N THR A 24 16.77 5.89 29.62
CA THR A 24 17.24 7.13 30.20
C THR A 24 16.02 8.02 30.47
N PHE A 25 16.09 8.76 31.58
CA PHE A 25 15.08 9.75 31.92
C PHE A 25 15.68 11.01 32.52
N GLY A 26 14.95 12.11 32.42
CA GLY A 26 15.30 13.36 33.09
C GLY A 26 14.51 13.62 34.38
N LEU A 27 15.11 14.38 35.29
CA LEU A 27 14.48 14.80 36.53
C LEU A 27 14.83 16.25 36.80
N PRO A 28 13.84 17.08 37.15
CA PRO A 28 14.09 18.45 37.52
C PRO A 28 14.42 18.56 39.00
N TRP A 29 15.09 19.65 39.38
CA TRP A 29 15.44 19.89 40.81
C TRP A 29 15.24 21.34 41.12
N PRO A 30 14.75 21.68 42.33
CA PRO A 30 14.41 23.10 42.59
C PRO A 30 15.65 23.95 42.69
N GLN A 31 15.50 25.22 42.36
CA GLN A 31 16.61 26.18 42.36
C GLN A 31 17.33 26.20 43.70
N GLY A 32 18.64 25.99 43.64
CA GLY A 32 19.53 26.14 44.76
C GLY A 32 19.65 24.93 45.65
N LYS A 33 18.96 23.85 45.36
CA LYS A 33 18.90 22.76 46.35
C LYS A 33 20.15 21.86 46.28
N TYR A 34 20.67 21.62 45.09
CA TYR A 34 21.69 20.62 44.90
C TYR A 34 22.86 21.10 44.03
N ARG A 35 24.05 21.09 44.63
CA ARG A 35 25.29 21.48 43.94
C ARG A 35 25.75 20.33 43.07
N PRO A 36 26.35 20.65 41.92
CA PRO A 36 26.86 19.61 41.04
C PRO A 36 28.17 19.12 41.56
N GLN A 37 28.46 17.87 41.28
CA GLN A 37 29.61 17.20 41.90
C GLN A 37 29.43 16.89 43.38
N GLU A 38 28.43 17.47 44.07
CA GLU A 38 28.22 17.21 45.50
C GLU A 38 26.88 16.51 45.80
N THR A 39 26.37 15.72 44.87
CA THR A 39 25.02 15.18 45.00
C THR A 39 24.99 13.72 44.51
N SER A 40 24.77 12.76 45.40
CA SER A 40 24.47 11.39 44.97
C SER A 40 22.94 11.16 44.74
N PHE A 41 22.64 10.10 43.99
CA PHE A 41 21.29 9.76 43.56
C PHE A 41 21.11 8.25 43.67
N SER A 42 20.04 7.82 44.32
CA SER A 42 19.78 6.39 44.48
C SER A 42 18.43 5.95 43.92
N LEU A 43 18.36 4.69 43.51
CA LEU A 43 17.14 4.17 42.90
C LEU A 43 16.40 3.32 43.93
N THR A 44 15.09 3.51 44.02
CA THR A 44 14.18 2.59 44.71
C THR A 44 13.16 2.12 43.64
N GLY A 45 13.02 0.81 43.46
CA GLY A 45 11.97 0.25 42.61
C GLY A 45 10.98 -0.46 43.52
N ASP A 46 10.13 0.32 44.19
CA ASP A 46 9.09 -0.19 45.14
C ASP A 46 9.61 -0.93 46.44
N THR A 47 10.90 -1.29 46.52
CA THR A 47 11.40 -2.33 47.45
C THR A 47 12.30 -1.71 48.53
N LEU A 53 22.12 4.05 40.95
CA LEU A 53 21.62 4.92 39.87
C LEU A 53 22.70 5.75 39.12
N GLN A 54 22.85 5.45 37.82
CA GLN A 54 23.70 6.21 36.90
C GLN A 54 23.09 7.57 36.63
N SER A 55 23.83 8.65 36.89
CA SER A 55 23.29 10.01 36.86
C SER A 55 24.29 11.03 36.36
N TRP A 56 23.76 12.08 35.75
CA TRP A 56 24.57 13.20 35.27
C TRP A 56 23.69 14.46 35.04
N ALA A 57 24.32 15.63 34.97
CA ALA A 57 23.58 16.91 34.84
C ALA A 57 23.32 17.24 33.38
N THR A 58 22.16 17.84 33.10
CA THR A 58 21.80 18.33 31.74
C THR A 58 21.48 19.81 31.70
N GLY A 59 21.11 20.39 32.82
CA GLY A 59 20.93 21.82 32.92
C GLY A 59 21.14 22.29 34.34
N TYR A 60 21.37 23.60 34.47
CA TYR A 60 21.75 24.23 35.73
C TYR A 60 20.99 25.56 35.95
N TRP A 61 20.87 26.00 37.20
CA TRP A 61 20.24 27.30 37.49
C TRP A 61 21.27 28.40 37.33
N ALA A 62 20.84 29.67 37.37
CA ALA A 62 21.83 30.77 37.33
C ALA A 62 22.89 30.66 38.45
N ASP A 63 22.52 30.20 39.64
CA ASP A 63 23.50 30.00 40.70
C ASP A 63 24.43 28.78 40.51
N GLY A 64 24.16 27.94 39.52
CA GLY A 64 25.04 26.80 39.25
C GLY A 64 24.60 25.48 39.83
N SER A 65 23.48 25.47 40.54
CA SER A 65 22.91 24.25 41.12
C SER A 65 22.21 23.46 40.05
N LEU A 66 21.82 22.23 40.38
CA LEU A 66 21.20 21.35 39.40
C LEU A 66 19.74 21.75 39.08
N LYS A 67 19.44 21.88 37.78
CA LYS A 67 18.12 22.17 37.24
C LYS A 67 17.48 20.92 36.68
N TRP A 68 18.22 20.25 35.81
CA TRP A 68 17.78 19.01 35.22
C TRP A 68 18.95 18.03 35.22
N THR A 69 18.66 16.78 35.51
CA THR A 69 19.62 15.73 35.43
C THR A 69 19.04 14.64 34.59
N ALA A 70 19.91 13.79 34.03
CA ALA A 70 19.46 12.63 33.32
C ALA A 70 19.94 11.45 34.09
N HIS A 71 19.22 10.33 33.96
CA HIS A 71 19.52 9.06 34.66
C HIS A 71 19.34 7.88 33.75
N ALA A 72 19.98 6.77 34.07
CA ALA A 72 20.00 5.63 33.17
C ALA A 72 20.00 4.36 33.98
N ILE A 73 19.17 3.41 33.55
CA ILE A 73 19.02 2.15 34.27
C ILE A 73 19.27 1.06 33.26
N ALA A 74 19.86 -0.05 33.71
CA ALA A 74 20.26 -1.12 32.78
C ALA A 74 19.04 -1.92 32.27
N GLU A 75 19.20 -2.71 31.21
CA GLU A 75 18.15 -3.68 30.90
C GLU A 75 17.97 -4.57 32.14
N SER A 76 16.73 -4.97 32.44
CA SER A 76 16.45 -5.79 33.63
C SER A 76 15.21 -6.69 33.46
N ASN A 77 15.29 -7.96 33.84
CA ASN A 77 14.08 -8.78 33.94
C ASN A 77 13.02 -8.12 34.81
N GLN A 78 13.45 -7.51 35.93
CA GLN A 78 12.54 -6.93 36.93
C GLN A 78 12.08 -5.52 36.53
N ILE A 79 10.79 -5.41 36.23
CA ILE A 79 10.21 -4.13 35.88
C ILE A 79 9.19 -3.70 36.93
N TYR A 80 9.30 -2.46 37.40
CA TYR A 80 8.44 -1.90 38.44
C TYR A 80 7.36 -0.97 37.88
N ASP A 81 6.34 -0.66 38.67
CA ASP A 81 5.28 0.30 38.27
C ASP A 81 5.75 1.73 38.31
N GLN A 82 6.76 1.97 39.15
CA GLN A 82 7.32 3.29 39.35
C GLN A 82 8.71 3.19 39.94
N TYR A 83 9.52 4.20 39.68
CA TYR A 83 10.92 4.19 40.06
C TYR A 83 11.10 5.49 40.79
N THR A 84 11.68 5.44 41.98
CA THR A 84 11.82 6.60 42.84
C THR A 84 13.29 6.90 43.03
N VAL A 85 13.70 8.07 42.58
CA VAL A 85 15.08 8.53 42.79
C VAL A 85 15.15 9.35 44.05
N THR A 86 16.16 9.13 44.88
CA THR A 86 16.43 10.01 46.03
C THR A 86 17.77 10.72 45.81
N ALA A 87 17.77 12.02 45.96
CA ALA A 87 18.95 12.85 45.86
C ALA A 87 19.44 13.07 47.27
N SER A 88 20.77 13.01 47.46
CA SER A 88 21.40 13.31 48.76
C SER A 88 22.57 14.23 48.56
N SER A 89 22.64 15.29 49.36
CA SER A 89 23.84 16.15 49.37
C SER A 89 24.98 15.34 49.90
N LEU A 90 26.19 15.84 49.74
CA LEU A 90 27.37 15.08 50.11
C LEU A 90 27.57 15.09 51.61
N GLY A 91 27.25 16.21 52.26
CA GLY A 91 27.25 16.29 53.74
C GLY A 91 26.27 15.37 54.46
N CYS A 92 25.57 14.59 53.68
CA CYS A 92 24.62 13.67 54.19
C CYS A 92 25.31 12.36 54.59
N VAL A 93 26.44 12.05 53.95
CA VAL A 93 27.23 10.82 54.19
C VAL A 93 28.60 11.12 54.82
N LYS A 94 29.01 12.41 54.80
CA LYS A 94 30.18 12.92 55.51
C LYS A 94 29.83 13.45 56.93
N SER A 95 28.61 13.22 57.41
CA SER A 95 28.32 13.20 58.88
C SER A 95 27.63 11.92 59.35
N SER A 96 27.52 10.93 58.45
CA SER A 96 27.02 9.60 58.76
C SER A 96 28.07 8.92 59.62
N SER A 97 27.64 8.10 60.58
CA SER A 97 28.50 7.06 61.17
C SER A 97 27.74 5.71 61.14
N SER A 98 27.45 5.27 59.90
CA SER A 98 26.89 3.94 59.57
C SER A 98 27.82 3.22 58.57
N SER A 99 27.57 1.95 58.30
CA SER A 99 28.36 1.20 57.34
C SER A 99 27.47 0.56 56.28
N SER A 100 27.40 1.19 55.10
CA SER A 100 26.83 0.58 53.90
C SER A 100 27.71 -0.55 53.42
N GLU A 101 27.12 -1.63 52.86
CA GLU A 101 27.88 -2.53 52.02
C GLU A 101 28.07 -1.80 50.68
N SER A 102 29.27 -1.85 50.12
CA SER A 102 29.51 -1.48 48.72
C SER A 102 29.32 -2.78 47.93
N SER A 103 28.27 -2.85 47.10
CA SER A 103 27.95 -4.03 46.26
C SER A 103 28.37 -3.79 44.79
N ALA A 104 28.72 -4.88 44.08
CA ALA A 104 28.92 -4.86 42.60
C ALA A 104 27.59 -4.95 41.83
N PRO A 105 27.39 -4.14 40.76
CA PRO A 105 26.28 -4.41 39.83
C PRO A 105 26.35 -5.80 39.18
N ASN A 106 25.20 -6.46 39.02
CA ASN A 106 25.13 -7.83 38.46
C ASN A 106 25.67 -7.85 37.03
N SER A 107 25.50 -6.73 36.32
CA SER A 107 26.13 -6.49 35.00
C SER A 107 26.66 -5.02 34.93
N SER A 108 27.66 -4.79 34.09
CA SER A 108 28.23 -3.44 33.93
C SER A 108 29.11 -3.29 32.69
N ILE A 109 28.94 -2.22 31.94
CA ILE A 109 29.61 -2.05 30.64
C ILE A 109 31.12 -1.86 30.82
N VAL A 110 31.88 -2.47 29.89
CA VAL A 110 33.33 -2.25 29.74
C VAL A 110 33.67 -1.88 28.28
N VAL A 111 34.63 -0.96 28.09
CA VAL A 111 35.12 -0.63 26.76
C VAL A 111 36.65 -0.67 26.62
N THR A 112 37.09 -1.26 25.52
CA THR A 112 38.49 -1.35 25.17
C THR A 112 38.75 -0.33 24.04
N ASP A 113 39.93 0.29 24.05
CA ASP A 113 40.34 1.28 23.05
C ASP A 113 41.65 0.85 22.35
N ASN A 114 41.76 1.19 21.06
CA ASN A 114 42.80 0.70 20.14
CA ASN A 114 42.84 0.74 20.17
C ASN A 114 42.95 1.76 19.01
N SER A 115 44.11 1.83 18.35
CA SER A 115 44.28 2.76 17.21
C SER A 115 43.26 2.42 16.10
N ASP A 116 42.99 1.12 15.89
CA ASP A 116 42.07 0.60 14.84
C ASP A 116 40.56 0.63 15.16
N ALA A 117 40.15 0.59 16.43
CA ALA A 117 38.75 0.28 16.77
C ALA A 117 38.38 0.57 18.22
N LEU A 118 37.08 0.52 18.50
CA LEU A 118 36.51 0.84 19.83
C LEU A 118 35.45 -0.19 20.13
N THR A 119 35.58 -0.87 21.25
CA THR A 119 34.73 -2.03 21.52
C THR A 119 33.98 -1.88 22.83
N VAL A 120 32.66 -2.09 22.76
CA VAL A 120 31.75 -1.87 23.85
C VAL A 120 31.11 -3.21 24.17
N ASN A 121 31.25 -3.64 25.41
CA ASN A 121 30.76 -4.91 25.87
C ASN A 121 29.75 -4.68 27.00
N THR A 122 28.49 -5.05 26.75
CA THR A 122 27.41 -4.86 27.70
C THR A 122 27.29 -6.03 28.65
N GLY A 123 27.92 -7.16 28.34
CA GLY A 123 27.70 -8.40 29.09
C GLY A 123 26.75 -9.34 28.37
N GLU A 124 25.93 -8.82 27.46
CA GLU A 124 25.15 -9.65 26.52
C GLU A 124 25.68 -9.61 25.10
N VAL A 125 26.22 -8.47 24.67
CA VAL A 125 26.87 -8.38 23.36
C VAL A 125 28.14 -7.58 23.47
N ALA A 126 28.98 -7.71 22.44
CA ALA A 126 30.14 -6.85 22.31
C ALA A 126 30.17 -6.39 20.88
N VAL A 127 30.21 -5.07 20.69
CA VAL A 127 30.20 -4.53 19.35
C VAL A 127 31.42 -3.63 19.16
N SER A 128 31.99 -3.67 17.97
CA SER A 128 33.22 -2.93 17.61
C SER A 128 32.88 -1.84 16.60
N PHE A 129 33.47 -0.66 16.80
CA PHE A 129 33.24 0.51 15.97
C PHE A 129 34.57 0.94 15.37
N PRO A 130 34.89 0.49 14.15
CA PRO A 130 36.00 1.03 13.42
C PRO A 130 36.10 2.53 13.54
N LYS A 131 37.31 3.01 13.79
CA LYS A 131 37.62 4.45 13.81
C LYS A 131 37.84 5.07 12.42
N GLY A 132 37.93 4.26 11.37
CA GLY A 132 37.92 4.77 10.00
C GLY A 132 37.30 3.79 9.03
N GLY A 133 37.16 4.23 7.78
CA GLY A 133 36.82 3.34 6.67
C GLY A 133 35.38 3.35 6.29
N ASN A 134 34.91 2.29 5.65
CA ASN A 134 33.58 2.25 5.06
C ASN A 134 32.72 1.15 5.72
N VAL A 135 32.95 0.98 7.02
CA VAL A 135 32.22 0.03 7.87
C VAL A 135 32.02 0.66 9.28
N ILE A 136 30.76 0.85 9.70
CA ILE A 136 30.41 1.49 10.97
C ILE A 136 30.59 0.56 12.16
N ILE A 137 29.98 -0.62 12.07
CA ILE A 137 30.11 -1.67 13.06
C ILE A 137 30.92 -2.79 12.43
N GLY A 138 32.05 -3.11 13.05
CA GLY A 138 32.97 -4.14 12.58
C GLY A 138 32.35 -5.51 12.73
N ASP A 139 32.09 -5.92 13.97
CA ASP A 139 31.23 -7.07 14.18
C ASP A 139 30.51 -7.04 15.51
N ILE A 140 29.55 -7.96 15.66
CA ILE A 140 28.69 -8.05 16.81
C ILE A 140 28.76 -9.47 17.38
N LYS A 141 29.23 -9.61 18.63
CA LYS A 141 29.37 -10.91 19.29
C LYS A 141 28.34 -11.11 20.40
N THR A 142 27.84 -12.34 20.54
CA THR A 142 27.06 -12.71 21.72
C THR A 142 28.04 -12.90 22.87
N LYS A 143 27.52 -13.21 24.06
CA LYS A 143 28.39 -13.53 25.18
C LYS A 143 29.20 -14.81 24.91
N SER A 144 28.63 -15.78 24.18
CA SER A 144 29.37 -16.97 23.68
C SER A 144 30.75 -16.63 23.12
N GLY A 145 30.86 -15.48 22.47
CA GLY A 145 32.07 -15.03 21.79
C GLY A 145 31.83 -15.06 20.29
N LYS A 146 30.80 -15.80 19.87
CA LYS A 146 30.52 -16.02 18.46
C LYS A 146 30.01 -14.76 17.79
N VAL A 147 30.38 -14.59 16.53
CA VAL A 147 29.94 -13.47 15.74
C VAL A 147 28.55 -13.80 15.20
N ILE A 148 27.62 -12.86 15.39
CA ILE A 148 26.28 -13.03 14.83
C ILE A 148 25.95 -12.05 13.74
N GLY A 149 26.74 -10.98 13.59
CA GLY A 149 26.58 -10.11 12.44
C GLY A 149 27.79 -9.23 12.33
N ALA A 150 28.00 -8.60 11.18
CA ALA A 150 29.27 -7.93 10.91
C ALA A 150 29.25 -6.98 9.71
N ASN A 151 30.13 -5.98 9.75
CA ASN A 151 30.23 -4.96 8.70
C ASN A 151 28.92 -4.25 8.43
N GLY A 152 28.26 -3.89 9.52
CA GLY A 152 27.30 -2.80 9.52
C GLY A 152 27.88 -1.62 8.76
N ARG A 153 27.20 -1.23 7.69
CA ARG A 153 27.60 -0.11 6.85
C ARG A 153 26.37 0.68 6.42
N LEU A 154 26.55 1.98 6.19
CA LEU A 154 25.46 2.81 5.64
C LEU A 154 25.54 2.76 4.15
N VAL A 155 24.41 2.48 3.52
CA VAL A 155 24.31 2.49 2.05
C VAL A 155 23.42 3.63 1.56
N LEU A 156 23.95 4.36 0.58
CA LEU A 156 23.21 5.35 -0.14
C LEU A 156 23.29 5.01 -1.63
N GLN A 157 22.21 5.28 -2.34
CA GLN A 157 22.15 5.24 -3.79
C GLN A 157 21.42 6.48 -4.31
N SER A 158 21.91 7.02 -5.41
CA SER A 158 21.33 8.23 -6.00
C SER A 158 21.23 8.06 -7.52
N GLN A 159 20.78 9.10 -8.19
CA GLN A 159 20.74 9.13 -9.64
C GLN A 159 20.77 10.60 -10.10
N ASP A 160 21.34 10.86 -11.27
CA ASP A 160 21.73 12.22 -11.68
C ASP A 160 20.62 13.00 -12.43
N SER A 161 19.49 12.35 -12.68
CA SER A 161 18.40 12.95 -13.42
C SER A 161 17.12 12.15 -13.25
N VAL A 162 16.02 12.78 -13.66
CA VAL A 162 14.73 12.12 -13.57
C VAL A 162 14.03 12.27 -14.94
N PRO A 163 13.41 11.20 -15.44
CA PRO A 163 12.72 11.36 -16.71
C PRO A 163 11.40 12.11 -16.52
N ASP A 164 11.01 12.88 -17.54
CA ASP A 164 9.83 13.75 -17.47
C ASP A 164 8.57 12.95 -17.13
N ASN A 165 8.47 11.74 -17.67
CA ASN A 165 7.35 10.83 -17.36
C ASN A 165 7.75 9.41 -17.76
N PHE A 166 6.87 8.44 -17.59
CA PHE A 166 7.23 7.04 -17.83
C PHE A 166 7.67 6.78 -19.26
N ASP A 167 6.97 7.40 -20.21
CA ASP A 167 7.32 7.28 -21.63
C ASP A 167 8.67 7.85 -21.99
N ASN A 168 9.07 8.93 -21.34
CA ASN A 168 10.34 9.58 -21.60
C ASN A 168 11.58 8.71 -21.25
N ARG A 169 11.39 7.59 -20.54
CA ARG A 169 12.52 6.71 -20.16
C ARG A 169 13.43 6.25 -21.30
N ALA A 170 12.81 5.95 -22.44
CA ALA A 170 13.50 5.44 -23.63
C ALA A 170 14.42 6.46 -24.29
N ASN A 171 14.14 7.75 -24.06
CA ASN A 171 14.89 8.87 -24.63
C ASN A 171 15.57 9.78 -23.53
N SER A 172 15.74 9.28 -22.29
CA SER A 172 16.36 10.03 -21.15
C SER A 172 17.22 9.12 -20.24
N PRO A 173 18.55 9.16 -20.39
CA PRO A 173 19.39 8.24 -19.62
C PRO A 173 19.58 8.66 -18.14
N ILE A 174 19.33 7.71 -17.23
CA ILE A 174 19.59 7.89 -15.78
C ILE A 174 20.95 7.25 -15.42
N GLN A 175 21.93 8.06 -14.96
CA GLN A 175 23.19 7.54 -14.37
C GLN A 175 23.12 7.28 -12.81
N TYR A 176 22.93 6.00 -12.47
CA TYR A 176 22.90 5.47 -11.09
C TYR A 176 24.27 5.45 -10.43
N SER A 177 24.31 5.77 -9.13
CA SER A 177 25.58 5.85 -8.37
C SER A 177 25.41 5.37 -6.95
N ASN A 178 26.28 4.45 -6.51
CA ASN A 178 26.23 3.91 -5.13
C ASN A 178 27.28 4.54 -4.22
N PHE A 179 27.03 4.44 -2.91
CA PHE A 179 27.84 5.10 -1.88
C PHE A 179 27.89 4.28 -0.60
N ASP A 180 28.93 4.55 0.20
CA ASP A 180 29.18 3.86 1.46
C ASP A 180 29.37 4.91 2.55
N GLY A 181 28.95 4.58 3.76
CA GLY A 181 29.26 5.44 4.89
C GLY A 181 30.73 5.47 5.27
N ASN A 182 31.42 6.57 4.95
CA ASN A 182 32.81 6.80 5.38
C ASN A 182 32.94 7.45 6.76
N ILE A 183 33.39 6.66 7.73
CA ILE A 183 33.66 7.15 9.07
C ILE A 183 34.83 8.15 9.15
N ASN A 184 34.59 9.26 9.81
CA ASN A 184 35.62 10.23 10.09
C ASN A 184 35.92 10.35 11.55
N GLU A 185 34.91 10.36 12.40
CA GLU A 185 35.11 10.57 13.82
C GLU A 185 34.31 9.56 14.60
N VAL A 186 34.88 9.10 15.71
CA VAL A 186 34.17 8.28 16.66
C VAL A 186 34.38 8.89 18.05
N PHE A 187 33.27 9.10 18.76
CA PHE A 187 33.28 9.64 20.13
C PHE A 187 32.66 8.62 21.08
N VAL A 188 32.88 8.80 22.38
CA VAL A 188 32.32 7.90 23.40
C VAL A 188 31.87 8.66 24.65
N ASN A 189 30.74 8.20 25.20
CA ASN A 189 30.33 8.46 26.57
C ASN A 189 30.23 7.12 27.25
N GLN A 190 31.22 6.81 28.05
CA GLN A 190 31.23 5.60 28.80
C GLN A 190 30.45 5.87 30.07
N THR A 191 29.49 5.00 30.40
CA THR A 191 29.10 4.78 31.81
C THR A 191 28.79 3.29 31.99
N SER A 192 28.78 2.86 33.24
CA SER A 192 28.52 1.45 33.58
C SER A 192 27.15 1.02 33.10
N ALA A 193 26.17 1.94 33.19
CA ALA A 193 24.77 1.60 32.91
C ALA A 193 24.44 1.75 31.44
N ARG A 194 24.96 2.81 30.80
CA ARG A 194 24.87 2.89 29.37
C ARG A 194 25.98 3.69 28.73
N THR A 195 26.28 3.32 27.49
CA THR A 195 27.37 3.90 26.77
C THR A 195 26.82 4.36 25.43
N LEU A 196 27.26 5.55 25.03
CA LEU A 196 26.82 6.20 23.80
C LEU A 196 28.01 6.35 22.87
N VAL A 197 27.98 5.67 21.72
CA VAL A 197 29.01 5.85 20.70
C VAL A 197 28.44 6.73 19.59
N THR A 198 28.98 7.92 19.44
CA THR A 198 28.60 8.87 18.37
C THR A 198 29.60 8.83 17.20
N VAL A 199 29.11 8.56 16.01
CA VAL A 199 29.99 8.36 14.86
C VAL A 199 29.57 9.32 13.75
N ARG A 200 30.34 10.38 13.55
CA ARG A 200 30.13 11.33 12.44
C ARG A 200 30.82 10.89 11.13
N GLY A 201 30.25 11.23 9.99
CA GLY A 201 30.79 10.82 8.69
C GLY A 201 30.29 11.54 7.45
N ASN A 202 30.26 10.81 6.35
CA ASN A 202 30.09 11.33 5.00
C ASN A 202 29.76 10.12 4.19
N HIS A 203 28.90 10.25 3.19
CA HIS A 203 28.72 9.17 2.18
C HIS A 203 29.69 9.41 1.00
N THR A 204 30.30 8.32 0.53
CA THR A 204 31.39 8.31 -0.50
C THR A 204 31.13 7.22 -1.50
N VAL A 205 31.55 7.45 -2.75
CA VAL A 205 31.27 6.56 -3.90
C VAL A 205 31.87 5.15 -3.75
N THR A 206 31.14 4.14 -4.22
CA THR A 206 31.64 2.75 -4.31
C THR A 206 31.60 2.24 -5.77
N ASP A 207 30.38 2.19 -6.32
CA ASP A 207 30.10 1.78 -7.69
C ASP A 207 29.48 3.00 -8.39
N GLY A 208 29.16 2.90 -9.69
CA GLY A 208 28.63 4.05 -10.47
C GLY A 208 29.48 5.32 -10.48
N THR A 209 28.94 6.42 -11.01
CA THR A 209 29.78 7.59 -11.41
C THR A 209 30.46 8.36 -10.22
N ASP A 210 31.75 8.69 -10.37
CA ASP A 210 32.50 9.55 -9.44
C ASP A 210 31.80 10.92 -9.18
N HIS A 211 31.61 11.21 -7.89
CA HIS A 211 30.68 12.20 -7.33
C HIS A 211 31.35 12.58 -6.02
N ASP A 212 31.55 13.87 -5.77
CA ASP A 212 32.09 14.35 -4.46
C ASP A 212 31.46 13.63 -3.25
N PRO A 213 32.21 13.48 -2.14
CA PRO A 213 31.56 12.84 -1.00
C PRO A 213 30.48 13.78 -0.45
N TRP A 214 29.34 13.23 -0.01
CA TRP A 214 28.19 14.06 0.43
C TRP A 214 27.23 13.35 1.41
N LEU A 215 26.16 14.08 1.80
CA LEU A 215 25.10 13.60 2.69
C LEU A 215 25.72 13.23 4.04
N PRO A 216 26.15 14.26 4.79
CA PRO A 216 26.84 14.03 6.06
C PRO A 216 25.96 13.31 7.01
N PHE A 217 26.55 12.48 7.86
CA PHE A 217 25.77 11.77 8.82
C PHE A 217 26.30 11.91 10.22
N VAL A 218 25.44 11.50 11.16
CA VAL A 218 25.87 11.16 12.49
C VAL A 218 24.91 10.12 13.01
N VAL A 219 25.47 8.99 13.42
CA VAL A 219 24.70 7.85 13.88
C VAL A 219 25.08 7.68 15.34
N ARG A 220 24.09 7.56 16.24
CA ARG A 220 24.34 7.40 17.68
C ARG A 220 23.91 6.03 18.14
N PHE A 221 24.80 5.34 18.86
CA PHE A 221 24.55 3.99 19.26
C PHE A 221 24.47 4.01 20.77
N TYR A 222 23.33 3.54 21.28
CA TYR A 222 23.12 3.53 22.72
C TYR A 222 23.20 2.08 23.11
N LEU A 223 24.11 1.74 24.00
CA LEU A 223 24.15 0.37 24.52
C LEU A 223 24.01 0.45 26.02
N TYR A 224 23.14 -0.40 26.55
CA TYR A 224 22.88 -0.46 27.98
C TYR A 224 23.42 -1.76 28.55
N ALA A 225 23.86 -1.70 29.80
CA ALA A 225 24.29 -2.89 30.51
C ALA A 225 23.22 -3.97 30.43
N ASN A 226 23.65 -5.20 30.24
CA ASN A 226 22.79 -6.38 30.21
C ASN A 226 21.80 -6.43 29.03
N SER A 227 22.10 -5.72 27.94
CA SER A 227 21.17 -5.61 26.80
C SER A 227 21.83 -6.10 25.53
N ALA A 228 21.10 -6.96 24.80
CA ALA A 228 21.47 -7.33 23.44
C ALA A 228 20.77 -6.46 22.42
N THR A 229 20.23 -5.32 22.86
CA THR A 229 19.49 -4.37 22.02
C THR A 229 20.26 -3.08 21.93
N ILE A 230 20.54 -2.63 20.71
CA ILE A 230 21.22 -1.36 20.45
C ILE A 230 20.23 -0.39 19.81
N LYS A 231 20.12 0.81 20.35
CA LYS A 231 19.25 1.83 19.78
C LYS A 231 20.12 2.74 18.96
N VAL A 232 19.65 3.04 17.75
CA VAL A 232 20.43 3.71 16.70
C VAL A 232 19.69 4.95 16.16
N HIS A 234 20.07 7.56 13.64
CA HIS A 234 20.64 7.89 12.35
C HIS A 234 20.16 9.27 11.94
N SER A 235 21.08 10.20 11.69
CA SER A 235 20.73 11.57 11.31
C SER A 235 21.57 12.00 10.11
N ILE A 236 20.93 12.39 9.01
CA ILE A 236 21.61 12.87 7.80
C ILE A 236 21.21 14.30 7.49
N VAL A 237 22.17 15.11 7.07
CA VAL A 237 21.89 16.45 6.54
C VAL A 237 21.94 16.38 5.02
N PHE A 238 21.00 17.01 4.31
CA PHE A 238 20.97 16.95 2.84
C PHE A 238 21.87 18.04 2.16
N ASP A 239 22.83 17.55 1.38
CA ASP A 239 23.91 18.34 0.73
C ASP A 239 23.67 18.71 -0.72
N GLY A 240 22.92 17.87 -1.43
CA GLY A 240 22.85 17.87 -2.86
C GLY A 240 22.30 19.10 -3.51
N ASP A 241 21.99 18.95 -4.81
CA ASP A 241 21.55 20.05 -5.69
C ASP A 241 20.52 19.50 -6.70
N GLU A 242 19.97 20.35 -7.58
CA GLU A 242 19.05 19.95 -8.68
C GLU A 242 19.24 18.53 -9.28
N ASN A 243 20.46 17.98 -9.20
CA ASN A 243 20.84 16.70 -9.83
C ASN A 243 21.02 15.51 -8.94
N ASP A 244 21.03 15.70 -7.63
CA ASP A 244 21.22 14.57 -6.72
C ASP A 244 19.86 14.11 -6.24
N PHE A 245 19.29 13.15 -6.96
CA PHE A 245 18.02 12.53 -6.57
C PHE A 245 18.29 11.28 -5.74
N ILE A 246 17.94 11.28 -4.45
CA ILE A 246 18.13 10.07 -3.63
C ILE A 246 17.19 8.95 -4.10
N THR A 247 17.71 7.73 -4.19
CA THR A 247 16.92 6.59 -4.59
C THR A 247 16.92 5.39 -3.61
N GLY A 248 17.83 5.43 -2.64
CA GLY A 248 18.03 4.33 -1.71
C GLY A 248 18.83 4.86 -0.55
N LEU A 249 18.39 4.53 0.66
CA LEU A 249 19.09 4.94 1.88
C LEU A 249 18.83 3.89 2.93
N GLY A 250 19.89 3.40 3.58
CA GLY A 250 19.77 2.21 4.38
C GLY A 250 20.96 1.85 5.23
N ILE A 251 20.78 0.78 6.01
CA ILE A 251 21.78 0.26 6.92
C ILE A 251 21.79 -1.23 6.61
N ARG A 252 23.01 -1.79 6.54
CA ARG A 252 23.22 -3.19 6.10
C ARG A 252 24.26 -3.92 6.96
N PHE A 253 23.97 -5.18 7.22
CA PHE A 253 24.83 -6.06 7.97
C PHE A 253 25.05 -7.36 7.20
N ASP A 254 26.27 -7.88 7.28
CA ASP A 254 26.53 -9.29 6.97
C ASP A 254 26.12 -10.14 8.18
N VAL A 255 25.41 -11.23 7.94
CA VAL A 255 25.07 -12.22 8.96
C VAL A 255 25.76 -13.50 8.50
N PRO A 256 26.74 -13.99 9.27
CA PRO A 256 27.45 -15.17 8.78
C PRO A 256 26.69 -16.46 9.08
N LEU A 257 26.21 -17.16 8.05
CA LEU A 257 25.44 -18.41 8.18
C LEU A 257 26.23 -19.74 7.90
N LYS A 258 27.48 -19.67 7.39
CA LYS A 258 28.21 -20.90 7.07
C LYS A 258 28.29 -21.81 8.28
N GLY A 259 28.01 -23.10 8.07
CA GLY A 259 27.97 -24.10 9.13
C GLY A 259 26.56 -24.48 9.45
N GLU A 260 25.59 -23.65 9.02
CA GLU A 260 24.19 -23.92 9.29
C GLU A 260 23.59 -24.64 8.15
N GLU A 261 22.96 -25.78 8.41
CA GLU A 261 22.13 -26.40 7.39
C GLU A 261 21.10 -25.35 6.91
N TYR A 262 20.79 -25.36 5.62
CA TYR A 262 19.77 -24.49 5.04
C TYR A 262 18.46 -24.60 5.83
N TYR A 263 17.99 -25.83 6.07
CA TYR A 263 16.79 -26.09 6.90
C TYR A 263 16.82 -25.60 8.36
N ASP A 264 18.00 -25.17 8.80
CA ASP A 264 18.19 -24.56 10.10
C ASP A 264 18.45 -23.05 10.00
N ARG A 265 18.28 -22.44 8.82
CA ARG A 265 18.46 -20.98 8.65
C ARG A 265 17.09 -20.34 8.62
N HIS A 266 16.94 -19.22 9.30
CA HIS A 266 15.62 -18.68 9.60
C HIS A 266 15.46 -17.26 9.16
N ILE A 267 14.28 -17.00 8.61
CA ILE A 267 13.88 -15.69 8.10
C ILE A 267 12.62 -15.35 8.83
N ARG A 268 12.59 -14.17 9.43
CA ARG A 268 11.34 -13.62 9.99
C ARG A 268 11.15 -12.18 9.57
N PHE A 269 9.95 -11.86 9.08
CA PHE A 269 9.52 -10.45 8.95
C PHE A 269 8.33 -10.18 9.89
N ALA A 270 8.35 -9.03 10.58
CA ALA A 270 7.15 -8.53 11.27
C ALA A 270 6.06 -8.13 10.28
N GLY A 271 4.83 -8.50 10.59
CA GLY A 271 3.64 -8.21 9.79
C GLY A 271 2.74 -7.14 10.41
N VAL A 272 1.43 -7.38 10.34
CA VAL A 272 0.43 -6.50 10.92
C VAL A 272 0.02 -6.94 12.31
N ASP A 273 -0.06 -5.94 13.22
CA ASP A 273 -0.57 -6.08 14.61
C ASP A 273 0.02 -7.24 15.39
N GLY A 274 1.34 -7.24 15.57
CA GLY A 274 2.01 -8.36 16.24
C GLY A 274 1.97 -9.71 15.50
N GLY A 275 1.90 -9.65 14.18
CA GLY A 275 2.11 -10.82 13.32
C GLY A 275 3.59 -10.98 13.07
N ILE A 276 3.99 -12.21 12.73
CA ILE A 276 5.35 -12.51 12.29
C ILE A 276 5.25 -13.51 11.15
N PHE A 277 6.08 -13.31 10.14
CA PHE A 277 6.23 -14.25 9.01
C PHE A 277 7.38 -15.22 9.29
N ASN A 278 7.09 -16.52 9.30
CA ASN A 278 8.06 -17.57 9.72
C ASN A 278 8.49 -18.57 8.62
N GLU A 279 9.74 -18.43 8.15
CA GLU A 279 10.26 -19.36 7.17
C GLU A 279 11.73 -19.69 7.33
N ALA A 280 12.11 -20.78 6.67
CA ALA A 280 13.51 -21.22 6.57
C ALA A 280 14.02 -21.20 5.14
N VAL A 281 15.31 -20.98 4.98
CA VAL A 281 15.96 -20.91 3.68
C VAL A 281 15.69 -22.17 2.83
N GLN A 282 15.60 -23.33 3.46
CA GLN A 282 15.10 -24.54 2.82
C GLN A 282 13.94 -25.13 3.62
N GLY A 283 12.73 -24.98 3.09
CA GLY A 283 11.54 -25.38 3.78
C GLY A 283 11.28 -26.88 3.81
N ILE A 284 11.05 -27.36 5.01
CA ILE A 284 10.75 -28.75 5.27
C ILE A 284 9.25 -29.03 5.45
N THR A 285 8.45 -27.97 5.45
CA THR A 285 7.04 -27.97 5.81
C THR A 285 6.23 -27.91 4.54
N GLY A 286 5.09 -28.59 4.55
CA GLY A 286 4.23 -28.70 3.36
C GLY A 286 4.83 -29.31 2.09
N LEU A 287 5.78 -30.24 2.23
CA LEU A 287 6.26 -31.05 1.08
C LEU A 287 5.29 -32.19 0.79
N ARG A 288 5.53 -32.92 -0.30
CA ARG A 288 4.69 -34.09 -0.63
C ARG A 288 4.83 -35.20 0.42
N ARG A 289 6.00 -35.28 1.04
CA ARG A 289 6.26 -36.23 2.12
C ARG A 289 6.53 -35.49 3.39
N ASP A 290 6.44 -36.23 4.47
CA ASP A 290 6.54 -35.70 5.82
C ASP A 290 7.77 -36.26 6.54
N PRO A 291 8.70 -35.40 6.99
CA PRO A 291 9.84 -35.94 7.73
C PRO A 291 9.47 -36.38 9.13
N GLY A 292 8.40 -35.84 9.68
CA GLY A 292 7.97 -36.18 11.02
C GLY A 292 7.38 -34.97 11.67
N GLU A 293 6.23 -35.17 12.30
CA GLU A 293 5.54 -34.12 13.06
C GLU A 293 6.47 -33.12 13.80
N GLU A 294 7.45 -33.63 14.51
CA GLU A 294 8.29 -32.88 15.45
C GLU A 294 9.42 -32.16 14.72
N ILE A 295 9.89 -32.73 13.62
CA ILE A 295 10.89 -32.08 12.77
C ILE A 295 10.25 -30.81 12.16
N ARG A 296 8.99 -30.93 11.73
CA ARG A 296 8.27 -29.81 11.15
C ARG A 296 7.99 -28.70 12.16
N ALA A 297 7.34 -29.07 13.26
CA ALA A 297 7.09 -28.17 14.40
C ALA A 297 8.34 -27.43 14.82
N ALA A 298 9.46 -28.15 14.80
CA ALA A 298 10.72 -27.59 15.24
C ALA A 298 11.25 -26.50 14.31
N GLN A 299 11.21 -26.74 13.00
CA GLN A 299 11.62 -25.72 12.01
C GLN A 299 10.74 -24.47 12.08
N PHE A 300 9.42 -24.66 12.17
CA PHE A 300 8.52 -23.53 12.36
C PHE A 300 8.90 -22.70 13.59
N ALA A 301 9.32 -23.39 14.65
CA ALA A 301 9.74 -22.77 15.88
C ALA A 301 11.14 -22.20 15.89
N GLY A 302 11.93 -22.44 14.83
CA GLY A 302 13.29 -21.88 14.72
C GLY A 302 14.35 -22.63 15.51
N GLN A 303 14.08 -23.90 15.80
CA GLN A 303 15.01 -24.76 16.50
C GLN A 303 15.75 -25.63 15.50
N LYS A 304 16.94 -26.09 15.93
CA LYS A 304 17.77 -27.03 15.17
C LYS A 304 17.09 -28.37 14.91
N LEU A 305 17.09 -28.78 13.65
CA LEU A 305 16.42 -30.02 13.26
C LEU A 305 17.30 -31.21 13.59
N ALA A 306 16.64 -32.26 14.08
CA ALA A 306 17.23 -33.55 14.37
C ALA A 306 18.13 -34.03 13.21
N ASP A 307 19.15 -34.84 13.52
CA ASP A 307 20.04 -35.37 12.46
C ASP A 307 19.21 -36.08 11.37
N THR A 308 19.60 -35.80 10.12
CA THR A 308 19.06 -36.38 8.90
C THR A 308 18.55 -37.86 9.07
N GLU A 309 19.33 -38.68 9.78
CA GLU A 309 19.09 -40.13 9.99
C GLU A 309 17.73 -40.52 10.64
N THR A 310 17.14 -39.59 11.42
CA THR A 310 15.91 -39.88 12.18
C THR A 310 14.57 -39.60 11.46
N TRP A 311 14.64 -39.04 10.24
CA TRP A 311 13.45 -38.59 9.50
C TRP A 311 12.72 -39.81 8.83
N GLU A 312 11.79 -39.58 7.88
CA GLU A 312 11.47 -40.62 6.88
C GLU A 312 12.44 -40.40 5.71
N PRO A 313 13.05 -41.47 5.16
CA PRO A 313 14.16 -41.29 4.21
C PRO A 313 13.70 -40.80 2.83
N ARG A 314 12.42 -40.99 2.59
CA ARG A 314 11.69 -40.36 1.51
C ARG A 314 11.99 -38.86 1.32
N VAL A 315 12.37 -38.15 2.39
CA VAL A 315 12.63 -36.71 2.39
C VAL A 315 14.12 -36.37 2.38
N SER A 316 14.86 -36.99 3.29
CA SER A 316 16.33 -36.75 3.48
C SER A 316 17.17 -36.98 2.22
N THR A 317 16.78 -38.00 1.45
CA THR A 317 17.43 -38.34 0.19
C THR A 317 17.16 -37.32 -0.92
N ARG A 318 16.07 -36.55 -0.82
CA ARG A 318 15.64 -35.60 -1.86
C ARG A 318 15.68 -34.10 -1.45
N LEU A 319 16.47 -33.75 -0.44
CA LEU A 319 16.68 -32.33 -0.14
C LEU A 319 17.40 -31.58 -1.27
N LYS A 320 18.10 -32.29 -2.17
CA LYS A 320 18.73 -31.65 -3.35
C LYS A 320 17.68 -31.01 -4.27
N TRP A 321 16.46 -31.56 -4.22
CA TRP A 321 15.33 -31.11 -5.05
C TRP A 321 14.36 -30.09 -4.42
N ILE A 322 14.45 -29.88 -3.12
CA ILE A 322 13.67 -28.82 -2.47
C ILE A 322 14.40 -27.52 -2.75
N PRO A 323 13.70 -26.51 -3.35
CA PRO A 323 14.34 -25.21 -3.64
C PRO A 323 14.95 -24.56 -2.41
N THR A 324 15.77 -23.57 -2.64
CA THR A 324 16.54 -22.95 -1.60
C THR A 324 16.49 -21.42 -1.83
N TRP A 325 15.85 -20.72 -0.87
CA TRP A 325 15.43 -19.32 -1.04
C TRP A 325 16.50 -18.37 -0.52
N ALA A 326 17.19 -17.69 -1.43
CA ALA A 326 18.32 -16.83 -1.05
C ALA A 326 17.89 -15.42 -0.63
N ASP A 327 16.98 -14.81 -1.40
CA ASP A 327 16.55 -13.43 -1.13
C ASP A 327 15.07 -13.31 -0.75
N TYR A 328 14.80 -12.40 0.19
CA TYR A 328 13.46 -11.98 0.55
C TYR A 328 13.41 -10.46 0.46
N GLY A 329 12.31 -9.93 -0.05
CA GLY A 329 12.06 -8.47 -0.08
C GLY A 329 10.69 -8.09 0.47
N LEU A 330 10.64 -7.15 1.40
CA LEU A 330 9.40 -6.49 1.86
C LEU A 330 9.42 -5.02 1.48
N THR A 331 8.49 -4.57 0.63
CA THR A 331 8.41 -3.11 0.29
C THR A 331 7.09 -2.46 0.75
N GLN A 332 7.23 -1.37 1.51
CA GLN A 332 6.12 -0.57 2.03
C GLN A 332 6.20 0.79 1.35
N LEU A 333 5.51 0.89 0.22
CA LEU A 333 5.66 2.04 -0.68
C LEU A 333 4.54 3.07 -0.58
N THR A 334 3.38 2.65 -0.08
CA THR A 334 2.34 3.53 0.42
C THR A 334 2.20 3.31 1.93
N ALA A 335 1.51 4.20 2.62
CA ALA A 335 1.21 3.99 4.04
C ALA A 335 0.14 2.94 4.36
N ASP A 336 -0.56 2.39 3.35
CA ASP A 336 -1.66 1.37 3.53
C ASP A 336 -1.47 -0.09 3.01
N GLY A 337 -0.41 -0.34 2.24
CA GLY A 337 -0.08 -1.67 1.72
C GLY A 337 1.42 -1.92 1.57
N PHE A 338 1.84 -3.14 1.88
CA PHE A 338 3.19 -3.60 1.58
C PHE A 338 3.15 -4.89 0.72
N GLY A 339 4.19 -5.04 -0.08
CA GLY A 339 4.42 -6.29 -0.78
C GLY A 339 5.53 -7.10 -0.15
N LEU A 340 5.49 -8.39 -0.44
CA LEU A 340 6.47 -9.32 0.08
C LEU A 340 6.74 -10.39 -1.00
N LYS A 341 8.03 -10.69 -1.18
CA LYS A 341 8.45 -11.66 -2.20
C LYS A 341 9.77 -12.34 -1.83
N LYS A 342 9.99 -13.51 -2.42
CA LYS A 342 11.30 -14.21 -2.33
C LYS A 342 11.68 -14.82 -3.66
N ARG A 343 12.97 -15.03 -3.85
CA ARG A 343 13.44 -15.90 -4.94
C ARG A 343 14.50 -16.87 -4.47
N THR A 344 14.69 -17.89 -5.32
CA THR A 344 15.74 -18.88 -5.14
C THR A 344 17.13 -18.24 -5.28
N LYS A 345 17.30 -17.42 -6.32
CA LYS A 345 18.50 -16.57 -6.53
C LYS A 345 18.38 -15.58 -7.70
N ALA A 346 19.32 -14.65 -7.73
CA ALA A 346 19.44 -13.74 -8.86
C ALA A 346 19.43 -14.53 -10.18
N GLY A 347 18.70 -14.00 -11.15
CA GLY A 347 18.58 -14.59 -12.47
C GLY A 347 17.24 -15.26 -12.65
N GLN A 348 16.54 -15.55 -11.55
CA GLN A 348 15.17 -16.10 -11.55
C GLN A 348 14.12 -15.05 -11.11
N SER A 349 12.87 -15.34 -11.47
CA SER A 349 11.75 -14.52 -11.09
C SER A 349 11.45 -14.69 -9.61
N TRP A 350 10.83 -13.66 -9.01
CA TRP A 350 10.43 -13.71 -7.59
C TRP A 350 9.07 -14.35 -7.45
N VAL A 351 8.87 -15.07 -6.36
CA VAL A 351 7.59 -15.65 -6.02
C VAL A 351 6.98 -14.69 -5.02
N ASN A 352 5.76 -14.28 -5.31
CA ASN A 352 5.02 -13.37 -4.46
C ASN A 352 4.49 -14.07 -3.19
N ILE A 353 4.65 -13.41 -2.06
CA ILE A 353 4.22 -13.90 -0.75
C ILE A 353 2.90 -13.22 -0.39
N PRO A 354 1.93 -13.95 0.20
CA PRO A 354 0.70 -13.31 0.67
C PRO A 354 1.02 -12.20 1.64
N SER A 355 0.62 -10.95 1.36
CA SER A 355 1.07 -9.83 2.19
C SER A 355 -0.10 -9.06 2.89
N GLY A 356 0.09 -7.79 3.23
CA GLY A 356 -0.99 -7.04 3.81
C GLY A 356 -0.80 -5.56 3.88
N THR A 357 -1.39 -4.98 4.93
CA THR A 357 -1.58 -3.53 5.09
C THR A 357 -0.33 -2.78 5.61
N ARG A 358 -0.08 -2.82 6.90
CA ARG A 358 1.00 -2.01 7.48
C ARG A 358 1.98 -2.88 8.24
N ALA A 359 3.21 -2.93 7.78
CA ALA A 359 4.19 -3.81 8.41
C ALA A 359 4.83 -3.07 9.57
N GLU A 360 5.05 -3.75 10.70
CA GLU A 360 5.69 -3.11 11.86
C GLU A 360 7.19 -2.94 11.74
N GLY A 361 7.81 -3.46 10.69
CA GLY A 361 9.16 -3.03 10.26
C GLY A 361 10.36 -3.62 10.96
N LEU A 362 10.33 -4.94 11.12
CA LEU A 362 11.46 -5.68 11.64
C LEU A 362 11.64 -6.91 10.76
N ALA A 363 12.90 -7.15 10.41
CA ALA A 363 13.30 -8.40 9.78
C ALA A 363 14.44 -9.02 10.59
N TYR A 364 14.43 -10.36 10.63
CA TYR A 364 15.47 -11.22 11.24
C TYR A 364 16.05 -12.18 10.21
N LEU A 365 17.37 -12.37 10.30
CA LEU A 365 18.13 -13.40 9.55
C LEU A 365 19.07 -14.11 10.50
N GLY A 366 19.12 -15.44 10.43
CA GLY A 366 20.09 -16.20 11.21
C GLY A 366 19.80 -17.68 11.22
N GLY A 367 20.28 -18.37 12.25
CA GLY A 367 19.96 -19.78 12.42
C GLY A 367 20.03 -20.29 13.84
N ALA A 368 19.63 -21.57 13.98
CA ALA A 368 19.55 -22.29 15.25
C ALA A 368 20.86 -22.49 15.98
N THR A 369 21.95 -22.41 15.21
CA THR A 369 23.30 -22.71 15.65
C THR A 369 24.12 -21.45 15.50
N GLN A 370 24.15 -20.87 14.30
CA GLN A 370 25.06 -19.77 14.02
C GLN A 370 24.65 -18.43 14.66
N GLY A 371 23.42 -18.38 15.17
CA GLY A 371 22.88 -17.16 15.70
C GLY A 371 22.44 -16.27 14.56
N GLY A 372 22.41 -14.98 14.82
CA GLY A 372 21.97 -14.01 13.84
C GLY A 372 21.35 -12.79 14.46
N LEU A 373 20.89 -11.89 13.60
CA LEU A 373 20.42 -10.61 14.05
C LEU A 373 19.12 -10.16 13.38
N ALA A 374 18.45 -9.27 14.08
CA ALA A 374 17.24 -8.67 13.61
C ALA A 374 17.53 -7.19 13.59
N VAL A 375 16.89 -6.50 12.64
CA VAL A 375 16.99 -5.05 12.51
C VAL A 375 15.60 -4.45 12.23
N GLY A 376 15.42 -3.20 12.65
CA GLY A 376 14.15 -2.51 12.45
C GLY A 376 14.15 -0.98 12.59
N LEU A 377 13.11 -0.38 11.99
CA LEU A 377 12.89 1.05 12.00
C LEU A 377 11.64 1.34 12.80
N ARG A 378 11.72 2.28 13.73
CA ARG A 378 10.53 2.72 14.48
C ARG A 378 9.61 3.51 13.57
N ASP A 379 8.33 3.17 13.60
CA ASP A 379 7.27 3.87 12.88
C ASP A 379 7.41 3.58 11.39
N PHE A 380 7.83 2.34 11.09
CA PHE A 380 8.26 1.90 9.75
C PHE A 380 7.31 2.42 8.65
N TRP A 381 6.08 1.94 8.64
CA TRP A 381 5.06 2.30 7.63
C TRP A 381 4.66 3.77 7.66
N LYS A 382 4.73 4.37 8.83
CA LYS A 382 4.48 5.80 8.97
C LYS A 382 5.50 6.65 8.26
N ARG A 383 6.61 6.05 7.81
CA ARG A 383 7.71 6.79 7.20
C ARG A 383 8.08 6.23 5.81
N TYR A 384 7.07 5.69 5.10
CA TYR A 384 7.20 5.18 3.74
C TYR A 384 7.82 6.22 2.83
N PRO A 385 8.39 5.84 1.68
CA PRO A 385 8.62 4.45 1.26
C PRO A 385 9.79 3.82 2.00
N VAL A 386 9.62 2.61 2.50
CA VAL A 386 10.68 1.91 3.24
C VAL A 386 10.67 0.43 2.88
N GLY A 387 11.76 -0.25 3.29
CA GLY A 387 11.90 -1.67 2.97
C GLY A 387 12.71 -2.48 3.95
N LEU A 388 12.62 -3.78 3.79
CA LEU A 388 13.45 -4.72 4.49
C LEU A 388 13.92 -5.80 3.51
N ASP A 389 15.24 -5.93 3.34
CA ASP A 389 15.82 -6.98 2.48
C ASP A 389 16.59 -8.01 3.29
N ILE A 390 16.45 -9.27 2.87
CA ILE A 390 17.38 -10.36 3.16
C ILE A 390 18.04 -10.73 1.81
N SER A 391 19.36 -10.85 1.78
CA SER A 391 20.07 -11.36 0.58
C SER A 391 21.06 -12.52 0.86
N ASN A 392 21.09 -13.48 -0.06
CA ASN A 392 22.14 -14.51 -0.13
C ASN A 392 22.13 -15.41 1.08
N ALA A 393 20.94 -15.77 1.51
CA ALA A 393 20.74 -16.59 2.71
C ALA A 393 21.09 -18.04 2.51
N ALA A 394 21.32 -18.44 1.26
CA ALA A 394 21.76 -19.78 0.94
C ALA A 394 23.26 -19.77 0.60
N SER A 395 23.97 -18.80 1.17
CA SER A 395 25.39 -18.59 0.92
C SER A 395 26.14 -18.53 2.27
N ASP A 396 27.44 -18.32 2.26
CA ASP A 396 28.25 -18.37 3.49
C ASP A 396 27.89 -17.19 4.35
N THR A 397 27.74 -16.04 3.71
CA THR A 397 27.44 -14.80 4.38
C THR A 397 26.18 -14.21 3.79
N GLY A 398 25.16 -14.05 4.66
CA GLY A 398 23.92 -13.35 4.34
C GLY A 398 24.02 -11.83 4.52
N GLU A 399 23.19 -11.08 3.79
CA GLU A 399 23.00 -9.64 4.01
C GLU A 399 21.63 -9.46 4.67
N LEU A 400 21.52 -8.49 5.57
CA LEU A 400 20.23 -8.05 6.09
C LEU A 400 20.18 -6.54 5.97
N THR A 401 19.21 -6.01 5.21
CA THR A 401 19.14 -4.55 4.95
C THR A 401 17.79 -3.85 5.33
N LEU A 402 17.92 -2.66 5.91
CA LEU A 402 16.81 -1.85 6.30
C LEU A 402 16.93 -0.71 5.36
N TRP A 403 15.95 -0.52 4.49
CA TRP A 403 15.87 0.67 3.64
C TRP A 403 15.02 1.78 4.32
N LEU A 404 15.69 2.86 4.72
CA LEU A 404 15.04 4.07 5.20
C LEU A 404 14.35 4.80 4.07
N TYR A 405 14.80 4.52 2.84
CA TYR A 405 14.15 4.92 1.59
C TYR A 405 14.25 3.75 0.59
N SER A 406 13.13 3.17 0.18
CA SER A 406 13.17 2.02 -0.71
C SER A 406 13.54 2.44 -2.10
N PRO A 407 14.51 1.72 -2.72
CA PRO A 407 14.73 1.90 -4.15
C PRO A 407 13.55 1.50 -5.07
N ALA A 408 12.63 0.68 -4.56
CA ALA A 408 11.41 0.33 -5.29
C ALA A 408 10.46 1.50 -5.47
N ALA A 409 10.71 2.57 -4.75
CA ALA A 409 9.96 3.80 -4.89
C ALA A 409 10.59 4.67 -5.93
N GLU A 410 9.75 5.48 -6.58
CA GLU A 410 10.16 6.70 -7.27
C GLU A 410 11.30 7.39 -6.48
N PRO A 411 12.31 7.90 -7.17
CA PRO A 411 13.37 8.60 -6.41
C PRO A 411 12.87 9.87 -5.71
N LEU A 412 13.48 10.19 -4.58
CA LEU A 412 13.14 11.35 -3.76
C LEU A 412 13.46 12.65 -4.53
N ASP A 413 12.42 13.31 -5.03
CA ASP A 413 12.52 14.62 -5.72
C ASP A 413 12.33 15.81 -4.74
N LEU A 414 13.40 16.53 -4.43
CA LEU A 414 13.27 17.68 -3.51
C LEU A 414 13.25 19.02 -4.22
N ARG A 415 13.12 18.98 -5.55
CA ARG A 415 13.15 20.18 -6.36
C ARG A 415 11.90 21.01 -6.09
N PRO A 416 11.97 22.33 -6.39
CA PRO A 416 10.83 23.22 -6.30
C PRO A 416 9.58 22.65 -6.94
N PHE A 417 8.41 22.94 -6.35
CA PHE A 417 7.15 22.43 -6.84
C PHE A 417 6.59 23.30 -7.98
N HIS A 418 7.06 24.54 -8.10
CA HIS A 418 6.81 25.39 -9.29
C HIS A 418 8.01 26.21 -9.73
N ASP A 419 7.88 26.81 -10.91
CA ASP A 419 8.95 27.56 -11.59
C ASP A 419 9.08 29.03 -11.22
N GLY A 420 8.12 29.56 -10.48
CA GLY A 420 8.07 30.97 -10.09
C GLY A 420 6.82 31.59 -10.66
N LEU A 421 6.21 30.93 -11.63
CA LEU A 421 4.92 31.37 -12.18
C LEU A 421 5.03 32.74 -12.86
N GLY A 422 6.28 33.13 -13.22
CA GLY A 422 6.60 34.43 -13.81
C GLY A 422 7.00 35.52 -12.85
N GLN A 423 7.13 35.21 -11.57
CA GLN A 423 7.33 36.24 -10.60
C GLN A 423 8.68 36.88 -10.86
N ASP A 424 8.67 38.19 -11.09
CA ASP A 424 9.90 38.98 -11.27
C ASP A 424 10.06 40.01 -10.16
N GLY A 425 10.97 39.77 -9.23
CA GLY A 425 11.22 40.72 -8.11
C GLY A 425 10.08 40.94 -7.10
N TYR A 426 10.38 41.68 -6.03
CA TYR A 426 9.53 41.71 -4.82
C TYR A 426 8.07 42.11 -5.03
N GLU A 427 7.80 43.10 -5.85
CA GLU A 427 6.42 43.55 -6.02
C GLU A 427 5.50 42.42 -6.50
N ASP A 428 5.99 41.60 -7.43
CA ASP A 428 5.23 40.43 -7.93
C ASP A 428 5.08 39.38 -6.82
N GLN A 429 6.17 39.13 -6.10
CA GLN A 429 6.22 38.15 -5.02
C GLN A 429 5.20 38.46 -3.95
N LEU A 430 5.18 39.73 -3.53
CA LEU A 430 4.24 40.22 -2.52
C LEU A 430 2.81 40.16 -2.99
N ASP A 431 2.63 40.30 -4.29
CA ASP A 431 1.31 40.22 -4.87
C ASP A 431 0.77 38.77 -4.90
N ALA A 432 1.66 37.79 -5.13
CA ALA A 432 1.29 36.36 -5.01
C ALA A 432 0.90 36.01 -3.55
N LEU A 433 1.64 36.59 -2.61
CA LEU A 433 1.37 36.43 -1.18
C LEU A 433 -0.10 36.68 -0.90
N GLU A 434 -0.67 37.66 -1.59
CA GLU A 434 -2.06 38.08 -1.35
C GLU A 434 -3.13 37.10 -1.82
N ILE A 435 -2.77 36.21 -2.74
CA ILE A 435 -3.72 35.22 -3.27
C ILE A 435 -3.49 33.78 -2.77
N THR A 436 -2.22 33.39 -2.61
CA THR A 436 -1.85 32.04 -2.15
C THR A 436 -1.22 31.93 -0.75
N TYR A 437 -0.89 33.06 -0.13
CA TYR A 437 -0.20 33.07 1.16
C TYR A 437 1.22 32.52 1.05
N GLU A 438 1.79 32.48 -0.16
CA GLU A 438 3.18 32.00 -0.33
C GLU A 438 4.05 33.21 -0.58
N ASP A 439 5.20 33.25 0.07
CA ASP A 439 6.16 34.36 -0.07
C ASP A 439 7.34 33.81 -0.86
N TRP A 440 7.17 33.67 -2.17
CA TRP A 440 8.23 33.07 -3.01
C TRP A 440 9.43 33.99 -3.23
N GLU A 441 10.58 33.38 -3.47
CA GLU A 441 11.76 34.12 -3.98
C GLU A 441 12.65 33.10 -4.72
N PRO A 442 13.31 33.55 -5.81
CA PRO A 442 14.22 32.70 -6.60
C PRO A 442 15.37 32.09 -5.81
N GLY A 443 15.52 30.78 -5.84
CA GLY A 443 16.65 30.10 -5.19
C GLY A 443 16.52 29.96 -3.67
N PHE A 444 15.33 30.28 -3.16
CA PHE A 444 15.01 30.15 -1.75
C PHE A 444 14.18 28.88 -1.49
N ASP A 445 13.41 28.44 -2.49
CA ASP A 445 12.75 27.12 -2.48
C ASP A 445 13.70 25.90 -2.53
N THR A 446 14.70 25.90 -1.65
CA THR A 446 15.76 24.93 -1.66
C THR A 446 15.76 24.08 -0.38
N PRO A 447 16.02 22.77 -0.51
CA PRO A 447 16.15 21.89 0.60
C PRO A 447 17.57 21.76 1.08
N TYR A 448 18.46 22.65 0.62
CA TYR A 448 19.87 22.54 0.96
C TYR A 448 20.02 22.94 2.41
N GLY A 449 20.45 21.96 3.20
CA GLY A 449 20.70 22.16 4.62
C GLY A 449 19.74 21.43 5.56
N ILE A 450 18.62 20.91 5.06
CA ILE A 450 17.63 20.21 5.91
C ILE A 450 18.15 18.85 6.30
N ALA A 451 17.49 18.26 7.30
CA ALA A 451 17.96 17.05 7.95
C ALA A 451 16.82 16.13 8.32
N ARG A 452 17.11 14.88 8.62
CA ARG A 452 16.12 13.99 9.20
C ARG A 452 16.74 12.86 9.99
N THR A 453 16.17 12.63 11.15
CA THR A 453 16.59 11.60 12.05
C THR A 453 15.64 10.41 11.99
N SER A 454 16.18 9.21 12.17
CA SER A 454 15.43 7.98 12.17
C SER A 454 15.88 7.11 13.34
N GLU A 455 14.92 6.48 14.00
CA GLU A 455 15.17 5.74 15.21
C GLU A 455 15.17 4.29 14.86
N VAL A 456 16.38 3.73 14.71
CA VAL A 456 16.60 2.33 14.32
C VAL A 456 16.90 1.47 15.55
N TYR A 457 16.45 0.23 15.56
CA TYR A 457 16.86 -0.75 16.59
C TYR A 457 17.55 -2.02 16.01
N LEU A 458 18.63 -2.46 16.69
CA LEU A 458 19.35 -3.73 16.39
C LEU A 458 19.21 -4.68 17.54
N PHE A 459 19.00 -5.95 17.24
CA PHE A 459 18.89 -7.03 18.22
C PHE A 459 19.78 -8.25 17.82
N ALA A 460 20.65 -8.68 18.75
CA ALA A 460 21.58 -9.76 18.57
C ALA A 460 21.03 -11.02 19.18
N PHE A 461 21.11 -12.16 18.49
CA PHE A 461 20.71 -13.44 19.09
C PHE A 461 21.73 -14.59 18.92
N ASP A 462 21.98 -15.26 20.04
CA ASP A 462 22.69 -16.55 20.15
C ASP A 462 22.05 -17.68 19.30
N GLN A 463 20.75 -17.66 19.15
CA GLN A 463 20.08 -18.62 18.28
C GLN A 463 18.77 -17.99 17.85
N THR A 464 18.08 -18.63 16.91
CA THR A 464 16.85 -18.05 16.41
C THR A 464 15.91 -17.98 17.62
N PRO A 465 15.40 -16.77 17.91
CA PRO A 465 14.50 -16.61 19.02
C PRO A 465 13.10 -17.10 18.68
N THR A 466 12.25 -17.32 19.67
CA THR A 466 10.85 -17.63 19.37
C THR A 466 10.23 -16.45 18.63
N SER A 467 9.11 -16.73 17.96
CA SER A 467 8.39 -15.69 17.25
C SER A 467 7.76 -14.67 18.20
N ASP A 468 7.18 -15.16 19.29
CA ASP A 468 6.79 -14.32 20.42
C ASP A 468 7.89 -13.35 20.84
N LYS A 469 9.13 -13.78 21.06
CA LYS A 469 10.20 -12.80 21.37
C LYS A 469 10.29 -11.74 20.22
N LEU A 470 10.28 -12.18 18.96
CA LEU A 470 10.36 -11.25 17.85
C LEU A 470 9.20 -10.23 17.83
N ALA A 471 7.98 -10.70 18.08
CA ALA A 471 6.80 -9.84 18.20
C ALA A 471 6.88 -8.85 19.37
N SER A 472 7.48 -9.30 20.47
CA SER A 472 7.72 -8.42 21.61
C SER A 472 8.68 -7.31 21.30
N LEU A 473 9.81 -7.66 20.69
CA LEU A 473 10.81 -6.66 20.35
C LEU A 473 10.28 -5.72 19.28
N THR A 474 9.41 -6.22 18.42
CA THR A 474 8.77 -5.39 17.41
C THR A 474 7.87 -4.38 18.14
N ALA A 475 7.00 -4.87 19.05
CA ALA A 475 6.12 -3.99 19.88
C ALA A 475 6.92 -2.92 20.60
N TYR A 476 7.95 -3.40 21.31
CA TYR A 476 8.93 -2.55 22.00
C TYR A 476 9.39 -1.41 21.11
N ASN A 478 8.43 -0.11 18.34
CA ASN A 478 7.37 0.81 17.95
C ASN A 478 6.66 1.55 19.10
N ASP A 479 6.87 1.15 20.36
CA ASP A 479 6.44 1.93 21.52
C ASP A 479 7.52 1.84 22.63
N PRO A 480 8.65 2.49 22.41
CA PRO A 480 9.76 2.40 23.34
C PRO A 480 9.41 2.97 24.70
N PRO A 481 9.52 2.15 25.72
CA PRO A 481 9.18 2.61 27.03
C PRO A 481 9.91 3.86 27.42
N VAL A 482 9.14 4.79 28.01
CA VAL A 482 9.59 6.10 28.47
C VAL A 482 9.29 6.23 29.98
N LEU A 483 10.24 6.74 30.74
CA LEU A 483 10.01 7.15 32.11
C LEU A 483 10.02 8.69 32.18
N VAL A 484 9.02 9.27 32.86
CA VAL A 484 8.90 10.73 33.01
C VAL A 484 8.55 11.12 34.44
N ALA A 485 9.06 12.28 34.87
CA ALA A 485 8.63 12.92 36.11
C ALA A 485 7.12 13.10 36.18
N GLU A 486 6.59 13.04 37.40
CA GLU A 486 5.23 13.44 37.69
C GLU A 486 5.07 14.93 37.33
N PRO A 487 3.97 15.31 36.63
CA PRO A 487 3.60 16.71 36.32
C PRO A 487 3.63 17.68 37.52
N LYS A 488 2.99 17.29 38.61
CA LYS A 488 2.97 18.11 39.84
C LYS A 488 4.40 18.49 40.25
N TYR A 489 5.34 17.53 40.21
CA TYR A 489 6.72 17.75 40.63
C TYR A 489 7.44 18.65 39.62
N ILE A 490 7.26 18.38 38.33
CA ILE A 490 7.85 19.28 37.33
C ILE A 490 7.36 20.72 37.55
N HIS A 491 6.08 20.90 37.87
CA HIS A 491 5.54 22.22 38.14
C HIS A 491 6.20 22.88 39.40
N GLU A 492 6.17 22.22 40.56
CA GLU A 492 6.80 22.75 41.80
C GLU A 492 8.27 23.16 41.65
N THR A 493 9.02 22.44 40.84
CA THR A 493 10.40 22.79 40.64
C THR A 493 10.56 24.04 39.84
N GLN A 494 9.56 24.32 39.01
CA GLN A 494 9.60 25.45 38.11
C GLN A 494 10.80 25.38 37.15
N ALA A 495 11.22 24.16 36.84
CA ALA A 495 12.39 23.97 36.00
C ALA A 495 12.05 23.98 34.52
N LEU A 496 10.83 24.35 34.20
CA LEU A 496 10.33 24.21 32.86
C LEU A 496 9.14 25.16 32.71
N GLY A 497 9.29 26.40 33.20
CA GLY A 497 8.28 27.49 33.10
C GLY A 497 7.34 27.76 34.29
N GLU A 498 7.07 29.04 34.55
CA GLU A 498 5.97 29.47 35.47
C GLU A 498 4.61 29.32 34.80
N TYR A 499 4.60 29.33 33.46
CA TYR A 499 3.44 29.70 32.62
C TYR A 499 2.43 28.56 32.30
N TRP A 500 2.43 27.48 33.06
CA TRP A 500 1.43 26.44 32.91
C TRP A 500 1.22 25.89 34.27
N ALA A 501 0.10 25.20 34.48
CA ALA A 501 -0.14 24.55 35.75
C ALA A 501 -1.11 23.45 35.52
N LEU A 502 -1.34 22.63 36.53
CA LEU A 502 -2.16 21.44 36.35
C LEU A 502 -3.62 21.81 36.15
N PRO A 503 -4.42 20.91 35.57
CA PRO A 503 -5.86 21.02 35.62
C PRO A 503 -6.45 20.45 36.91
N SER A 505 -8.84 22.77 38.78
CA SER A 505 -9.80 23.83 39.14
C SER A 505 -11.30 23.42 39.00
N ALA A 506 -12.16 23.99 39.84
CA ALA A 506 -13.54 23.56 39.93
C ALA A 506 -14.49 24.34 39.03
N SER A 507 -14.10 25.55 38.63
CA SER A 507 -14.89 26.32 37.69
C SER A 507 -15.43 25.38 36.61
N PRO A 508 -16.76 25.33 36.43
CA PRO A 508 -17.27 24.54 35.30
C PRO A 508 -16.87 25.14 33.94
N ALA A 509 -16.55 26.44 33.95
CA ALA A 509 -15.98 27.08 32.77
C ALA A 509 -14.64 26.44 32.48
N ALA A 510 -13.82 26.33 33.52
CA ALA A 510 -12.51 25.70 33.39
C ALA A 510 -12.61 24.24 32.94
N ALA A 511 -13.60 23.50 33.46
CA ALA A 511 -13.80 22.11 33.04
C ALA A 511 -14.14 21.99 31.55
N THR A 512 -14.90 22.92 30.99
CA THR A 512 -15.21 22.75 29.59
C THR A 512 -14.00 23.18 28.79
N LEU A 513 -13.15 24.09 29.29
CA LEU A 513 -11.89 24.41 28.59
C LEU A 513 -11.00 23.15 28.42
N GLU A 514 -10.87 22.37 29.47
CA GLU A 514 -10.16 21.12 29.42
C GLU A 514 -10.75 20.20 28.39
N ASP A 515 -12.06 20.03 28.39
CA ASP A 515 -12.71 19.24 27.33
C ASP A 515 -12.35 19.74 25.93
N ARG A 516 -12.30 21.04 25.74
CA ARG A 516 -12.00 21.59 24.44
C ARG A 516 -10.54 21.48 23.99
N LEU A 517 -9.61 21.55 24.93
CA LEU A 517 -8.25 21.12 24.63
C LEU A 517 -8.19 19.60 24.24
N GLN A 518 -9.00 18.78 24.89
CA GLN A 518 -9.00 17.36 24.56
C GLN A 518 -9.58 17.12 23.18
N PHE A 519 -10.59 17.92 22.86
CA PHE A 519 -11.23 17.86 21.58
C PHE A 519 -10.18 18.20 20.52
N ILE A 520 -9.51 19.34 20.67
CA ILE A 520 -8.45 19.75 19.75
C ILE A 520 -7.43 18.62 19.53
N PHE A 521 -6.85 18.15 20.63
CA PHE A 521 -5.96 17.00 20.56
C PHE A 521 -6.57 15.76 19.85
N ASP A 522 -7.75 15.28 20.27
CA ASP A 522 -8.35 14.10 19.61
C ASP A 522 -8.49 14.32 18.10
N PHE A 523 -8.84 15.52 17.71
CA PHE A 523 -9.03 15.83 16.31
C PHE A 523 -7.72 15.75 15.54
N TYR A 524 -6.71 16.48 16.01
CA TYR A 524 -5.42 16.53 15.32
C TYR A 524 -4.71 15.18 15.32
N LYS A 525 -4.82 14.41 16.41
CA LYS A 525 -4.34 13.02 16.38
C LYS A 525 -5.03 12.22 15.28
N GLY A 526 -6.35 12.23 15.23
CA GLY A 526 -7.09 11.46 14.21
C GLY A 526 -6.81 11.86 12.77
N GLN A 527 -6.45 13.14 12.56
CA GLN A 527 -6.29 13.68 11.19
C GLN A 527 -5.03 13.16 10.54
N ILE A 528 -3.99 13.09 11.34
CA ILE A 528 -2.76 12.40 10.94
C ILE A 528 -3.04 11.07 10.23
N GLU A 529 -3.86 10.22 10.82
CA GLU A 529 -4.28 8.98 10.19
C GLU A 529 -5.12 9.31 8.95
N GLN A 530 -6.18 10.10 9.11
CA GLN A 530 -7.19 10.27 8.09
C GLN A 530 -6.71 10.92 6.82
N ARG A 531 -5.84 11.92 6.97
CA ARG A 531 -5.25 12.65 5.83
C ARG A 531 -3.91 12.05 5.39
N ARG A 532 -3.53 10.95 6.06
CA ARG A 532 -2.29 10.24 5.77
C ARG A 532 -1.07 11.15 5.77
N TRP A 533 -0.96 12.05 6.75
CA TRP A 533 0.25 12.81 7.00
C TRP A 533 1.38 11.89 7.48
N TYR A 534 1.80 11.03 6.58
CA TYR A 534 2.78 10.02 6.82
C TYR A 534 3.87 10.19 5.77
N GLY A 535 5.05 9.67 6.05
CA GLY A 535 6.09 9.55 5.05
C GLY A 535 7.45 10.01 5.50
N PHE A 536 8.47 9.49 4.82
CA PHE A 536 9.88 9.71 5.15
C PHE A 536 10.20 11.12 5.65
N LEU A 537 9.86 12.17 4.92
CA LEU A 537 10.08 13.53 5.45
C LEU A 537 8.89 14.10 6.23
N ASP A 538 7.68 13.75 5.80
CA ASP A 538 6.43 14.39 6.22
C ASP A 538 6.05 14.08 7.66
N TYR A 539 6.25 12.83 8.11
CA TYR A 539 5.65 12.36 9.38
C TYR A 539 6.05 13.22 10.54
N GLY A 540 5.04 13.67 11.28
CA GLY A 540 5.22 14.46 12.49
C GLY A 540 4.64 15.84 12.36
N ASP A 541 4.60 16.36 11.12
CA ASP A 541 3.95 17.64 10.81
C ASP A 541 2.44 17.43 10.50
N PHE A 542 1.71 18.54 10.50
CA PHE A 542 0.30 18.59 10.11
C PHE A 542 0.11 19.85 9.32
N HIS A 544 -1.92 23.50 7.77
CA HIS A 544 -2.10 24.82 8.37
C HIS A 544 -3.53 25.40 8.30
N THR A 545 -4.28 25.08 7.24
CA THR A 545 -5.63 25.58 7.05
C THR A 545 -6.44 24.67 6.11
N TYR A 546 -7.77 24.74 6.24
CA TYR A 546 -8.69 23.85 5.52
C TYR A 546 -9.42 24.48 4.37
N ASP A 547 -9.83 23.65 3.43
CA ASP A 547 -10.63 24.04 2.27
C ASP A 547 -11.97 23.37 2.49
N PRO A 548 -12.99 24.15 2.89
CA PRO A 548 -14.28 23.57 3.19
C PRO A 548 -15.04 23.13 1.98
N ASP A 549 -14.64 23.58 0.80
CA ASP A 549 -15.30 23.18 -0.47
C ASP A 549 -14.93 21.75 -0.88
N ARG A 550 -13.63 21.53 -0.97
CA ARG A 550 -13.06 20.23 -1.32
C ARG A 550 -12.95 19.26 -0.15
N HIS A 551 -13.18 19.74 1.07
CA HIS A 551 -12.93 18.98 2.28
C HIS A 551 -11.50 18.41 2.30
N THR A 552 -10.50 19.28 2.16
CA THR A 552 -9.10 18.90 2.33
C THR A 552 -8.39 20.05 2.95
N TRP A 553 -7.30 19.71 3.63
CA TRP A 553 -6.36 20.70 4.05
C TRP A 553 -5.73 21.22 2.75
N ARG A 554 -5.39 22.50 2.77
CA ARG A 554 -4.96 23.21 1.57
C ARG A 554 -3.53 22.82 1.28
N TYR A 555 -3.35 21.57 0.84
CA TYR A 555 -2.02 21.01 0.61
C TYR A 555 -1.35 21.56 -0.63
N ASP A 556 -2.11 22.26 -1.46
CA ASP A 556 -1.67 22.77 -2.73
C ASP A 556 -1.79 24.29 -2.85
N VAL A 557 -2.03 24.98 -1.75
CA VAL A 557 -2.20 26.44 -1.80
C VAL A 557 -1.14 27.04 -0.91
N GLY A 558 0.02 27.26 -1.50
CA GLY A 558 1.11 28.03 -0.87
C GLY A 558 1.32 27.85 0.61
N GLY A 559 1.02 28.91 1.39
CA GLY A 559 1.26 28.95 2.83
C GLY A 559 0.26 28.21 3.70
N TYR A 560 -0.82 27.70 3.11
CA TYR A 560 -1.84 27.01 3.87
C TYR A 560 -1.57 25.53 4.05
N ALA A 561 -0.47 25.02 3.52
CA ALA A 561 -0.21 23.58 3.53
C ALA A 561 0.56 23.11 4.78
N TRP A 562 1.83 22.73 4.68
CA TRP A 562 2.55 22.19 5.85
C TRP A 562 2.75 23.30 6.87
N ASP A 563 2.44 22.99 8.13
CA ASP A 563 2.30 24.03 9.11
C ASP A 563 3.63 24.54 9.67
N ASN A 564 4.64 23.69 9.78
CA ASN A 564 6.02 24.15 10.07
C ASN A 564 6.10 25.06 11.34
N SER A 565 5.52 24.55 12.43
CA SER A 565 5.40 25.30 13.70
C SER A 565 4.82 26.73 13.63
N GLU A 566 3.89 27.01 12.70
CA GLU A 566 3.29 28.34 12.65
C GLU A 566 2.30 28.57 13.81
N LEU A 567 2.58 29.65 14.56
CA LEU A 567 1.96 30.02 15.83
C LEU A 567 2.16 28.97 16.94
N SER A 568 3.37 28.45 17.01
CA SER A 568 3.81 27.69 18.18
C SER A 568 2.89 26.52 18.55
N PRO A 569 2.39 25.77 17.57
CA PRO A 569 1.69 24.55 17.99
C PRO A 569 2.59 23.64 18.83
N ASP A 570 3.89 23.70 18.59
CA ASP A 570 4.85 22.94 19.40
C ASP A 570 4.80 23.26 20.90
N LEU A 571 4.57 24.53 21.26
CA LEU A 571 4.46 24.91 22.66
C LEU A 571 3.17 24.35 23.24
N PHE A 572 2.08 24.55 22.51
CA PHE A 572 0.81 24.04 22.97
C PHE A 572 0.89 22.55 23.28
N PHE A 573 1.28 21.71 22.32
CA PHE A 573 1.29 20.26 22.54
C PHE A 573 2.29 19.79 23.57
N TRP A 574 3.42 20.47 23.72
CA TRP A 574 4.35 20.10 24.79
C TRP A 574 3.79 20.53 26.15
N LEU A 575 3.34 21.79 26.25
CA LEU A 575 2.68 22.27 27.45
C LEU A 575 1.50 21.36 27.78
N TYR A 576 0.75 20.91 26.77
CA TYR A 576 -0.39 20.01 27.02
C TYR A 576 0.12 18.72 27.63
N PHE A 577 1.21 18.14 27.08
CA PHE A 577 1.81 16.96 27.70
C PHE A 577 2.26 17.19 29.16
N LEU A 578 2.89 18.32 29.44
CA LEU A 578 3.40 18.58 30.78
C LEU A 578 2.28 18.53 31.79
N ARG A 579 1.25 19.33 31.53
CA ARG A 579 0.04 19.43 32.37
C ARG A 579 -0.68 18.13 32.66
N THR A 580 -0.71 17.22 31.68
CA THR A 580 -1.55 16.01 31.74
C THR A 580 -0.79 14.70 31.98
N GLY A 581 0.49 14.62 31.56
CA GLY A 581 1.21 13.33 31.44
C GLY A 581 0.63 12.23 30.54
N SER A 582 -0.16 12.62 29.52
CA SER A 582 -0.78 11.68 28.58
C SER A 582 0.23 11.04 27.61
N LYS A 583 0.20 9.70 27.47
CA LYS A 583 1.10 8.99 26.53
C LYS A 583 0.89 9.49 25.12
N ASP A 584 -0.37 9.48 24.69
CA ASP A 584 -0.78 10.01 23.39
C ASP A 584 -0.22 11.40 23.14
N ALA A 585 -0.28 12.27 24.14
CA ALA A 585 0.20 13.64 23.98
C ALA A 585 1.72 13.76 23.77
N TYR A 586 2.46 12.92 24.45
CA TYR A 586 3.93 12.89 24.33
C TYR A 586 4.34 12.39 22.93
N ARG A 587 3.77 11.26 22.53
CA ARG A 587 4.01 10.72 21.21
C ARG A 587 3.71 11.69 20.12
N PHE A 588 2.61 12.41 20.24
CA PHE A 588 2.25 13.42 19.24
C PHE A 588 3.30 14.53 19.18
N ALA A 589 3.74 14.97 20.34
CA ALA A 589 4.74 16.03 20.44
C ALA A 589 6.14 15.58 20.11
N GLU A 590 6.43 14.33 20.43
CA GLU A 590 7.69 13.68 20.04
C GLU A 590 7.79 13.76 18.52
N ALA A 591 6.77 13.25 17.84
CA ALA A 591 6.78 13.15 16.38
C ALA A 591 6.94 14.50 15.72
N LEU A 592 6.17 15.45 16.23
CA LEU A 592 6.24 16.83 15.81
C LEU A 592 7.62 17.38 16.00
N THR A 593 8.24 17.13 17.13
CA THR A 593 9.52 17.80 17.41
C THR A 593 10.65 17.19 16.56
N ARG A 594 10.55 15.91 16.25
CA ARG A 594 11.49 15.26 15.35
C ARG A 594 11.32 15.76 13.92
N HIS A 595 10.10 16.10 13.52
CA HIS A 595 9.92 16.71 12.19
C HIS A 595 10.40 18.17 12.15
N THR A 596 9.82 19.00 12.99
CA THR A 596 10.01 20.42 12.89
C THR A 596 11.46 20.83 13.11
N GLY A 597 12.11 20.19 14.06
CA GLY A 597 13.48 20.56 14.40
C GLY A 597 14.47 20.12 13.34
N GLU A 598 14.17 19.03 12.63
CA GLU A 598 15.09 18.43 11.68
C GLU A 598 14.80 18.92 10.25
N VAL A 599 13.58 18.68 9.79
CA VAL A 599 13.16 18.90 8.41
C VAL A 599 12.84 20.35 8.10
N ASP A 600 12.33 21.09 9.07
CA ASP A 600 11.89 22.49 8.81
C ASP A 600 12.94 23.54 9.15
N VAL A 601 14.18 23.12 9.45
CA VAL A 601 15.27 24.07 9.73
C VAL A 601 16.57 23.69 9.01
N TYR A 602 17.38 24.73 8.75
CA TYR A 602 18.63 24.62 8.02
C TYR A 602 19.79 24.38 9.00
N HIS A 603 20.56 23.31 8.79
CA HIS A 603 21.65 22.91 9.69
C HIS A 603 23.07 23.22 9.20
N ILE A 604 23.19 23.70 7.96
CA ILE A 604 24.45 24.14 7.34
C ILE A 604 24.11 25.27 6.37
N GLY A 605 25.05 25.73 5.58
CA GLY A 605 24.77 26.75 4.57
C GLY A 605 24.78 28.13 5.21
N ASP A 606 24.43 29.16 4.43
CA ASP A 606 24.46 30.54 4.89
C ASP A 606 23.28 30.85 5.78
N TRP A 607 22.22 30.04 5.68
CA TRP A 607 21.02 30.18 6.52
C TRP A 607 20.98 29.18 7.70
N LYS A 608 22.16 28.69 8.14
CA LYS A 608 22.24 27.73 9.25
C LYS A 608 21.62 28.37 10.47
N GLY A 609 20.58 27.72 10.99
CA GLY A 609 19.85 28.21 12.17
C GLY A 609 18.50 28.92 11.95
N LEU A 610 18.13 29.11 10.69
CA LEU A 610 16.81 29.62 10.32
C LEU A 610 16.00 28.42 9.88
N GLY A 611 14.69 28.54 10.04
CA GLY A 611 13.73 27.57 9.50
C GLY A 611 12.91 28.22 8.41
N THR A 612 12.06 27.43 7.79
CA THR A 612 11.30 27.89 6.67
C THR A 612 9.84 27.98 7.03
N ARG A 613 9.25 29.09 6.65
CA ARG A 613 7.86 29.35 6.91
C ARG A 613 6.99 28.31 6.20
N HIS A 614 5.84 28.06 6.82
CA HIS A 614 4.75 27.21 6.31
C HIS A 614 4.55 27.32 4.79
N GLY A 615 4.51 26.17 4.13
CA GLY A 615 4.38 26.15 2.68
C GLY A 615 4.01 24.79 2.16
N VAL A 616 3.90 24.68 0.83
CA VAL A 616 3.52 23.41 0.20
C VAL A 616 4.59 22.31 0.36
N GLN A 617 5.85 22.72 0.32
CA GLN A 617 6.93 21.88 0.75
C GLN A 617 7.45 22.50 2.03
N HIS A 618 8.13 21.67 2.80
CA HIS A 618 8.73 22.10 4.06
C HIS A 618 9.85 23.15 3.90
N TRP A 619 10.26 23.42 2.66
CA TRP A 619 11.32 24.39 2.37
C TRP A 619 10.96 25.35 1.22
N SER A 620 9.71 25.39 0.77
CA SER A 620 9.34 26.11 -0.46
C SER A 620 9.25 27.64 -0.36
N ASP A 621 9.07 28.14 0.85
CA ASP A 621 8.71 29.53 1.07
C ASP A 621 10.01 30.27 1.28
N SER A 622 10.05 31.56 0.92
CA SER A 622 11.28 32.38 1.02
C SER A 622 11.54 32.89 2.40
N ALA A 623 10.50 33.08 3.19
CA ALA A 623 10.68 33.60 4.54
C ALA A 623 11.46 32.60 5.39
N LYS A 624 12.78 32.81 5.43
CA LYS A 624 13.68 32.02 6.27
C LYS A 624 13.97 32.76 7.59
N GLN A 625 13.40 32.25 8.67
CA GLN A 625 13.31 33.02 9.88
C GLN A 625 13.67 32.19 11.08
N ALA A 626 14.03 32.87 12.17
CA ALA A 626 14.37 32.20 13.43
C ALA A 626 13.15 31.69 14.22
N ARG A 627 11.97 32.29 13.99
CA ARG A 627 10.72 31.87 14.67
C ARG A 627 10.27 30.44 14.44
N ILE A 628 10.89 29.76 13.48
CA ILE A 628 10.56 28.37 13.14
C ILE A 628 11.54 27.38 13.78
N SER A 629 12.80 27.79 13.71
CA SER A 629 13.92 27.12 14.35
C SER A 629 13.82 27.27 15.85
N GLN A 630 13.25 28.39 16.31
CA GLN A 630 12.84 28.69 17.71
C GLN A 630 13.17 27.59 18.74
N PRO A 631 14.35 27.68 19.36
CA PRO A 631 14.87 26.68 20.29
C PRO A 631 13.96 26.30 21.44
N GLN A 632 13.12 27.24 21.87
CA GLN A 632 12.12 27.01 22.91
C GLN A 632 11.21 25.81 22.61
N TYR A 633 10.81 25.68 21.36
CA TYR A 633 10.05 24.50 20.91
C TYR A 633 10.71 23.13 21.16
N ARG A 634 12.03 23.12 21.39
CA ARG A 634 12.78 21.90 21.70
C ARG A 634 13.12 21.71 23.15
N LYS A 635 13.14 22.79 23.91
CA LYS A 635 13.61 22.75 25.31
C LYS A 635 12.95 21.66 26.17
N TYR A 636 11.65 21.50 26.01
CA TYR A 636 10.89 20.60 26.88
C TYR A 636 11.36 19.17 26.61
N PHE A 637 11.34 18.75 25.34
CA PHE A 637 11.70 17.38 24.99
C PHE A 637 13.17 17.12 25.22
N PHE A 638 14.01 18.16 25.17
CA PHE A 638 15.43 18.01 25.45
C PHE A 638 15.56 17.56 26.87
N TYR A 639 14.91 18.28 27.78
CA TYR A 639 15.13 18.04 29.21
C TYR A 639 14.41 16.81 29.74
N LEU A 640 13.10 16.73 29.52
CA LEU A 640 12.39 15.43 29.67
C LEU A 640 13.14 14.60 28.70
N SER A 641 13.34 13.32 28.95
CA SER A 641 14.09 12.45 27.99
C SER A 641 15.59 12.33 28.28
N GLY A 642 16.12 13.17 29.15
CA GLY A 642 17.46 12.95 29.64
C GLY A 642 18.46 13.44 28.63
N GLY A 643 18.23 14.67 28.21
CA GLY A 643 19.12 15.38 27.33
C GLY A 643 19.42 14.64 26.05
N ASP A 644 18.37 14.13 25.39
CA ASP A 644 18.53 13.50 24.07
C ASP A 644 19.62 14.24 23.25
N GLU A 645 20.72 13.52 22.96
CA GLU A 645 22.00 14.13 22.49
C GLU A 645 21.91 14.73 21.07
N ARG A 646 21.03 14.20 20.24
CA ARG A 646 20.72 14.80 18.94
C ARG A 646 20.15 16.18 19.08
N VAL A 647 19.03 16.30 19.79
CA VAL A 647 18.44 17.62 20.05
C VAL A 647 19.45 18.52 20.77
N GLY A 648 20.30 17.93 21.61
CA GLY A 648 21.39 18.68 22.22
C GLY A 648 22.23 19.39 21.16
N GLU A 649 22.58 18.60 20.13
CA GLU A 649 23.32 19.07 18.97
C GLU A 649 22.53 20.12 18.20
N LEU A 650 21.25 19.86 17.95
CA LEU A 650 20.37 20.81 17.21
C LEU A 650 20.32 22.17 17.89
N LEU A 651 20.18 22.13 19.21
CA LEU A 651 20.18 23.32 20.02
C LEU A 651 21.50 24.06 19.93
N GLU A 652 22.62 23.35 19.92
CA GLU A 652 23.98 23.95 19.78
C GLU A 652 24.15 24.64 18.44
N GLU A 653 23.61 24.04 17.38
CA GLU A 653 23.64 24.59 16.00
C GLU A 653 23.02 25.98 15.91
N LEU A 654 21.95 26.16 16.66
CA LEU A 654 21.17 27.40 16.62
C LEU A 654 21.90 28.60 17.18
N LEU A 655 22.90 28.37 18.03
CA LEU A 655 23.75 29.46 18.52
C LEU A 655 24.38 30.33 17.41
N ASP A 656 24.50 29.78 16.20
CA ASP A 656 24.99 30.51 15.01
C ASP A 656 23.92 31.31 14.27
N THR A 657 22.70 31.44 14.80
CA THR A 657 21.61 32.11 14.06
C THR A 657 21.82 33.61 13.87
N ASP A 658 22.50 34.24 14.82
CA ASP A 658 22.77 35.69 14.73
C ASP A 658 23.65 36.05 13.54
N LYS A 659 24.51 35.12 13.14
CA LYS A 659 25.34 35.32 11.96
C LYS A 659 24.55 35.46 10.64
N THR A 660 23.32 34.94 10.59
CA THR A 660 22.50 34.98 9.37
C THR A 660 21.95 36.38 9.05
N TYR A 661 21.85 37.25 10.03
CA TYR A 661 21.29 38.59 9.77
C TYR A 661 22.27 39.51 8.99
N GLY A 662 23.53 39.09 8.91
CA GLY A 662 24.48 39.62 7.93
C GLY A 662 24.26 39.10 6.52
N GLU A 663 23.90 37.84 6.36
CA GLU A 663 23.63 37.26 5.02
C GLU A 663 22.23 37.56 4.47
N LEU A 664 21.24 37.74 5.35
CA LEU A 664 19.83 37.74 4.94
C LEU A 664 18.94 38.43 5.96
N ASP A 665 18.24 39.47 5.50
CA ASP A 665 17.36 40.28 6.33
C ASP A 665 15.93 39.79 6.06
N PRO A 666 15.22 39.30 7.11
CA PRO A 666 13.85 38.81 6.92
C PRO A 666 12.83 39.87 6.51
N GLN A 667 13.12 41.15 6.74
CA GLN A 667 12.19 42.21 6.30
C GLN A 667 12.50 42.82 4.94
N ARG A 668 13.55 42.35 4.25
CA ARG A 668 13.99 42.89 2.93
C ARG A 668 12.90 43.36 1.97
N LYS A 669 11.76 42.66 1.92
CA LYS A 669 10.70 42.94 0.94
C LYS A 669 9.68 43.94 1.40
N VAL A 670 9.70 44.29 2.69
CA VAL A 670 8.67 45.18 3.29
C VAL A 670 9.21 46.39 4.10
N ARG A 671 10.38 46.24 4.70
CA ARG A 671 11.17 47.34 5.25
C ARG A 671 11.14 48.63 4.38
N THR A 672 10.59 49.71 4.93
CA THR A 672 10.48 51.01 4.23
C THR A 672 11.50 52.06 4.72
N ASP A 673 12.60 51.59 5.26
CA ASP A 673 13.74 52.44 5.53
C ASP A 673 14.83 52.11 4.49
N GLY A 674 15.96 52.75 4.58
CA GLY A 674 17.01 52.51 3.60
C GLY A 674 17.66 51.16 3.69
N TRP A 675 17.83 50.71 4.92
CA TRP A 675 18.53 49.49 5.27
C TRP A 675 18.58 48.24 4.41
N GLU A 676 19.78 47.72 4.35
CA GLU A 676 20.16 46.53 3.64
C GLU A 676 21.42 46.07 4.30
N PRO A 677 21.56 44.80 4.56
CA PRO A 677 22.81 44.41 5.21
C PRO A 677 24.00 44.74 4.31
N SER A 678 25.11 45.12 4.92
CA SER A 678 26.40 45.29 4.26
C SER A 678 27.48 44.69 5.17
N PRO A 679 28.71 44.49 4.63
CA PRO A 679 29.71 43.78 5.43
C PRO A 679 30.31 44.66 6.53
N ASN A 680 30.73 44.00 7.64
CA ASN A 680 31.37 44.59 8.83
C ASN A 680 30.53 45.65 9.53
N SER A 681 29.27 45.31 9.77
CA SER A 681 28.25 46.32 10.02
C SER A 681 27.06 45.81 10.82
N THR A 682 26.56 46.65 11.74
CA THR A 682 25.39 46.31 12.54
C THR A 682 24.24 45.75 11.70
N VAL A 683 23.65 44.65 12.21
CA VAL A 683 22.58 43.89 11.54
C VAL A 683 21.21 44.14 12.19
N SER A 684 20.15 44.03 11.41
CA SER A 684 18.81 44.33 11.90
C SER A 684 18.10 43.02 12.07
N PHE A 685 17.51 42.85 13.25
CA PHE A 685 16.51 41.83 13.47
C PHE A 685 15.34 42.35 14.30
N GLY A 686 14.27 41.56 14.32
CA GLY A 686 13.07 41.82 15.15
C GLY A 686 13.25 41.66 16.66
N LEU A 687 12.45 42.35 17.46
CA LEU A 687 12.45 42.19 18.95
C LEU A 687 11.46 41.17 19.44
N GLY A 688 10.62 40.69 18.54
CA GLY A 688 9.59 39.73 18.88
C GLY A 688 10.00 38.44 18.27
N THR A 689 9.62 38.24 17.01
CA THR A 689 9.86 36.99 16.30
C THR A 689 11.35 36.58 16.39
N ASP A 690 12.20 37.38 15.77
CA ASP A 690 13.60 37.03 15.64
C ASP A 690 14.30 36.92 16.99
N TRP A 691 14.16 37.94 17.85
CA TRP A 691 14.80 37.96 19.17
C TRP A 691 14.31 36.86 20.13
N SER A 692 13.05 36.45 20.02
CA SER A 692 12.57 35.31 20.83
C SER A 692 13.34 34.04 20.48
N GLY A 693 13.64 33.86 19.18
CA GLY A 693 14.47 32.76 18.72
C GLY A 693 15.87 32.83 19.27
N LEU A 694 16.48 34.00 19.15
CA LEU A 694 17.87 34.14 19.51
C LEU A 694 18.06 33.87 20.99
N ALA A 695 17.18 34.48 21.79
CA ALA A 695 17.28 34.43 23.25
C ALA A 695 17.00 33.06 23.84
N ALA A 696 16.05 32.34 23.27
CA ALA A 696 15.76 31.01 23.75
C ALA A 696 17.01 30.15 23.63
N GLY A 697 17.68 30.29 22.48
CA GLY A 697 18.93 29.57 22.22
C GLY A 697 20.07 29.96 23.15
N TRP A 698 20.23 31.25 23.41
CA TRP A 698 21.26 31.70 24.31
C TRP A 698 20.95 31.24 25.71
N LEU A 699 19.70 31.44 26.13
CA LEU A 699 19.30 30.97 27.46
C LEU A 699 19.68 29.50 27.71
N ILE A 700 19.34 28.65 26.77
CA ILE A 700 19.62 27.21 26.79
C ILE A 700 21.12 26.90 26.86
N GLU A 701 21.97 27.60 26.08
CA GLU A 701 23.41 27.33 26.16
C GLU A 701 23.93 27.67 27.54
N TRP A 702 23.46 28.80 28.06
CA TRP A 702 23.79 29.24 29.41
C TRP A 702 23.33 28.20 30.41
N GLU A 703 22.10 27.72 30.26
CA GLU A 703 21.54 26.70 31.15
C GLU A 703 22.32 25.41 31.19
N ARG A 704 22.84 24.99 30.04
CA ARG A 704 23.52 23.69 29.96
C ARG A 704 24.99 23.82 30.28
N ARG A 705 25.48 25.04 30.51
CA ARG A 705 26.90 25.26 30.64
C ARG A 705 27.72 24.54 29.55
N GLY A 706 27.28 24.63 28.30
CA GLY A 706 28.02 24.07 27.17
C GLY A 706 29.20 24.94 26.76
N PRO A 707 29.99 24.48 25.77
CA PRO A 707 31.17 25.21 25.24
C PRO A 707 31.05 26.73 25.20
N ARG A 708 29.89 27.25 24.77
CA ARG A 708 29.68 28.68 24.48
C ARG A 708 28.77 29.43 25.50
N TRP A 709 28.76 28.98 26.74
CA TRP A 709 27.74 29.42 27.67
C TRP A 709 27.94 30.87 28.07
N GLU A 710 29.17 31.22 28.44
CA GLU A 710 29.53 32.64 28.57
C GLU A 710 29.77 32.97 27.15
N GLU A 711 29.14 34.06 26.71
CA GLU A 711 28.91 34.41 25.29
C GLU A 711 27.42 34.46 25.07
N ALA A 712 26.80 33.30 25.26
CA ALA A 712 25.35 33.22 25.28
C ALA A 712 24.80 34.04 26.46
N LYS A 713 25.37 33.84 27.64
CA LYS A 713 25.07 34.69 28.77
C LYS A 713 25.26 36.17 28.45
N THR A 714 26.38 36.50 27.80
CA THR A 714 26.64 37.87 27.36
C THR A 714 25.66 38.36 26.29
N LYS A 715 25.50 37.62 25.20
CA LYS A 715 24.58 38.05 24.15
C LYS A 715 23.17 38.22 24.73
N LEU A 716 22.74 37.29 25.58
CA LEU A 716 21.41 37.37 26.19
C LEU A 716 21.27 38.62 27.05
N THR A 717 22.22 38.82 27.96
CA THR A 717 22.16 39.91 28.95
C THR A 717 22.30 41.30 28.32
N ASN A 718 23.18 41.41 27.32
CA ASN A 718 23.37 42.67 26.61
C ASN A 718 22.15 43.07 25.79
N THR A 719 21.52 42.12 25.08
CA THR A 719 20.32 42.40 24.30
C THR A 719 19.11 42.71 25.19
N ILE A 720 19.03 42.05 26.35
CA ILE A 720 18.00 42.36 27.35
C ILE A 720 18.18 43.80 27.84
N ALA A 721 19.43 44.22 27.98
CA ALA A 721 19.75 45.60 28.35
C ALA A 721 19.48 46.60 27.20
N GLY A 722 19.71 46.18 25.96
CA GLY A 722 19.49 47.04 24.79
C GLY A 722 18.03 47.35 24.56
N ILE A 723 17.19 46.32 24.63
CA ILE A 723 15.75 46.51 24.56
C ILE A 723 15.33 47.43 25.67
N ALA A 724 15.86 47.20 26.88
CA ALA A 724 15.44 48.02 28.05
C ALA A 724 15.73 49.50 27.86
N ASN A 725 16.90 49.80 27.28
CA ASN A 725 17.39 51.17 27.07
C ASN A 725 16.74 51.90 25.91
N LEU A 726 16.40 51.17 24.86
CA LEU A 726 15.43 51.65 23.86
C LEU A 726 14.20 52.24 24.54
N THR A 727 13.86 53.47 24.19
CA THR A 727 12.95 54.23 25.02
C THR A 727 11.51 53.73 24.87
N ASN A 728 11.22 53.08 23.74
CA ASN A 728 9.91 52.47 23.54
C ASN A 728 9.86 50.94 23.85
N GLY A 729 10.97 50.39 24.36
CA GLY A 729 11.05 48.98 24.72
C GLY A 729 10.74 48.09 23.53
N PHE A 730 9.96 47.04 23.78
CA PHE A 730 9.50 46.16 22.71
C PHE A 730 8.66 46.87 21.68
N VAL A 731 7.85 47.84 22.10
CA VAL A 731 7.01 48.58 21.15
C VAL A 731 7.88 49.22 20.06
N THR A 732 9.14 49.56 20.39
CA THR A 732 10.19 49.99 19.42
C THR A 732 10.02 49.07 18.28
N GLY A 733 10.27 49.57 17.08
CA GLY A 733 10.08 48.70 15.96
C GLY A 733 10.82 47.42 16.24
N SER A 734 12.13 47.55 16.20
CA SER A 734 13.01 46.43 16.36
C SER A 734 14.32 46.81 15.74
N GLY A 735 15.36 46.75 16.56
CA GLY A 735 16.61 47.44 16.32
C GLY A 735 17.77 46.80 15.56
N LEU A 736 18.98 47.17 16.00
CA LEU A 736 20.26 46.96 15.30
C LEU A 736 21.33 46.36 16.23
N TYR A 737 22.01 45.31 15.78
CA TYR A 737 22.80 44.46 16.65
C TYR A 737 24.21 44.37 16.13
N ASP A 738 25.18 44.56 17.00
CA ASP A 738 26.57 44.60 16.59
C ASP A 738 27.18 43.22 16.80
N PRO A 739 27.60 42.57 15.72
CA PRO A 739 28.22 41.25 15.88
C PRO A 739 29.68 41.24 16.35
N VAL A 740 30.31 42.38 16.68
CA VAL A 740 31.58 42.32 17.46
C VAL A 740 31.38 42.63 18.94
N THR A 741 30.57 43.65 19.26
CA THR A 741 30.39 44.06 20.68
C THR A 741 29.26 43.31 21.39
N TRP A 742 28.43 42.61 20.61
CA TRP A 742 27.27 41.85 21.10
C TRP A 742 26.23 42.73 21.82
N THR A 743 25.96 43.91 21.26
CA THR A 743 25.01 44.87 21.81
C THR A 743 23.87 45.23 20.81
N LEU A 744 22.88 45.98 21.30
CA LEU A 744 21.65 46.25 20.57
C LEU A 744 21.27 47.75 20.68
N GLY A 745 21.31 48.42 19.53
CA GLY A 745 20.95 49.82 19.40
C GLY A 745 19.61 49.98 18.70
N PRO A 746 19.17 51.22 18.49
CA PRO A 746 17.87 51.46 17.83
C PRO A 746 17.92 51.22 16.35
N PRO A 747 16.76 51.11 15.71
CA PRO A 747 16.76 50.67 14.31
C PRO A 747 17.26 51.75 13.35
N PRO A 748 17.35 51.42 12.06
CA PRO A 748 17.78 52.40 11.08
C PRO A 748 16.97 53.71 11.06
N SER A 749 15.66 53.66 11.31
CA SER A 749 14.79 54.85 11.19
C SER A 749 14.82 55.82 12.41
N ASP A 750 15.78 55.64 13.30
CA ASP A 750 15.80 56.34 14.58
C ASP A 750 17.14 56.07 15.24
N PRO A 751 18.24 56.61 14.65
CA PRO A 751 19.43 56.63 15.49
C PRO A 751 19.14 57.62 16.64
N GLY A 752 19.85 57.48 17.74
CA GLY A 752 19.60 58.34 18.91
C GLY A 752 18.30 58.11 19.68
N ASN A 753 17.64 56.96 19.50
CA ASN A 753 16.64 56.43 20.45
C ASN A 753 15.57 57.47 20.82
N ARG A 754 15.15 58.29 19.85
CA ARG A 754 14.16 59.36 20.09
C ARG A 754 12.76 58.75 20.31
N GLY A 755 12.51 57.56 19.76
CA GLY A 755 11.25 56.83 19.93
C GLY A 755 10.75 56.35 18.58
N ASN A 756 10.65 55.03 18.43
CA ASN A 756 10.05 54.39 17.24
C ASN A 756 8.89 53.47 17.61
N VAL A 757 7.93 53.31 16.70
CA VAL A 757 6.73 52.51 16.96
C VAL A 757 6.43 51.55 15.79
N SER A 758 6.68 50.24 16.01
CA SER A 758 6.28 49.16 15.08
C SER A 758 5.73 47.93 15.83
N ILE A 759 4.46 47.69 15.57
CA ILE A 759 3.69 46.69 16.26
C ILE A 759 3.39 45.60 15.24
N SER A 760 3.39 44.36 15.71
CA SER A 760 3.06 43.23 14.87
C SER A 760 2.31 42.20 15.70
N HIS A 761 1.18 41.75 15.16
CA HIS A 761 0.44 40.65 15.74
C HIS A 761 1.27 39.38 15.85
N LEU A 762 2.34 39.26 15.07
CA LEU A 762 3.25 38.11 15.15
C LEU A 762 4.35 38.14 16.23
N ASN A 763 4.62 39.26 16.88
CA ASN A 763 5.80 39.33 17.78
C ASN A 763 5.73 38.47 19.06
N ALA A 764 4.54 38.42 19.69
CA ALA A 764 4.36 37.67 20.95
C ALA A 764 4.04 36.18 20.80
N VAL A 765 3.74 35.73 19.59
CA VAL A 765 3.12 34.41 19.42
C VAL A 765 4.11 33.30 19.03
N PHE A 766 5.40 33.63 18.91
CA PHE A 766 6.42 32.63 18.60
C PHE A 766 7.39 32.35 19.74
N GLY A 767 6.92 32.47 20.98
CA GLY A 767 7.76 32.13 22.13
C GLY A 767 8.02 33.28 23.08
N LEU A 768 7.83 34.51 22.61
CA LEU A 768 8.27 35.69 23.37
C LEU A 768 7.93 35.70 24.87
N PRO A 769 6.63 35.59 25.24
CA PRO A 769 6.32 35.55 26.66
C PRO A 769 6.96 34.40 27.42
N GLU A 770 7.14 33.27 26.74
CA GLU A 770 7.70 32.07 27.38
C GLU A 770 9.22 32.20 27.69
N VAL A 771 9.95 32.72 26.70
CA VAL A 771 11.37 32.98 26.80
C VAL A 771 11.57 34.13 27.76
N VAL A 772 10.78 35.17 27.63
CA VAL A 772 10.95 36.33 28.48
C VAL A 772 10.74 35.94 29.92
N SER A 773 9.71 35.19 30.22
CA SER A 773 9.46 34.80 31.62
C SER A 773 10.61 33.96 32.20
N GLU A 774 11.09 32.98 31.43
CA GLU A 774 12.24 32.17 31.90
C GLU A 774 13.53 33.04 32.07
N ALA A 775 13.74 33.96 31.13
CA ALA A 775 14.88 34.86 31.19
C ALA A 775 14.82 35.78 32.41
N ILE A 776 13.64 36.32 32.71
CA ILE A 776 13.50 37.19 33.90
C ILE A 776 13.79 36.35 35.16
N ALA A 777 13.30 35.11 35.14
CA ALA A 777 13.46 34.19 36.25
C ALA A 777 14.90 33.79 36.43
N TYR A 778 15.61 33.57 35.34
CA TYR A 778 16.99 33.06 35.42
C TYR A 778 17.93 34.15 35.89
N LEU A 779 17.88 35.31 35.25
CA LEU A 779 18.74 36.44 35.61
C LEU A 779 18.57 36.99 37.04
N ALA A 780 17.41 36.72 37.68
CA ALA A 780 17.12 37.15 39.07
C ALA A 780 17.45 38.63 39.41
N ASP A 781 18.46 38.87 40.23
CA ASP A 781 18.79 40.23 40.72
C ASP A 781 19.74 40.93 39.76
N ASP A 782 20.36 40.18 38.85
CA ASP A 782 21.29 40.75 37.86
C ASP A 782 20.59 41.27 36.58
N ILE A 783 19.26 41.40 36.60
CA ILE A 783 18.47 41.77 35.41
C ILE A 783 18.59 43.26 35.05
N PRO A 784 18.87 43.60 33.77
CA PRO A 784 19.08 45.03 33.46
C PRO A 784 17.92 45.95 33.88
N LYS A 785 18.24 47.16 34.39
CA LYS A 785 17.26 48.03 35.05
C LYS A 785 16.10 48.32 34.11
N GLY A 786 14.87 48.16 34.59
CA GLY A 786 13.65 48.49 33.83
C GLY A 786 13.36 47.69 32.57
N PHE A 787 13.97 46.52 32.42
CA PHE A 787 13.62 45.58 31.34
C PHE A 787 12.25 44.98 31.61
N LYS A 788 12.02 44.58 32.87
CA LYS A 788 10.73 44.03 33.24
C LYS A 788 9.61 45.04 33.08
N GLN A 789 9.87 46.32 33.30
CA GLN A 789 8.82 47.30 33.00
C GLN A 789 8.47 47.29 31.50
N ALA A 790 9.48 47.26 30.64
CA ALA A 790 9.28 47.29 29.20
C ALA A 790 8.44 46.13 28.71
N TRP A 791 8.71 44.95 29.26
CA TRP A 791 7.91 43.78 28.95
C TRP A 791 6.49 44.00 29.43
N LEU A 792 6.32 44.40 30.69
CA LEU A 792 4.97 44.74 31.19
C LEU A 792 4.25 45.77 30.35
N ASP A 793 4.98 46.78 29.87
CA ASP A 793 4.44 47.76 28.90
C ASP A 793 3.84 47.06 27.68
N TYR A 794 4.64 46.31 26.92
CA TYR A 794 4.11 45.60 25.75
C TYR A 794 2.84 44.85 26.14
N CYS A 795 2.89 44.12 27.26
CA CYS A 795 1.77 43.26 27.67
C CYS A 795 0.49 44.04 27.95
N TYR A 796 0.65 45.24 28.50
CA TYR A 796 -0.48 46.11 28.82
C TYR A 796 -0.97 46.96 27.63
N TYR A 797 -0.10 47.64 26.88
CA TYR A 797 -0.63 48.55 25.84
C TYR A 797 -1.15 47.83 24.59
N TYR A 798 -0.75 46.58 24.38
CA TYR A 798 -1.23 45.83 23.23
C TYR A 798 -2.77 45.85 23.05
N HIS A 799 -3.55 45.61 24.10
CA HIS A 799 -5.03 45.80 24.03
C HIS A 799 -5.62 46.73 25.10
N ALA A 800 -4.84 47.75 25.43
CA ALA A 800 -5.35 48.99 26.00
C ALA A 800 -6.25 49.70 24.99
N SER A 801 -6.85 50.81 25.40
CA SER A 801 -7.56 51.66 24.44
C SER A 801 -6.57 52.33 23.52
N ALA A 802 -7.09 52.80 22.38
CA ALA A 802 -6.27 53.50 21.39
C ALA A 802 -5.70 54.79 21.97
N SER A 803 -6.45 55.43 22.86
CA SER A 803 -6.02 56.68 23.50
C SER A 803 -4.97 56.46 24.57
N GLU A 804 -5.04 55.33 25.25
CA GLU A 804 -3.98 54.92 26.19
C GLU A 804 -2.66 54.70 25.45
N GLN A 805 -2.76 54.13 24.24
CA GLN A 805 -1.58 53.92 23.35
C GLN A 805 -1.00 55.22 22.80
N LYS A 806 -1.87 56.09 22.25
CA LYS A 806 -1.45 57.43 21.76
C LYS A 806 -0.81 58.24 22.92
N ASP A 807 -1.45 58.24 24.08
CA ASP A 807 -0.91 58.96 25.24
C ASP A 807 0.57 58.60 25.45
N ARG A 808 0.84 57.32 25.63
CA ARG A 808 2.18 56.79 25.97
C ARG A 808 3.23 56.81 24.85
N TYR A 809 2.82 56.41 23.65
CA TYR A 809 3.76 56.10 22.56
C TYR A 809 3.66 57.07 21.39
N GLY A 810 2.67 57.97 21.42
CA GLY A 810 2.47 58.96 20.36
C GLY A 810 1.40 58.64 19.31
N VAL A 811 1.12 57.36 19.08
CA VAL A 811 0.05 56.92 18.16
C VAL A 811 -0.64 55.68 18.67
N SER A 812 -1.86 55.46 18.19
CA SER A 812 -2.56 54.21 18.50
C SER A 812 -2.02 53.05 17.62
N PHE A 813 -2.38 51.80 17.94
CA PHE A 813 -1.98 50.62 17.14
C PHE A 813 -3.19 50.11 16.32
N SER A 814 -3.35 50.55 15.06
CA SER A 814 -4.52 50.12 14.24
C SER A 814 -4.54 48.61 13.89
N LYS A 815 -3.37 48.07 13.58
CA LYS A 815 -3.22 46.72 13.04
C LYS A 815 -3.00 45.60 14.11
N ILE A 816 -3.43 45.83 15.36
CA ILE A 816 -3.47 44.76 16.36
C ILE A 816 -4.53 43.75 15.99
N SER A 817 -4.16 42.48 15.95
CA SER A 817 -5.14 41.37 15.87
C SER A 817 -4.63 40.20 16.72
N LEU A 818 -5.22 39.01 16.56
CA LEU A 818 -4.90 37.84 17.39
C LEU A 818 -5.10 38.18 18.88
N LEU A 819 -6.27 38.72 19.19
CA LEU A 819 -6.58 39.13 20.55
C LEU A 819 -6.77 37.96 21.53
N GLN A 820 -7.35 36.84 21.08
CA GLN A 820 -7.39 35.64 21.89
C GLN A 820 -5.98 35.15 22.18
N ALA A 821 -5.16 35.14 21.14
CA ALA A 821 -3.79 34.70 21.30
C ALA A 821 -3.06 35.52 22.39
N HIS A 822 -3.16 36.86 22.28
CA HIS A 822 -2.55 37.78 23.22
C HIS A 822 -3.28 37.94 24.58
N SER A 823 -4.42 37.28 24.74
CA SER A 823 -5.07 37.25 26.05
C SER A 823 -4.08 36.91 27.13
N ARG A 824 -3.22 35.93 26.87
CA ARG A 824 -2.18 35.50 27.84
C ARG A 824 -1.13 36.55 28.25
N LEU A 825 -0.89 37.58 27.43
CA LEU A 825 0.00 38.66 27.82
C LEU A 825 -0.62 39.55 28.90
N ALA A 826 -1.93 39.75 28.83
CA ALA A 826 -2.67 40.44 29.89
C ALA A 826 -2.67 39.59 31.16
N ALA A 827 -2.96 38.32 30.98
CA ALA A 827 -2.99 37.37 32.09
C ALA A 827 -1.69 37.44 32.88
N TYR A 828 -0.56 37.44 32.18
CA TYR A 828 0.78 37.54 32.81
C TYR A 828 0.92 38.88 33.55
N ALA A 829 0.62 39.97 32.87
CA ALA A 829 0.67 41.28 33.50
C ALA A 829 -0.24 41.39 34.71
N ALA A 830 -1.40 40.73 34.64
CA ALA A 830 -2.36 40.74 35.73
C ALA A 830 -1.81 40.05 36.99
N TYR A 831 -0.98 39.03 36.78
CA TYR A 831 -0.37 38.27 37.87
C TYR A 831 0.81 39.01 38.44
N GLU A 832 1.55 39.69 37.58
CA GLU A 832 2.76 40.31 38.00
C GLU A 832 2.50 41.62 38.70
N THR A 833 1.36 42.27 38.40
CA THR A 833 0.93 43.53 39.04
C THR A 833 -0.24 43.33 40.00
N LYS A 834 -0.71 42.11 40.14
CA LYS A 834 -1.79 41.81 41.06
C LYS A 834 -3.02 42.68 40.81
N ASN A 835 -3.39 42.83 39.55
CA ASN A 835 -4.52 43.63 39.12
C ASN A 835 -5.69 42.78 38.58
N LYS A 836 -6.79 42.72 39.34
CA LYS A 836 -7.96 41.91 38.99
C LYS A 836 -8.69 42.38 37.72
N THR A 837 -8.54 43.65 37.35
CA THR A 837 -9.28 44.23 36.21
C THR A 837 -8.58 43.87 34.93
N LEU A 838 -7.25 44.03 34.94
CA LEU A 838 -6.39 43.52 33.88
C LEU A 838 -6.61 42.01 33.71
N ALA A 839 -6.82 41.32 34.82
CA ALA A 839 -7.15 39.90 34.76
C ALA A 839 -8.43 39.70 33.99
N LEU A 840 -9.44 40.49 34.29
CA LEU A 840 -10.71 40.34 33.60
C LEU A 840 -10.57 40.60 32.10
N ARG A 841 -9.68 41.50 31.72
CA ARG A 841 -9.46 41.77 30.34
C ARG A 841 -8.90 40.58 29.57
N ALA A 842 -8.00 39.82 30.20
CA ALA A 842 -7.50 38.60 29.65
C ALA A 842 -8.66 37.66 29.34
N TRP A 843 -9.50 37.40 30.33
CA TRP A 843 -10.66 36.56 30.08
C TRP A 843 -11.67 37.10 29.05
N LYS A 844 -11.80 38.42 28.88
CA LYS A 844 -12.79 38.98 27.95
C LYS A 844 -12.27 38.77 26.56
N ASP A 845 -10.99 39.08 26.39
CA ASP A 845 -10.30 38.77 25.14
C ASP A 845 -10.27 37.26 24.85
N PHE A 846 -10.07 36.42 25.85
CA PHE A 846 -10.16 34.98 25.61
C PHE A 846 -11.54 34.61 25.07
N TYR A 847 -12.60 34.93 25.81
CA TYR A 847 -13.98 34.48 25.52
C TYR A 847 -14.75 35.32 24.48
N ALA A 848 -14.58 36.64 24.47
CA ALA A 848 -15.08 37.49 23.37
C ALA A 848 -13.93 37.59 22.36
N SER A 849 -13.67 38.76 21.79
CA SER A 849 -12.79 38.87 20.59
C SER A 849 -12.84 37.78 19.45
N ASP A 850 -11.70 37.12 19.19
CA ASP A 850 -11.47 36.38 17.94
C ASP A 850 -10.91 34.98 18.23
N GLY A 851 -10.14 34.40 17.31
CA GLY A 851 -9.70 33.03 17.42
C GLY A 851 -10.89 32.07 17.43
N LEU A 852 -11.00 31.26 18.46
CA LEU A 852 -12.13 30.35 18.63
C LEU A 852 -13.02 30.88 19.76
N LEU A 853 -14.25 31.25 19.39
CA LEU A 853 -15.20 31.77 20.33
C LEU A 853 -15.87 30.61 21.00
N PRO A 854 -16.46 30.84 22.19
CA PRO A 854 -16.98 29.76 22.98
C PRO A 854 -18.19 29.14 22.34
N ASP A 855 -18.91 29.89 21.53
CA ASP A 855 -20.11 29.42 20.84
C ASP A 855 -19.80 29.00 19.39
N ALA A 856 -18.53 28.81 19.04
CA ALA A 856 -18.19 28.13 17.78
C ALA A 856 -18.79 26.71 17.84
N PRO A 857 -18.82 25.98 16.71
CA PRO A 857 -19.51 24.67 16.64
C PRO A 857 -19.03 23.61 17.65
N TRP A 858 -17.71 23.59 17.90
CA TRP A 858 -17.11 22.64 18.81
C TRP A 858 -17.53 21.19 18.57
N ASN A 859 -17.56 20.82 17.29
CA ASN A 859 -17.75 19.42 16.92
C ASN A 859 -17.17 19.10 15.53
N ILE A 860 -17.08 17.80 15.21
CA ILE A 860 -16.68 17.36 13.87
C ILE A 860 -17.88 16.89 13.03
N THR A 861 -17.80 17.17 11.74
CA THR A 861 -18.72 16.64 10.74
C THR A 861 -18.08 15.46 10.03
N HIS A 862 -18.84 14.41 9.74
CA HIS A 862 -18.33 13.35 8.89
C HIS A 862 -18.69 13.63 7.43
N VAL A 863 -17.75 13.37 6.53
CA VAL A 863 -17.93 13.64 5.11
C VAL A 863 -17.58 12.41 4.32
N ASP A 864 -18.48 12.01 3.44
CA ASP A 864 -18.35 10.73 2.73
C ASP A 864 -19.02 10.75 1.34
N GLY A 865 -19.12 9.58 0.72
CA GLY A 865 -19.66 9.48 -0.63
C GLY A 865 -18.78 10.20 -1.63
N SER A 866 -19.41 10.77 -2.64
CA SER A 866 -18.68 11.30 -3.79
C SER A 866 -18.05 12.68 -3.60
N ASP A 867 -18.17 13.24 -2.40
CA ASP A 867 -17.56 14.54 -2.07
C ASP A 867 -16.05 14.44 -1.87
N VAL A 868 -15.57 13.26 -1.53
CA VAL A 868 -14.17 13.08 -1.12
C VAL A 868 -13.61 11.76 -1.54
N LEU A 869 -12.29 11.68 -1.64
CA LEU A 869 -11.64 10.44 -1.99
C LEU A 869 -11.92 9.36 -0.97
N VAL A 870 -11.70 9.68 0.28
CA VAL A 870 -11.99 8.75 1.38
C VAL A 870 -12.88 9.38 2.47
N PRO A 871 -13.57 8.56 3.25
CA PRO A 871 -14.30 9.15 4.38
C PRO A 871 -13.37 9.89 5.34
N VAL A 872 -13.74 11.13 5.71
CA VAL A 872 -12.98 11.95 6.64
C VAL A 872 -13.89 12.73 7.61
N ASP A 873 -13.36 12.99 8.82
CA ASP A 873 -14.02 13.90 9.77
C ASP A 873 -13.39 15.26 9.51
N GLU A 874 -14.13 16.35 9.74
CA GLU A 874 -13.63 17.72 9.54
C GLU A 874 -14.11 18.75 10.55
N ALA A 875 -13.29 19.78 10.73
CA ALA A 875 -13.69 21.00 11.41
C ALA A 875 -14.23 21.96 10.35
N ALA A 876 -13.40 22.96 9.99
CA ALA A 876 -13.66 23.94 8.89
C ALA A 876 -13.77 25.26 9.53
N TRP A 877 -14.50 25.27 10.64
CA TRP A 877 -14.49 26.34 11.65
C TRP A 877 -13.19 26.57 12.44
N LEU A 878 -12.22 25.66 12.35
CA LEU A 878 -10.92 25.89 12.94
C LEU A 878 -9.76 25.72 11.96
N ALA A 879 -8.69 26.40 12.33
CA ALA A 879 -7.40 26.32 11.67
C ALA A 879 -6.30 26.14 12.74
N THR A 880 -5.13 25.73 12.28
CA THR A 880 -4.08 25.34 13.19
C THR A 880 -3.57 26.53 13.94
N ASN A 881 -3.57 27.69 13.32
CA ASN A 881 -3.21 28.90 14.06
C ASN A 881 -4.17 29.11 15.22
N ASP A 882 -5.46 28.96 14.93
CA ASP A 882 -6.50 29.08 15.93
C ASP A 882 -6.24 28.17 17.13
N ILE A 883 -6.20 26.86 16.90
CA ILE A 883 -6.08 25.91 18.01
C ILE A 883 -4.83 26.09 18.83
N ALA A 884 -3.73 26.49 18.20
CA ALA A 884 -2.45 26.58 18.87
C ALA A 884 -2.42 27.69 19.92
N GLN A 885 -2.90 28.86 19.50
CA GLN A 885 -2.96 30.00 20.38
C GLN A 885 -4.15 29.89 21.39
N TYR A 886 -5.28 29.39 20.96
CA TYR A 886 -6.34 28.99 21.89
C TYR A 886 -5.78 28.12 22.98
N GLY A 887 -5.08 27.08 22.57
CA GLY A 887 -4.53 26.09 23.50
C GLY A 887 -3.59 26.76 24.48
N LEU A 888 -2.72 27.61 23.98
CA LEU A 888 -1.82 28.32 24.87
C LEU A 888 -2.52 29.37 25.71
N ALA A 889 -3.55 30.02 25.15
CA ALA A 889 -4.38 30.96 25.93
C ALA A 889 -5.06 30.27 27.12
N VAL A 890 -5.72 29.15 26.86
CA VAL A 890 -6.34 28.36 27.92
C VAL A 890 -5.37 28.05 29.02
N ILE A 891 -4.20 27.58 28.66
CA ILE A 891 -3.22 27.05 29.63
C ILE A 891 -2.62 28.16 30.48
N GLN A 892 -2.26 29.27 29.83
CA GLN A 892 -1.57 30.35 30.49
C GLN A 892 -2.55 31.22 31.27
N ASN A 893 -3.74 31.50 30.72
CA ASN A 893 -4.73 32.27 31.46
C ASN A 893 -5.10 31.48 32.69
N LEU A 894 -5.26 30.15 32.54
CA LEU A 894 -5.49 29.31 33.73
C LEU A 894 -4.33 29.31 34.73
N ALA A 895 -3.07 29.36 34.26
CA ALA A 895 -1.96 29.47 35.19
C ALA A 895 -2.01 30.75 35.98
N TYR A 896 -2.01 31.86 35.26
CA TYR A 896 -1.85 33.16 35.90
C TYR A 896 -3.10 33.74 36.58
N VAL A 897 -4.29 33.50 36.02
CA VAL A 897 -5.52 34.19 36.47
C VAL A 897 -6.78 33.30 36.58
N SER A 898 -6.61 32.04 36.97
CA SER A 898 -7.78 31.16 37.18
C SER A 898 -8.61 31.73 38.29
N ASP A 899 -7.99 32.35 39.28
CA ASP A 899 -8.71 32.99 40.38
C ASP A 899 -9.69 34.06 39.90
N SER A 900 -9.43 34.65 38.74
CA SER A 900 -10.40 35.55 38.07
C SER A 900 -11.48 34.92 37.20
N LEU A 901 -11.39 33.64 36.88
CA LEU A 901 -12.27 33.07 35.84
C LEU A 901 -13.75 32.99 36.28
N ASP A 902 -14.02 32.45 37.47
CA ASP A 902 -15.40 32.45 37.98
C ASP A 902 -15.89 33.87 38.16
N ASP A 903 -15.00 34.83 38.42
CA ASP A 903 -15.40 36.24 38.58
C ASP A 903 -15.92 36.79 37.23
N TYR A 904 -15.08 36.68 36.20
CA TYR A 904 -15.50 36.94 34.82
C TYR A 904 -16.84 36.27 34.46
N GLN A 905 -16.98 35.00 34.79
CA GLN A 905 -18.18 34.25 34.44
C GLN A 905 -19.42 34.75 35.15
N SER A 906 -19.28 35.12 36.44
CA SER A 906 -20.41 35.55 37.27
C SER A 906 -20.93 36.93 36.90
N LEU A 907 -20.14 37.78 36.26
CA LEU A 907 -20.64 39.05 35.70
C LEU A 907 -21.64 38.93 34.50
N GLU A 908 -21.91 37.71 34.00
CA GLU A 908 -23.03 37.45 33.02
C GLU A 908 -23.69 36.05 33.26
N ASN B 2 -50.56 -22.94 -37.74
CA ASN B 2 -50.36 -23.63 -36.41
C ASN B 2 -49.24 -22.97 -35.61
N CYS B 3 -49.52 -22.47 -34.39
CA CYS B 3 -48.47 -21.79 -33.57
C CYS B 3 -47.98 -22.62 -32.40
N THR B 4 -46.66 -22.59 -32.22
CA THR B 4 -45.99 -23.03 -31.02
C THR B 4 -45.45 -21.75 -30.39
N SER B 5 -45.84 -21.47 -29.14
CA SER B 5 -45.37 -20.28 -28.42
C SER B 5 -45.16 -20.51 -26.92
N SER B 6 -44.07 -19.95 -26.39
CA SER B 6 -43.66 -20.12 -24.97
C SER B 6 -43.03 -18.82 -24.52
N SER B 7 -42.83 -18.66 -23.20
CA SER B 7 -42.21 -17.43 -22.61
C SER B 7 -41.11 -17.79 -21.65
N ALA B 8 -40.07 -16.96 -21.57
CA ALA B 8 -39.02 -17.18 -20.57
C ALA B 8 -38.59 -15.85 -20.00
N THR B 9 -38.42 -15.83 -18.69
CA THR B 9 -38.17 -14.60 -17.96
C THR B 9 -36.74 -14.57 -17.47
N VAL B 10 -36.25 -13.36 -17.31
CA VAL B 10 -34.84 -13.12 -17.14
C VAL B 10 -34.72 -12.00 -16.06
N HIS B 11 -33.83 -12.17 -15.08
CA HIS B 11 -33.76 -11.32 -13.87
C HIS B 11 -32.37 -10.78 -13.69
N TRP B 12 -32.22 -9.65 -13.01
CA TRP B 12 -30.90 -9.16 -12.64
C TRP B 12 -30.21 -10.16 -11.69
N LEU B 13 -28.90 -10.01 -11.60
CA LEU B 13 -28.11 -11.00 -10.92
C LEU B 13 -28.37 -10.86 -9.41
N GLY B 14 -28.18 -9.63 -8.92
CA GLY B 14 -28.53 -9.30 -7.54
C GLY B 14 -29.71 -8.36 -7.52
N ASP B 15 -29.47 -7.17 -6.98
CA ASP B 15 -30.48 -6.14 -6.82
C ASP B 15 -30.75 -5.47 -8.16
N LYS B 16 -31.91 -4.85 -8.32
CA LYS B 16 -32.19 -4.11 -9.53
C LYS B 16 -31.15 -2.98 -9.64
N PRO B 17 -30.44 -2.88 -10.79
CA PRO B 17 -29.44 -1.86 -10.87
C PRO B 17 -30.08 -0.50 -11.01
N THR B 18 -29.31 0.48 -10.55
CA THR B 18 -29.66 1.90 -10.60
C THR B 18 -29.55 2.41 -12.06
N TYR B 19 -28.66 1.78 -12.83
CA TYR B 19 -28.18 2.25 -14.15
C TYR B 19 -27.58 1.09 -14.93
N HIS B 20 -27.91 0.97 -16.22
CA HIS B 20 -27.14 0.13 -17.16
C HIS B 20 -26.88 0.83 -18.48
N ALA B 21 -25.94 0.27 -19.24
CA ALA B 21 -25.45 0.89 -20.49
C ALA B 21 -25.59 -0.08 -21.67
N GLY B 22 -26.63 -0.90 -21.59
CA GLY B 22 -26.94 -1.91 -22.55
C GLY B 22 -26.41 -3.23 -22.07
N VAL B 23 -27.15 -4.29 -22.36
CA VAL B 23 -26.87 -5.59 -21.80
C VAL B 23 -27.22 -6.70 -22.79
N THR B 24 -26.32 -7.68 -22.88
CA THR B 24 -26.53 -8.91 -23.62
C THR B 24 -26.65 -10.08 -22.65
N PHE B 25 -27.71 -10.85 -22.82
CA PHE B 25 -28.01 -12.01 -21.95
C PHE B 25 -28.35 -13.22 -22.80
N GLY B 26 -28.59 -14.36 -22.16
CA GLY B 26 -28.85 -15.58 -22.89
C GLY B 26 -29.95 -16.41 -22.29
N LEU B 27 -30.63 -17.12 -23.20
CA LEU B 27 -31.79 -17.94 -22.90
C LEU B 27 -31.65 -19.29 -23.54
N PRO B 28 -31.82 -20.36 -22.76
CA PRO B 28 -31.88 -21.69 -23.34
C PRO B 28 -33.27 -21.98 -23.93
N TRP B 29 -33.35 -22.93 -24.86
CA TRP B 29 -34.63 -23.37 -25.45
C TRP B 29 -34.63 -24.88 -25.50
N PRO B 30 -35.83 -25.49 -25.45
CA PRO B 30 -35.84 -26.97 -25.48
C PRO B 30 -35.45 -27.57 -26.82
N GLN B 31 -34.82 -28.74 -26.73
CA GLN B 31 -34.63 -29.63 -27.86
C GLN B 31 -35.92 -29.66 -28.69
N GLY B 32 -35.83 -29.23 -29.96
CA GLY B 32 -36.87 -29.43 -30.96
C GLY B 32 -37.96 -28.40 -30.98
N LYS B 33 -37.78 -27.30 -30.27
CA LYS B 33 -38.89 -26.37 -30.06
C LYS B 33 -39.01 -25.39 -31.22
N TYR B 34 -37.89 -24.77 -31.60
CA TYR B 34 -37.88 -23.61 -32.49
C TYR B 34 -36.84 -23.68 -33.62
N ARG B 35 -37.24 -23.32 -34.83
CA ARG B 35 -36.27 -23.25 -35.93
C ARG B 35 -35.57 -21.87 -35.93
N PRO B 36 -34.25 -21.85 -36.20
CA PRO B 36 -33.40 -20.66 -36.23
C PRO B 36 -33.83 -19.37 -36.95
N GLN B 37 -34.18 -19.43 -38.23
CA GLN B 37 -34.48 -18.16 -38.94
C GLN B 37 -35.95 -17.74 -38.85
N GLU B 38 -36.79 -18.66 -38.37
CA GLU B 38 -38.26 -18.56 -38.47
C GLU B 38 -38.94 -18.08 -37.21
N THR B 39 -38.21 -18.16 -36.10
CA THR B 39 -38.70 -17.87 -34.78
C THR B 39 -38.44 -16.40 -34.55
N SER B 40 -39.43 -15.69 -34.00
CA SER B 40 -39.31 -14.27 -33.70
C SER B 40 -39.50 -14.07 -32.21
N PHE B 41 -38.93 -12.97 -31.72
CA PHE B 41 -38.73 -12.78 -30.29
C PHE B 41 -39.12 -11.36 -29.83
N SER B 42 -40.02 -11.26 -28.86
CA SER B 42 -40.43 -9.96 -28.34
C SER B 42 -40.26 -9.89 -26.83
N LEU B 43 -40.14 -8.66 -26.35
CA LEU B 43 -39.80 -8.32 -24.96
C LEU B 43 -40.98 -7.70 -24.19
N THR B 44 -40.92 -7.68 -22.85
CA THR B 44 -41.99 -7.07 -21.96
C THR B 44 -41.48 -6.68 -20.54
N LEU B 53 -37.23 -7.49 -30.34
CA LEU B 53 -36.02 -7.68 -29.53
C LEU B 53 -34.84 -8.30 -30.31
N GLN B 54 -33.70 -7.61 -30.26
CA GLN B 54 -32.48 -8.08 -30.93
C GLN B 54 -32.05 -9.50 -30.53
N SER B 55 -31.92 -10.41 -31.48
CA SER B 55 -31.70 -11.83 -31.13
C SER B 55 -30.82 -12.52 -32.13
N TRP B 56 -30.03 -13.45 -31.62
CA TRP B 56 -29.27 -14.33 -32.46
C TRP B 56 -29.04 -15.68 -31.80
N ALA B 57 -28.78 -16.69 -32.61
CA ALA B 57 -28.49 -18.00 -32.08
C ALA B 57 -26.99 -18.08 -31.73
N THR B 58 -26.72 -18.83 -30.68
CA THR B 58 -25.41 -18.90 -30.09
C THR B 58 -24.97 -20.39 -30.08
N GLY B 59 -25.93 -21.27 -29.81
CA GLY B 59 -25.80 -22.71 -30.04
C GLY B 59 -27.13 -23.35 -30.48
N TYR B 60 -27.03 -24.56 -31.02
CA TYR B 60 -28.18 -25.28 -31.57
C TYR B 60 -28.10 -26.75 -31.16
N TRP B 61 -29.25 -27.43 -31.22
CA TRP B 61 -29.36 -28.87 -30.94
C TRP B 61 -28.93 -29.69 -32.15
N ALA B 62 -28.91 -31.02 -32.00
CA ALA B 62 -28.51 -31.88 -33.14
C ALA B 62 -29.36 -31.67 -34.40
N ASP B 63 -30.70 -31.65 -34.27
CA ASP B 63 -31.58 -31.48 -35.44
C ASP B 63 -31.63 -30.06 -36.03
N GLY B 64 -30.83 -29.13 -35.47
CA GLY B 64 -30.68 -27.79 -36.02
C GLY B 64 -31.54 -26.72 -35.37
N SER B 65 -32.35 -27.14 -34.39
CA SER B 65 -33.23 -26.24 -33.62
C SER B 65 -32.47 -25.41 -32.59
N LEU B 66 -33.13 -24.39 -32.03
CA LEU B 66 -32.46 -23.46 -31.13
C LEU B 66 -32.19 -24.05 -29.77
N LYS B 67 -30.93 -23.97 -29.34
CA LYS B 67 -30.48 -24.49 -28.03
C LYS B 67 -30.23 -23.36 -27.03
N TRP B 68 -29.32 -22.45 -27.37
CA TRP B 68 -29.07 -21.20 -26.65
C TRP B 68 -29.11 -19.98 -27.60
N THR B 69 -29.89 -18.96 -27.23
CA THR B 69 -29.85 -17.68 -27.90
C THR B 69 -29.16 -16.66 -27.05
N ALA B 70 -28.95 -15.51 -27.66
CA ALA B 70 -28.41 -14.36 -27.02
C ALA B 70 -29.25 -13.18 -27.49
N HIS B 71 -29.36 -12.16 -26.64
CA HIS B 71 -30.24 -11.03 -26.87
C HIS B 71 -29.58 -9.76 -26.35
N ALA B 72 -29.94 -8.63 -26.96
CA ALA B 72 -29.38 -7.35 -26.57
C ALA B 72 -30.52 -6.39 -26.38
N ILE B 73 -30.37 -5.53 -25.35
CA ILE B 73 -31.19 -4.34 -25.15
C ILE B 73 -30.36 -3.05 -25.10
N ALA B 74 -30.93 -1.97 -25.62
CA ALA B 74 -30.31 -0.64 -25.50
C ALA B 74 -30.26 -0.09 -24.07
N GLU B 75 -29.38 0.88 -23.83
CA GLU B 75 -29.35 1.67 -22.57
C GLU B 75 -30.67 2.37 -22.48
N SER B 76 -31.27 2.30 -21.29
CA SER B 76 -32.60 2.85 -21.02
C SER B 76 -32.62 3.41 -19.60
N ASN B 77 -33.24 4.59 -19.47
CA ASN B 77 -33.56 5.19 -18.17
C ASN B 77 -34.61 4.39 -17.43
N GLN B 78 -35.53 3.77 -18.18
CA GLN B 78 -36.52 2.86 -17.60
C GLN B 78 -35.85 1.50 -17.41
N ILE B 79 -35.89 0.96 -16.19
CA ILE B 79 -35.29 -0.34 -15.83
C ILE B 79 -36.30 -1.19 -15.09
N TYR B 80 -36.41 -2.47 -15.38
CA TYR B 80 -37.46 -3.33 -14.82
C TYR B 80 -36.89 -4.43 -13.89
N ASP B 81 -37.77 -5.05 -13.10
CA ASP B 81 -37.39 -6.11 -12.15
C ASP B 81 -37.04 -7.35 -12.92
N GLN B 82 -37.86 -7.61 -13.91
CA GLN B 82 -37.68 -8.71 -14.81
C GLN B 82 -37.95 -8.29 -16.25
N TYR B 83 -37.46 -9.09 -17.20
CA TYR B 83 -37.75 -8.90 -18.62
C TYR B 83 -38.17 -10.26 -19.17
N THR B 84 -39.32 -10.27 -19.86
CA THR B 84 -39.91 -11.52 -20.36
C THR B 84 -39.82 -11.58 -21.89
N VAL B 85 -39.21 -12.64 -22.39
CA VAL B 85 -39.02 -12.85 -23.81
C VAL B 85 -40.01 -13.92 -24.23
N THR B 86 -40.85 -13.59 -25.22
CA THR B 86 -41.73 -14.56 -25.83
C THR B 86 -41.17 -15.01 -27.18
N ALA B 87 -41.22 -16.31 -27.44
CA ALA B 87 -40.85 -16.90 -28.71
C ALA B 87 -42.08 -17.46 -29.39
N SER B 88 -42.19 -17.18 -30.68
CA SER B 88 -43.33 -17.64 -31.46
C SER B 88 -42.79 -18.21 -32.77
N SER B 89 -43.34 -19.36 -33.16
CA SER B 89 -42.91 -20.08 -34.36
C SER B 89 -43.47 -19.37 -35.59
N LEU B 90 -43.20 -19.91 -36.78
CA LEU B 90 -43.56 -19.20 -38.00
C LEU B 90 -45.06 -18.98 -38.15
N GLY B 91 -45.85 -20.00 -37.90
CA GLY B 91 -47.26 -19.97 -38.29
C GLY B 91 -48.18 -19.32 -37.27
N CYS B 92 -47.98 -18.03 -36.99
CA CYS B 92 -48.38 -17.48 -35.70
C CYS B 92 -49.15 -16.14 -35.73
N SER B 108 -31.63 3.07 -31.94
CA SER B 108 -31.03 2.33 -33.08
C SER B 108 -29.66 2.85 -33.66
N ILE B 109 -28.59 2.04 -33.57
CA ILE B 109 -27.20 2.47 -33.88
C ILE B 109 -27.00 2.66 -35.38
N VAL B 110 -26.10 3.58 -35.78
CA VAL B 110 -25.84 3.91 -37.20
C VAL B 110 -24.33 3.83 -37.51
N VAL B 111 -23.97 2.86 -38.37
CA VAL B 111 -22.56 2.68 -38.80
C VAL B 111 -22.35 3.35 -40.16
N THR B 112 -21.18 3.95 -40.35
CA THR B 112 -20.87 4.67 -41.58
C THR B 112 -19.44 4.30 -41.94
N ASP B 113 -19.19 4.15 -43.24
CA ASP B 113 -17.87 3.83 -43.79
C ASP B 113 -17.28 5.01 -44.65
N ASN B 114 -16.18 5.60 -44.20
CA ASN B 114 -15.30 6.40 -45.04
C ASN B 114 -14.27 5.40 -45.58
N SER B 115 -13.51 5.79 -46.59
CA SER B 115 -12.59 4.87 -47.28
C SER B 115 -11.26 4.94 -46.56
N ASP B 116 -11.27 4.59 -45.26
CA ASP B 116 -10.30 5.15 -44.30
C ASP B 116 -10.52 4.72 -42.85
N ALA B 117 -11.75 4.91 -42.40
CA ALA B 117 -12.16 4.67 -41.02
C ALA B 117 -13.66 4.55 -40.92
N LEU B 118 -14.09 3.89 -39.86
CA LEU B 118 -15.47 3.48 -39.65
C LEU B 118 -16.03 4.15 -38.39
N THR B 119 -17.23 4.75 -38.44
CA THR B 119 -17.82 5.35 -37.23
C THR B 119 -19.10 4.68 -36.76
N VAL B 120 -19.12 4.25 -35.48
CA VAL B 120 -20.32 3.70 -34.86
C VAL B 120 -20.98 4.81 -34.08
N ASN B 121 -22.29 5.01 -34.30
CA ASN B 121 -23.02 6.11 -33.66
C ASN B 121 -24.21 5.57 -32.90
N THR B 122 -24.09 5.57 -31.57
CA THR B 122 -25.08 4.95 -30.71
C THR B 122 -26.34 5.80 -30.58
N GLY B 123 -26.27 7.07 -30.97
CA GLY B 123 -27.33 8.06 -30.65
C GLY B 123 -26.90 9.06 -29.57
N GLU B 124 -26.07 8.60 -28.63
CA GLU B 124 -25.56 9.41 -27.53
C GLU B 124 -24.10 9.77 -27.78
N VAL B 125 -23.31 8.81 -28.29
CA VAL B 125 -21.91 9.01 -28.67
C VAL B 125 -21.64 8.59 -30.13
N ALA B 126 -20.51 9.04 -30.68
CA ALA B 126 -20.06 8.62 -32.02
C ALA B 126 -18.54 8.40 -32.09
N VAL B 127 -18.15 7.15 -32.33
CA VAL B 127 -16.74 6.72 -32.21
C VAL B 127 -16.21 6.30 -33.59
N SER B 128 -15.09 6.88 -34.01
CA SER B 128 -14.42 6.49 -35.26
C SER B 128 -13.19 5.60 -35.02
N PHE B 129 -13.18 4.44 -35.69
CA PHE B 129 -12.12 3.45 -35.59
C PHE B 129 -11.35 3.39 -36.93
N PRO B 130 -10.11 3.89 -36.97
CA PRO B 130 -9.30 3.65 -38.15
C PRO B 130 -9.15 2.16 -38.49
N LYS B 131 -8.93 1.87 -39.77
CA LYS B 131 -8.78 0.52 -40.32
C LYS B 131 -7.31 0.12 -40.39
N GLY B 132 -6.40 1.08 -40.12
CA GLY B 132 -4.96 0.82 -40.01
C GLY B 132 -4.26 1.92 -39.25
N GLY B 133 -2.96 1.77 -39.04
CA GLY B 133 -2.16 2.76 -38.28
C GLY B 133 -2.03 2.43 -36.80
N ASN B 134 -1.29 3.27 -36.07
CA ASN B 134 -1.06 3.06 -34.65
C ASN B 134 -2.02 3.81 -33.69
N VAL B 135 -3.15 4.28 -34.25
CA VAL B 135 -4.28 4.85 -33.52
C VAL B 135 -5.51 3.99 -33.79
N ILE B 136 -6.23 3.67 -32.73
CA ILE B 136 -7.32 2.69 -32.74
C ILE B 136 -8.71 3.30 -32.53
N ILE B 137 -8.76 4.44 -31.83
CA ILE B 137 -9.95 5.30 -31.85
C ILE B 137 -9.55 6.70 -32.29
N GLY B 138 -10.14 7.15 -33.40
CA GLY B 138 -9.73 8.40 -34.03
C GLY B 138 -10.23 9.60 -33.27
N ASP B 139 -11.55 9.62 -33.05
CA ASP B 139 -12.18 10.59 -32.17
C ASP B 139 -13.52 10.09 -31.56
N ILE B 140 -13.91 10.74 -30.46
CA ILE B 140 -15.18 10.49 -29.77
C ILE B 140 -15.92 11.80 -29.65
N LYS B 141 -17.12 11.81 -30.25
CA LYS B 141 -17.98 12.98 -30.37
C LYS B 141 -19.24 12.67 -29.61
N THR B 142 -19.78 13.69 -28.94
CA THR B 142 -21.06 13.59 -28.22
C THR B 142 -22.16 13.96 -29.17
N LYS B 143 -23.41 13.71 -28.80
CA LYS B 143 -24.54 13.90 -29.74
C LYS B 143 -24.67 15.33 -30.30
N SER B 144 -24.23 16.33 -29.54
CA SER B 144 -24.10 17.70 -30.07
C SER B 144 -23.08 17.82 -31.24
N GLY B 145 -22.02 16.98 -31.26
CA GLY B 145 -20.95 17.04 -32.29
C GLY B 145 -19.57 17.45 -31.78
N LYS B 146 -19.44 17.63 -30.47
CA LYS B 146 -18.22 18.12 -29.88
C LYS B 146 -17.27 16.93 -29.71
N VAL B 147 -15.98 17.15 -29.97
CA VAL B 147 -15.01 16.09 -29.82
C VAL B 147 -14.52 16.15 -28.37
N ILE B 148 -14.85 15.08 -27.64
CA ILE B 148 -14.52 14.99 -26.19
C ILE B 148 -13.20 14.26 -25.93
N GLY B 149 -12.83 13.37 -26.86
CA GLY B 149 -11.53 12.71 -26.83
C GLY B 149 -11.15 12.13 -28.19
N ALA B 150 -9.87 11.86 -28.35
CA ALA B 150 -9.32 11.46 -29.64
C ALA B 150 -8.01 10.69 -29.46
N ASN B 151 -7.64 9.89 -30.46
CA ASN B 151 -6.35 9.19 -30.47
C ASN B 151 -6.29 8.11 -29.40
N GLY B 152 -7.30 7.27 -29.38
CA GLY B 152 -7.25 6.10 -28.54
C GLY B 152 -6.14 5.25 -29.10
N ARG B 153 -5.17 4.94 -28.26
CA ARG B 153 -4.02 4.15 -28.65
C ARG B 153 -3.66 3.14 -27.56
N LEU B 154 -3.23 1.94 -27.96
CA LEU B 154 -2.63 0.94 -27.05
C LEU B 154 -1.18 1.34 -26.86
N VAL B 155 -0.69 1.23 -25.62
CA VAL B 155 0.67 1.69 -25.25
C VAL B 155 1.36 0.53 -24.57
N LEU B 156 2.68 0.49 -24.70
CA LEU B 156 3.48 -0.60 -24.17
C LEU B 156 4.88 -0.12 -24.03
N GLN B 157 5.52 -0.46 -22.93
CA GLN B 157 6.91 -0.15 -22.71
C GLN B 157 7.57 -1.43 -22.21
N SER B 158 8.81 -1.68 -22.61
CA SER B 158 9.54 -2.86 -22.14
C SER B 158 10.99 -2.50 -21.86
N GLN B 159 11.67 -3.39 -21.14
CA GLN B 159 13.11 -3.30 -20.92
C GLN B 159 13.75 -4.70 -21.13
N ASP B 160 15.06 -4.70 -21.33
CA ASP B 160 15.79 -5.82 -21.95
C ASP B 160 16.54 -6.72 -20.96
N SER B 161 16.84 -6.18 -19.79
CA SER B 161 17.27 -6.96 -18.64
C SER B 161 16.76 -6.28 -17.38
N VAL B 162 16.86 -7.02 -16.29
CA VAL B 162 16.58 -6.48 -14.97
C VAL B 162 17.89 -6.61 -14.19
N PRO B 163 18.15 -5.69 -13.26
CA PRO B 163 19.28 -5.92 -12.31
C PRO B 163 19.04 -7.11 -11.36
N ASP B 164 20.12 -7.68 -10.81
CA ASP B 164 20.00 -8.75 -9.80
C ASP B 164 19.38 -8.19 -8.50
N ASN B 165 19.95 -7.09 -8.03
CA ASN B 165 19.51 -6.39 -6.83
C ASN B 165 19.57 -4.86 -7.08
N PHE B 166 19.14 -4.06 -6.10
CA PHE B 166 19.11 -2.60 -6.26
C PHE B 166 20.51 -2.00 -6.41
N ASP B 167 21.51 -2.57 -5.73
CA ASP B 167 22.88 -2.03 -5.80
C ASP B 167 23.48 -2.19 -7.20
N ASN B 168 23.10 -3.29 -7.85
CA ASN B 168 23.48 -3.64 -9.23
C ASN B 168 23.14 -2.64 -10.37
N ARG B 169 22.35 -1.61 -10.10
CA ARG B 169 21.84 -0.71 -11.13
C ARG B 169 22.90 0.27 -11.61
N ALA B 170 23.93 0.50 -10.79
CA ALA B 170 25.09 1.30 -11.23
C ALA B 170 25.87 0.57 -12.32
N ASN B 171 26.22 -0.70 -12.04
CA ASN B 171 26.92 -1.59 -13.00
C ASN B 171 25.96 -2.58 -13.67
N SER B 172 25.08 -2.04 -14.50
CA SER B 172 24.29 -2.85 -15.43
C SER B 172 23.08 -2.14 -16.02
N PRO B 173 23.29 -0.94 -16.65
CA PRO B 173 22.14 -0.13 -17.09
C PRO B 173 21.41 -0.80 -18.26
N ILE B 174 20.18 -0.36 -18.50
CA ILE B 174 19.22 -1.19 -19.22
C ILE B 174 18.45 -0.40 -20.29
N GLN B 175 18.18 -1.05 -21.43
CA GLN B 175 17.61 -0.40 -22.62
C GLN B 175 16.07 -0.49 -22.64
N TYR B 176 15.43 0.65 -22.37
CA TYR B 176 13.98 0.79 -22.42
C TYR B 176 13.53 0.94 -23.87
N SER B 177 12.27 0.59 -24.15
CA SER B 177 11.75 0.66 -25.50
C SER B 177 10.26 0.86 -25.47
N ASN B 178 9.76 1.95 -26.06
CA ASN B 178 8.31 2.19 -26.19
C ASN B 178 7.76 1.58 -27.48
N PHE B 179 6.50 1.18 -27.42
CA PHE B 179 5.74 0.56 -28.51
C PHE B 179 4.33 1.15 -28.49
N ASP B 180 3.63 0.96 -29.60
CA ASP B 180 2.19 1.19 -29.65
C ASP B 180 1.51 0.20 -30.60
N GLY B 181 0.19 0.13 -30.48
CA GLY B 181 -0.58 -0.92 -31.14
C GLY B 181 -0.89 -0.64 -32.60
N ASN B 182 -0.29 -1.44 -33.48
CA ASN B 182 -0.49 -1.40 -34.91
C ASN B 182 -1.67 -2.29 -35.27
N ILE B 183 -2.59 -1.75 -36.04
CA ILE B 183 -3.80 -2.47 -36.46
C ILE B 183 -3.52 -3.24 -37.73
N ASN B 184 -4.10 -4.43 -37.82
CA ASN B 184 -3.98 -5.26 -39.00
C ASN B 184 -5.33 -5.62 -39.57
N GLU B 185 -6.21 -6.16 -38.75
CA GLU B 185 -7.61 -6.44 -39.15
C GLU B 185 -8.50 -5.64 -38.25
N VAL B 186 -9.69 -5.30 -38.77
CA VAL B 186 -10.80 -4.70 -37.99
C VAL B 186 -12.09 -5.34 -38.47
N PHE B 187 -12.92 -5.81 -37.55
CA PHE B 187 -14.23 -6.41 -37.87
C PHE B 187 -15.35 -5.65 -37.20
N VAL B 188 -16.57 -5.83 -37.72
CA VAL B 188 -17.77 -5.18 -37.20
C VAL B 188 -18.89 -6.19 -37.20
N ASN B 189 -19.37 -6.57 -36.04
CA ASN B 189 -20.67 -7.19 -35.93
C ASN B 189 -21.60 -6.07 -35.54
N GLN B 190 -22.47 -5.69 -36.47
CA GLN B 190 -23.39 -4.57 -36.29
C GLN B 190 -24.79 -5.07 -36.25
N THR B 191 -25.53 -4.46 -35.34
CA THR B 191 -26.92 -4.77 -35.10
C THR B 191 -27.58 -3.48 -34.63
N SER B 192 -28.91 -3.47 -34.52
CA SER B 192 -29.64 -2.26 -34.13
C SER B 192 -29.30 -1.79 -32.68
N ALA B 193 -29.42 -2.71 -31.71
CA ALA B 193 -29.25 -2.47 -30.26
C ALA B 193 -27.82 -2.49 -29.78
N ARG B 194 -26.97 -3.17 -30.54
CA ARG B 194 -25.60 -3.46 -30.14
C ARG B 194 -24.66 -3.58 -31.34
N THR B 195 -23.43 -3.10 -31.20
CA THR B 195 -22.49 -3.10 -32.30
C THR B 195 -21.09 -3.36 -31.78
N LEU B 196 -20.57 -4.55 -32.10
CA LEU B 196 -19.27 -4.98 -31.62
C LEU B 196 -18.21 -4.66 -32.65
N VAL B 197 -17.16 -3.92 -32.27
CA VAL B 197 -16.05 -3.64 -33.15
C VAL B 197 -14.83 -4.37 -32.65
N THR B 198 -14.32 -5.35 -33.40
CA THR B 198 -13.11 -6.10 -33.02
C THR B 198 -11.90 -5.60 -33.78
N VAL B 199 -10.76 -5.44 -33.11
CA VAL B 199 -9.58 -4.84 -33.72
C VAL B 199 -8.35 -5.64 -33.34
N ARG B 200 -7.76 -6.39 -34.27
CA ARG B 200 -6.59 -7.23 -33.97
C ARG B 200 -5.37 -6.54 -34.39
N GLY B 201 -4.25 -6.90 -33.80
CA GLY B 201 -3.04 -6.14 -34.08
C GLY B 201 -1.86 -6.64 -33.27
N ASN B 202 -0.81 -5.83 -33.20
CA ASN B 202 0.34 -6.16 -32.34
C ASN B 202 1.14 -4.91 -32.05
N HIS B 203 2.08 -5.03 -31.12
CA HIS B 203 2.75 -3.84 -30.61
C HIS B 203 4.01 -3.60 -31.40
N THR B 204 4.05 -2.45 -32.03
CA THR B 204 5.02 -2.08 -33.07
C THR B 204 5.78 -0.92 -32.53
N VAL B 205 7.09 -1.10 -32.36
CA VAL B 205 8.01 -0.10 -31.74
C VAL B 205 7.89 1.34 -32.27
N THR B 206 8.36 2.31 -31.47
CA THR B 206 8.47 3.72 -31.88
C THR B 206 9.82 4.31 -31.39
N ASP B 207 9.83 4.75 -30.13
CA ASP B 207 11.03 5.23 -29.44
C ASP B 207 11.75 4.03 -28.72
N GLY B 208 13.04 4.18 -28.42
CA GLY B 208 13.90 3.12 -27.81
C GLY B 208 14.53 2.15 -28.81
N THR B 209 15.27 1.14 -28.33
CA THR B 209 15.96 0.12 -29.20
C THR B 209 15.02 -0.60 -30.21
N ASP B 210 15.48 -0.81 -31.46
CA ASP B 210 14.69 -1.52 -32.49
C ASP B 210 14.25 -2.85 -31.90
N HIS B 211 13.04 -3.27 -32.28
CA HIS B 211 12.43 -4.46 -31.72
C HIS B 211 11.32 -4.90 -32.67
N ASP B 212 11.23 -6.19 -32.91
CA ASP B 212 10.23 -6.72 -33.84
C ASP B 212 8.85 -6.49 -33.26
N PRO B 213 7.83 -6.38 -34.10
CA PRO B 213 6.47 -6.43 -33.55
C PRO B 213 6.23 -7.62 -32.59
N TRP B 214 5.53 -7.39 -31.49
CA TRP B 214 5.15 -8.47 -30.57
C TRP B 214 3.85 -8.20 -29.81
N LEU B 215 3.55 -9.07 -28.86
CA LEU B 215 2.41 -8.85 -27.95
C LEU B 215 1.15 -8.66 -28.79
N PRO B 216 0.82 -9.67 -29.54
CA PRO B 216 -0.43 -9.60 -30.29
C PRO B 216 -1.59 -9.23 -29.38
N PHE B 217 -2.52 -8.43 -29.89
CA PHE B 217 -3.70 -8.00 -29.14
C PHE B 217 -5.01 -8.21 -29.86
N VAL B 218 -6.10 -8.13 -29.09
CA VAL B 218 -7.48 -8.05 -29.59
C VAL B 218 -8.25 -7.12 -28.65
N VAL B 219 -8.95 -6.11 -29.20
CA VAL B 219 -9.78 -5.19 -28.42
C VAL B 219 -11.18 -5.17 -29.00
N ARG B 220 -12.12 -5.77 -28.27
CA ARG B 220 -13.51 -5.74 -28.64
C ARG B 220 -14.20 -4.55 -27.97
N PHE B 221 -14.77 -3.65 -28.78
CA PHE B 221 -15.54 -2.48 -28.34
C PHE B 221 -17.03 -2.75 -28.45
N TYR B 222 -17.74 -2.85 -27.34
CA TYR B 222 -19.16 -3.01 -27.35
C TYR B 222 -19.75 -1.62 -27.23
N LEU B 223 -20.69 -1.31 -28.14
CA LEU B 223 -21.41 -0.02 -28.12
C LEU B 223 -22.88 -0.38 -28.23
N TYR B 224 -23.70 0.23 -27.40
CA TYR B 224 -25.15 0.01 -27.47
C TYR B 224 -25.88 1.29 -27.75
N ALA B 225 -27.03 1.09 -28.40
CA ALA B 225 -27.99 2.14 -28.71
C ALA B 225 -28.26 2.97 -27.48
N ASN B 226 -28.13 4.29 -27.63
CA ASN B 226 -28.49 5.27 -26.61
C ASN B 226 -27.56 5.24 -25.39
N SER B 227 -26.33 4.78 -25.57
CA SER B 227 -25.35 4.79 -24.48
C SER B 227 -24.13 5.54 -24.90
N ALA B 228 -23.48 6.19 -23.93
CA ALA B 228 -22.18 6.83 -24.12
C ALA B 228 -21.15 6.13 -23.26
N THR B 229 -21.45 4.91 -22.87
CA THR B 229 -20.42 4.10 -22.26
C THR B 229 -20.09 3.00 -23.26
N ILE B 230 -18.80 2.76 -23.38
CA ILE B 230 -18.26 1.78 -24.29
C ILE B 230 -17.53 0.74 -23.43
N LYS B 231 -18.04 -0.50 -23.42
CA LYS B 231 -17.33 -1.63 -22.79
C LYS B 231 -16.18 -2.05 -23.70
N VAL B 232 -15.02 -2.38 -23.13
CA VAL B 232 -13.78 -2.63 -23.89
C VAL B 232 -13.04 -3.91 -23.37
N HIS B 234 -10.00 -5.90 -23.61
CA HIS B 234 -8.63 -5.82 -24.06
C HIS B 234 -7.89 -7.10 -23.66
N SER B 235 -7.74 -8.03 -24.63
CA SER B 235 -7.02 -9.30 -24.49
C SER B 235 -5.61 -9.20 -25.08
N ILE B 236 -4.68 -9.95 -24.52
CA ILE B 236 -3.31 -9.92 -24.98
C ILE B 236 -2.65 -11.31 -24.86
N VAL B 237 -1.73 -11.64 -25.78
CA VAL B 237 -1.02 -12.94 -25.78
C VAL B 237 0.44 -12.64 -25.60
N PHE B 238 1.06 -13.18 -24.55
CA PHE B 238 2.45 -12.87 -24.25
C PHE B 238 3.29 -13.82 -25.11
N ASP B 239 4.25 -13.25 -25.85
CA ASP B 239 4.99 -14.00 -26.86
C ASP B 239 6.46 -13.59 -26.95
N GLY B 240 7.06 -13.24 -25.82
CA GLY B 240 8.39 -12.65 -25.77
C GLY B 240 9.41 -13.65 -25.26
N ASP B 241 10.66 -13.22 -25.24
CA ASP B 241 11.82 -14.00 -24.78
C ASP B 241 11.89 -13.91 -23.25
N GLU B 242 12.89 -14.58 -22.68
CA GLU B 242 13.43 -14.29 -21.34
C GLU B 242 13.92 -12.83 -21.20
N ASN B 243 14.23 -12.18 -22.32
CA ASN B 243 14.69 -10.79 -22.36
C ASN B 243 13.59 -9.74 -22.51
N ASP B 244 12.36 -10.17 -22.75
CA ASP B 244 11.25 -9.21 -22.84
C ASP B 244 10.54 -9.09 -21.47
N PHE B 245 10.88 -8.01 -20.74
CA PHE B 245 10.25 -7.64 -19.49
C PHE B 245 9.34 -6.46 -19.78
N ILE B 246 8.02 -6.64 -19.59
CA ILE B 246 7.03 -5.55 -19.73
C ILE B 246 7.06 -4.59 -18.53
N THR B 247 7.39 -3.32 -18.76
CA THR B 247 7.46 -2.29 -17.69
C THR B 247 6.22 -1.40 -17.62
N GLY B 248 5.37 -1.45 -18.64
CA GLY B 248 4.19 -0.59 -18.74
C GLY B 248 3.28 -1.04 -19.85
N LEU B 249 1.99 -1.19 -19.56
CA LEU B 249 1.02 -1.61 -20.53
C LEU B 249 -0.25 -0.81 -20.26
N GLY B 250 -0.90 -0.29 -21.31
CA GLY B 250 -2.01 0.64 -21.14
C GLY B 250 -2.79 1.06 -22.37
N ILE B 251 -3.77 1.93 -22.12
CA ILE B 251 -4.64 2.56 -23.14
C ILE B 251 -4.59 4.06 -22.87
N ARG B 252 -4.50 4.86 -23.91
CA ARG B 252 -4.29 6.28 -23.75
C ARG B 252 -5.15 7.10 -24.72
N PHE B 253 -5.72 8.20 -24.22
CA PHE B 253 -6.48 9.13 -25.07
C PHE B 253 -5.94 10.53 -25.00
N ASP B 254 -6.20 11.29 -26.06
CA ASP B 254 -6.03 12.74 -26.05
C ASP B 254 -7.40 13.36 -25.69
N VAL B 255 -7.42 14.37 -24.84
CA VAL B 255 -8.64 15.06 -24.46
C VAL B 255 -8.36 16.49 -24.87
N PRO B 256 -9.23 17.09 -25.71
CA PRO B 256 -8.94 18.43 -26.27
C PRO B 256 -8.75 19.62 -25.31
N LEU B 257 -9.80 20.13 -24.68
CA LEU B 257 -9.70 21.29 -23.78
C LEU B 257 -8.86 22.57 -24.15
N LYS B 258 -8.92 23.01 -25.41
CA LYS B 258 -8.17 24.20 -25.89
C LYS B 258 -8.89 25.49 -25.47
N GLY B 259 -10.18 25.55 -25.80
CA GLY B 259 -11.00 26.70 -25.41
C GLY B 259 -11.16 26.96 -23.91
N GLU B 260 -11.20 25.88 -23.13
CA GLU B 260 -11.53 25.89 -21.70
C GLU B 260 -10.48 26.58 -20.82
N GLU B 261 -10.96 27.42 -19.91
CA GLU B 261 -10.10 28.17 -18.98
CA GLU B 261 -10.13 28.18 -18.99
C GLU B 261 -9.60 27.28 -17.85
N TYR B 262 -8.36 27.54 -17.41
CA TYR B 262 -7.64 26.66 -16.47
C TYR B 262 -8.51 26.17 -15.29
N TYR B 263 -9.30 27.10 -14.74
CA TYR B 263 -10.19 26.88 -13.58
C TYR B 263 -11.55 26.30 -13.99
N ASP B 264 -11.74 26.00 -15.28
CA ASP B 264 -12.92 25.27 -15.76
C ASP B 264 -12.59 23.87 -16.24
N ARG B 265 -11.33 23.45 -16.06
CA ARG B 265 -10.84 22.11 -16.42
C ARG B 265 -10.80 21.29 -15.17
N HIS B 266 -11.42 20.14 -15.24
CA HIS B 266 -11.71 19.38 -14.08
C HIS B 266 -11.10 18.00 -14.14
N ILE B 267 -10.63 17.57 -12.97
CA ILE B 267 -9.98 16.28 -12.78
C ILE B 267 -10.74 15.51 -11.72
N ARG B 268 -11.12 14.29 -12.01
CA ARG B 268 -11.65 13.43 -10.98
C ARG B 268 -10.89 12.09 -10.93
N PHE B 269 -10.90 11.47 -9.76
CA PHE B 269 -10.39 10.12 -9.57
C PHE B 269 -11.37 9.41 -8.67
N ALA B 270 -11.80 8.20 -9.00
CA ALA B 270 -12.48 7.40 -8.01
C ALA B 270 -11.50 7.03 -6.91
N GLY B 271 -12.00 7.03 -5.69
CA GLY B 271 -11.22 6.67 -4.54
C GLY B 271 -11.79 5.40 -3.94
N VAL B 272 -12.04 5.42 -2.64
CA VAL B 272 -12.39 4.22 -1.91
C VAL B 272 -13.88 4.25 -1.73
N ASP B 273 -14.51 3.16 -2.19
CA ASP B 273 -15.84 2.79 -1.75
C ASP B 273 -16.86 3.95 -1.78
N GLY B 274 -17.18 4.38 -3.00
CA GLY B 274 -18.06 5.52 -3.25
C GLY B 274 -17.32 6.83 -3.42
N GLY B 275 -16.11 6.92 -2.90
CA GLY B 275 -15.34 8.15 -3.02
C GLY B 275 -14.98 8.66 -4.41
N ILE B 276 -14.98 9.99 -4.56
CA ILE B 276 -14.40 10.69 -5.70
C ILE B 276 -13.52 11.84 -5.18
N PHE B 277 -12.40 12.06 -5.86
CA PHE B 277 -11.48 13.18 -5.66
C PHE B 277 -11.84 14.24 -6.70
N ASN B 278 -11.82 15.51 -6.32
CA ASN B 278 -12.44 16.58 -7.15
C ASN B 278 -11.59 17.82 -7.12
N GLU B 279 -10.76 18.01 -8.13
CA GLU B 279 -9.92 19.22 -8.19
C GLU B 279 -10.10 19.86 -9.54
N ALA B 280 -9.37 20.94 -9.77
CA ALA B 280 -9.40 21.62 -11.02
C ALA B 280 -8.02 22.06 -11.39
N VAL B 281 -7.78 22.31 -12.66
CA VAL B 281 -6.40 22.48 -13.12
C VAL B 281 -5.81 23.67 -12.41
N GLN B 282 -6.60 24.74 -12.34
CA GLN B 282 -6.31 25.95 -11.51
C GLN B 282 -7.43 26.16 -10.48
N GLY B 283 -7.14 25.77 -9.23
CA GLY B 283 -8.11 25.83 -8.16
C GLY B 283 -8.30 27.22 -7.59
N ILE B 284 -9.57 27.53 -7.40
CA ILE B 284 -10.10 28.81 -6.92
C ILE B 284 -10.64 28.70 -5.45
N THR B 285 -10.66 27.49 -4.90
CA THR B 285 -11.06 27.22 -3.55
C THR B 285 -9.82 27.18 -2.67
N GLY B 286 -10.03 27.36 -1.38
CA GLY B 286 -8.93 27.38 -0.43
C GLY B 286 -7.94 28.51 -0.55
N LEU B 287 -8.25 29.52 -1.34
CA LEU B 287 -7.31 30.64 -1.55
C LEU B 287 -7.25 31.57 -0.33
N ARG B 288 -6.31 32.50 -0.35
CA ARG B 288 -6.24 33.51 0.69
C ARG B 288 -7.42 34.48 0.64
N ARG B 289 -8.03 34.62 -0.54
CA ARG B 289 -9.16 35.52 -0.80
C ARG B 289 -10.26 34.73 -1.48
N ASP B 290 -11.48 35.05 -1.14
CA ASP B 290 -12.63 34.35 -1.65
C ASP B 290 -13.15 35.04 -2.94
N PRO B 291 -13.13 34.33 -4.07
CA PRO B 291 -13.80 34.92 -5.27
C PRO B 291 -15.32 35.10 -5.10
N GLY B 292 -15.93 34.23 -4.30
CA GLY B 292 -17.38 34.18 -4.11
C GLY B 292 -17.85 32.79 -3.71
N GLU B 293 -18.64 32.68 -2.66
CA GLU B 293 -19.13 31.38 -2.27
C GLU B 293 -19.77 30.61 -3.46
N GLU B 294 -20.64 31.28 -4.22
CA GLU B 294 -21.26 30.67 -5.41
C GLU B 294 -20.20 30.17 -6.44
N ILE B 295 -19.15 30.99 -6.68
CA ILE B 295 -18.05 30.61 -7.59
C ILE B 295 -17.44 29.31 -7.04
N ARG B 296 -16.90 29.38 -5.83
CA ARG B 296 -16.21 28.25 -5.19
C ARG B 296 -17.04 26.99 -5.25
N ALA B 297 -18.33 27.08 -5.01
CA ALA B 297 -19.18 25.88 -5.02
C ALA B 297 -19.34 25.29 -6.42
N ALA B 298 -19.18 26.14 -7.43
CA ALA B 298 -19.38 25.74 -8.82
C ALA B 298 -18.16 24.95 -9.35
N GLN B 299 -16.96 25.44 -9.05
CA GLN B 299 -15.75 24.68 -9.36
C GLN B 299 -15.77 23.32 -8.68
N PHE B 300 -16.11 23.31 -7.41
CA PHE B 300 -16.22 22.04 -6.78
C PHE B 300 -17.25 21.15 -7.51
N ALA B 301 -18.35 21.68 -8.03
CA ALA B 301 -19.37 20.84 -8.74
C ALA B 301 -19.09 20.58 -10.25
N GLY B 302 -17.97 21.09 -10.76
CA GLY B 302 -17.63 20.96 -12.17
C GLY B 302 -18.43 21.82 -13.15
N GLN B 303 -18.92 22.94 -12.66
CA GLN B 303 -19.67 23.88 -13.47
C GLN B 303 -18.77 25.01 -14.00
N LYS B 304 -19.22 25.60 -15.10
CA LYS B 304 -18.54 26.76 -15.65
C LYS B 304 -18.63 27.92 -14.64
N LEU B 305 -17.50 28.57 -14.44
CA LEU B 305 -17.44 29.66 -13.51
C LEU B 305 -18.01 30.91 -14.16
N ALA B 306 -18.87 31.61 -13.43
CA ALA B 306 -19.39 32.91 -13.86
C ALA B 306 -18.26 33.82 -14.36
N ASP B 307 -18.63 34.75 -15.24
CA ASP B 307 -17.69 35.71 -15.85
C ASP B 307 -16.77 36.28 -14.77
N THR B 308 -15.48 36.48 -15.08
CA THR B 308 -14.48 36.99 -14.09
C THR B 308 -14.84 38.39 -13.52
N GLU B 309 -15.64 39.15 -14.27
CA GLU B 309 -16.11 40.45 -13.81
C GLU B 309 -17.01 40.34 -12.59
N THR B 310 -17.78 39.24 -12.44
CA THR B 310 -18.60 38.98 -11.21
C THR B 310 -17.86 38.44 -9.95
N TRP B 311 -16.55 38.31 -10.02
CA TRP B 311 -15.73 37.84 -8.92
C TRP B 311 -15.31 39.00 -8.02
N GLU B 312 -14.87 38.64 -6.83
CA GLU B 312 -14.10 39.54 -6.00
C GLU B 312 -12.84 39.93 -6.80
N PRO B 313 -12.61 41.21 -7.10
CA PRO B 313 -11.42 41.58 -7.88
C PRO B 313 -10.07 41.27 -7.22
N ARG B 314 -10.03 41.08 -5.92
CA ARG B 314 -8.79 40.66 -5.27
C ARG B 314 -8.35 39.26 -5.73
N VAL B 315 -9.30 38.44 -6.14
CA VAL B 315 -9.02 37.14 -6.74
C VAL B 315 -8.85 37.16 -8.26
N SER B 316 -9.62 37.99 -8.99
CA SER B 316 -9.65 37.93 -10.48
C SER B 316 -8.38 38.50 -11.12
N THR B 317 -7.93 39.68 -10.67
CA THR B 317 -6.51 40.06 -10.85
C THR B 317 -5.74 38.95 -10.18
N ARG B 318 -4.44 38.86 -10.34
CA ARG B 318 -3.70 37.80 -9.59
C ARG B 318 -4.04 36.31 -9.91
N LEU B 319 -4.99 36.01 -10.77
CA LEU B 319 -5.13 34.64 -11.29
C LEU B 319 -3.81 34.10 -11.84
N LYS B 320 -3.03 34.96 -12.45
CA LYS B 320 -1.64 34.66 -12.85
C LYS B 320 -0.79 33.99 -11.78
N TRP B 321 -1.07 34.23 -10.50
CA TRP B 321 -0.22 33.74 -9.39
C TRP B 321 -0.62 32.39 -8.76
N ILE B 322 -1.75 31.87 -9.20
CA ILE B 322 -2.25 30.58 -8.75
C ILE B 322 -1.71 29.50 -9.67
N PRO B 323 -1.00 28.51 -9.12
CA PRO B 323 -0.41 27.53 -10.02
C PRO B 323 -1.44 26.69 -10.72
N THR B 324 -1.09 26.27 -11.95
CA THR B 324 -1.84 25.27 -12.70
C THR B 324 -1.17 23.90 -12.51
N TRP B 325 -1.99 22.85 -12.58
CA TRP B 325 -1.55 21.48 -12.30
C TRP B 325 -1.81 20.59 -13.52
N ALA B 326 -0.75 20.35 -14.31
CA ALA B 326 -0.90 19.60 -15.54
C ALA B 326 -1.00 18.10 -15.30
N ASP B 327 -0.22 17.57 -14.36
CA ASP B 327 -0.04 16.12 -14.26
C ASP B 327 -0.49 15.56 -12.93
N TYR B 328 -1.35 14.55 -13.03
CA TYR B 328 -1.91 13.82 -11.92
C TYR B 328 -1.56 12.33 -12.13
N GLY B 329 -1.19 11.61 -11.06
CA GLY B 329 -1.01 10.18 -11.16
C GLY B 329 -1.37 9.36 -9.94
N LEU B 330 -2.28 8.39 -10.12
CA LEU B 330 -2.65 7.43 -9.08
C LEU B 330 -1.94 6.11 -9.37
N THR B 331 -1.02 5.70 -8.50
CA THR B 331 -0.41 4.34 -8.58
C THR B 331 -0.96 3.40 -7.50
N GLN B 332 -1.51 2.26 -7.91
CA GLN B 332 -1.95 1.18 -7.05
C GLN B 332 -1.06 -0.06 -7.22
N LEU B 333 0.05 -0.11 -6.47
CA LEU B 333 1.15 -1.10 -6.66
C LEU B 333 1.11 -2.32 -5.72
N THR B 334 0.16 -2.29 -4.77
CA THR B 334 -0.19 -3.41 -3.86
C THR B 334 -1.69 -3.48 -3.87
N ALA B 335 -2.25 -4.59 -3.41
CA ALA B 335 -3.70 -4.68 -3.26
C ALA B 335 -4.26 -3.82 -2.08
N ASP B 336 -3.40 -3.24 -1.24
CA ASP B 336 -3.91 -2.55 -0.07
C ASP B 336 -3.62 -1.04 -0.04
N GLY B 337 -2.91 -0.50 -1.02
CA GLY B 337 -2.48 0.90 -0.93
C GLY B 337 -2.31 1.55 -2.30
N PHE B 338 -2.81 2.79 -2.42
CA PHE B 338 -2.50 3.65 -3.57
C PHE B 338 -1.91 4.97 -3.11
N GLY B 339 -0.97 5.46 -3.91
CA GLY B 339 -0.46 6.81 -3.82
C GLY B 339 -1.14 7.63 -4.90
N LEU B 340 -1.15 8.94 -4.67
CA LEU B 340 -1.80 9.91 -5.55
C LEU B 340 -0.96 11.17 -5.45
N LYS B 341 -0.68 11.79 -6.60
CA LYS B 341 0.22 12.94 -6.65
C LYS B 341 -0.11 13.84 -7.79
N LYS B 342 0.43 15.06 -7.72
CA LYS B 342 0.09 16.17 -8.61
C LYS B 342 1.36 16.95 -8.94
N ARG B 343 1.40 17.56 -10.11
CA ARG B 343 2.60 18.28 -10.50
C ARG B 343 2.25 19.43 -11.40
N THR B 344 2.96 20.56 -11.19
CA THR B 344 2.64 21.76 -11.95
C THR B 344 3.03 21.54 -13.40
N LYS B 345 4.22 21.00 -13.60
CA LYS B 345 4.71 20.55 -14.90
C LYS B 345 6.08 19.87 -14.74
N ALA B 346 6.60 19.28 -15.82
CA ALA B 346 7.85 18.51 -15.73
C ALA B 346 9.02 19.41 -15.38
N GLY B 347 9.98 18.87 -14.66
CA GLY B 347 11.05 19.66 -14.10
C GLY B 347 10.76 20.21 -12.72
N GLN B 348 9.53 20.09 -12.22
CA GLN B 348 9.23 20.42 -10.81
C GLN B 348 8.92 19.11 -10.10
N SER B 349 9.13 19.12 -8.79
CA SER B 349 8.69 18.02 -7.92
C SER B 349 7.17 17.83 -7.92
N TRP B 350 6.76 16.58 -7.68
CA TRP B 350 5.36 16.23 -7.46
C TRP B 350 4.99 16.65 -6.05
N VAL B 351 3.70 16.99 -5.84
CA VAL B 351 3.18 17.10 -4.47
C VAL B 351 2.20 15.97 -4.16
N ASN B 352 2.47 15.33 -3.05
CA ASN B 352 1.75 14.18 -2.65
C ASN B 352 0.34 14.63 -2.26
N ILE B 353 -0.60 13.71 -2.44
CA ILE B 353 -1.99 14.01 -2.18
C ILE B 353 -2.55 12.99 -1.20
N PRO B 354 -3.27 13.42 -0.18
CA PRO B 354 -3.87 12.46 0.75
C PRO B 354 -4.58 11.30 0.04
N SER B 355 -4.24 10.07 0.38
CA SER B 355 -4.77 8.92 -0.37
C SER B 355 -5.15 7.80 0.58
N GLY B 356 -5.34 6.59 0.08
CA GLY B 356 -5.89 5.56 0.91
C GLY B 356 -5.65 4.17 0.37
N THR B 357 -6.58 3.29 0.65
CA THR B 357 -6.36 1.88 0.53
C THR B 357 -6.53 1.34 -0.88
N ARG B 358 -7.78 1.28 -1.36
CA ARG B 358 -8.15 0.54 -2.59
C ARG B 358 -9.01 1.39 -3.49
N ALA B 359 -8.34 2.06 -4.43
CA ALA B 359 -8.98 2.96 -5.39
C ALA B 359 -9.82 2.15 -6.35
N GLU B 360 -10.97 2.64 -6.79
CA GLU B 360 -11.84 1.84 -7.70
C GLU B 360 -11.52 2.09 -9.18
N GLY B 361 -10.51 2.89 -9.45
CA GLY B 361 -9.88 2.91 -10.76
C GLY B 361 -10.68 3.47 -11.90
N LEU B 362 -11.15 4.69 -11.73
CA LEU B 362 -11.69 5.49 -12.80
C LEU B 362 -11.07 6.84 -12.67
N ALA B 363 -10.78 7.45 -13.82
CA ALA B 363 -10.29 8.84 -13.91
C ALA B 363 -11.10 9.56 -14.95
N TYR B 364 -11.27 10.87 -14.73
CA TYR B 364 -11.99 11.76 -15.65
C TYR B 364 -11.02 12.91 -15.96
N LEU B 365 -10.97 13.30 -17.24
CA LEU B 365 -10.38 14.57 -17.67
C LEU B 365 -11.35 15.23 -18.61
N GLY B 366 -11.47 16.55 -18.48
CA GLY B 366 -12.39 17.30 -19.30
C GLY B 366 -12.77 18.60 -18.67
N GLY B 367 -13.86 19.18 -19.15
CA GLY B 367 -14.23 20.56 -18.86
C GLY B 367 -15.71 20.89 -18.90
N ALA B 368 -16.02 22.11 -18.47
CA ALA B 368 -17.39 22.55 -18.25
C ALA B 368 -18.12 22.79 -19.57
N THR B 369 -17.36 23.36 -20.50
CA THR B 369 -17.82 23.67 -21.85
C THR B 369 -17.34 22.62 -22.89
N GLN B 370 -16.03 22.28 -22.85
CA GLN B 370 -15.42 21.41 -23.89
CA GLN B 370 -15.42 21.44 -23.87
C GLN B 370 -15.71 19.92 -23.71
N GLY B 371 -16.27 19.53 -22.57
CA GLY B 371 -16.66 18.14 -22.31
C GLY B 371 -15.47 17.28 -21.98
N GLY B 372 -15.71 15.99 -21.81
CA GLY B 372 -14.57 15.09 -21.56
C GLY B 372 -14.84 13.59 -21.54
N LEU B 373 -13.85 12.89 -21.03
CA LEU B 373 -13.82 11.45 -21.05
C LEU B 373 -13.38 10.85 -19.72
N ALA B 374 -14.00 9.74 -19.35
CA ALA B 374 -13.52 8.93 -18.25
C ALA B 374 -13.17 7.48 -18.68
N VAL B 375 -12.05 6.98 -18.19
CA VAL B 375 -11.65 5.60 -18.44
C VAL B 375 -11.53 4.91 -17.11
N GLY B 376 -11.78 3.60 -17.09
CA GLY B 376 -11.41 2.81 -15.92
C GLY B 376 -11.26 1.33 -16.19
N LEU B 377 -10.67 0.64 -15.23
CA LEU B 377 -10.54 -0.79 -15.22
C LEU B 377 -11.45 -1.46 -14.18
N ARG B 378 -12.35 -2.31 -14.63
CA ARG B 378 -13.08 -3.19 -13.70
C ARG B 378 -12.09 -3.90 -12.77
N ASP B 379 -12.43 -4.05 -11.50
CA ASP B 379 -11.59 -4.76 -10.53
C ASP B 379 -10.16 -4.16 -10.35
N PHE B 380 -10.03 -2.87 -10.61
CA PHE B 380 -8.72 -2.16 -10.64
C PHE B 380 -7.67 -2.57 -9.59
N TRP B 381 -7.94 -2.34 -8.30
CA TRP B 381 -6.97 -2.75 -7.24
C TRP B 381 -6.77 -4.25 -7.16
N LYS B 382 -7.80 -5.04 -7.47
CA LYS B 382 -7.61 -6.50 -7.51
C LYS B 382 -6.66 -7.04 -8.64
N ARG B 383 -6.23 -6.16 -9.55
CA ARG B 383 -5.37 -6.54 -10.66
C ARG B 383 -4.10 -5.72 -10.68
N TYR B 384 -3.62 -5.35 -9.49
CA TYR B 384 -2.40 -4.57 -9.31
C TYR B 384 -1.18 -5.26 -10.03
N PRO B 385 -0.13 -4.52 -10.42
CA PRO B 385 -0.02 -3.06 -10.36
C PRO B 385 -0.74 -2.41 -11.52
N VAL B 386 -1.60 -1.44 -11.19
CA VAL B 386 -2.30 -0.62 -12.14
C VAL B 386 -2.09 0.82 -11.75
N GLY B 387 -2.54 1.74 -12.60
CA GLY B 387 -2.32 3.18 -12.42
C GLY B 387 -3.23 3.98 -13.33
N LEU B 388 -3.43 5.27 -13.02
CA LEU B 388 -4.12 6.25 -13.89
C LEU B 388 -3.31 7.56 -13.94
N ASP B 389 -2.98 8.00 -15.14
CA ASP B 389 -2.25 9.22 -15.33
C ASP B 389 -3.12 10.18 -16.07
N ILE B 390 -3.08 11.41 -15.62
CA ILE B 390 -3.54 12.54 -16.40
C ILE B 390 -2.31 13.39 -16.61
N SER B 391 -2.21 13.93 -17.82
CA SER B 391 -0.98 14.64 -18.21
C SER B 391 -1.34 15.84 -19.10
N ASN B 392 -0.53 16.89 -18.99
CA ASN B 392 -0.66 18.11 -19.79
C ASN B 392 -2.07 18.68 -19.82
N ALA B 393 -2.63 18.80 -18.62
CA ALA B 393 -3.97 19.32 -18.49
C ALA B 393 -3.98 20.85 -18.61
N ALA B 394 -2.81 21.48 -18.51
CA ALA B 394 -2.67 22.94 -18.68
C ALA B 394 -2.24 23.33 -20.07
N SER B 395 -2.37 22.39 -21.02
CA SER B 395 -1.93 22.52 -22.40
C SER B 395 -3.13 22.54 -23.35
N ASP B 396 -2.88 22.87 -24.62
CA ASP B 396 -3.92 22.78 -25.66
C ASP B 396 -4.57 21.39 -25.72
N THR B 397 -3.83 20.31 -25.44
CA THR B 397 -4.34 18.92 -25.44
C THR B 397 -3.90 18.14 -24.20
N GLY B 398 -4.84 17.45 -23.57
CA GLY B 398 -4.52 16.59 -22.44
C GLY B 398 -4.43 15.14 -22.83
N GLU B 399 -3.71 14.37 -22.01
CA GLU B 399 -3.57 12.93 -22.13
C GLU B 399 -4.23 12.35 -20.89
N LEU B 400 -4.98 11.29 -21.07
CA LEU B 400 -5.56 10.53 -19.99
C LEU B 400 -5.25 9.05 -20.26
N THR B 401 -4.68 8.35 -19.27
CA THR B 401 -4.05 7.04 -19.48
C THR B 401 -4.43 6.00 -18.41
N LEU B 402 -5.10 4.93 -18.80
CA LEU B 402 -5.22 3.77 -17.93
C LEU B 402 -3.97 2.90 -18.16
N TRP B 403 -3.38 2.44 -17.06
CA TRP B 403 -2.21 1.59 -17.08
C TRP B 403 -2.69 0.25 -16.52
N LEU B 404 -2.79 -0.76 -17.40
CA LEU B 404 -3.13 -2.13 -17.02
C LEU B 404 -1.98 -2.83 -16.33
N TYR B 405 -0.75 -2.33 -16.58
CA TYR B 405 0.48 -2.65 -15.82
C TYR B 405 1.28 -1.35 -15.67
N SER B 406 1.65 -1.00 -14.44
CA SER B 406 2.12 0.35 -14.14
C SER B 406 3.64 0.39 -14.16
N PRO B 407 4.21 1.39 -14.85
CA PRO B 407 5.64 1.70 -14.76
C PRO B 407 6.25 1.89 -13.37
N ALA B 408 5.44 2.34 -12.42
CA ALA B 408 5.95 2.58 -11.05
C ALA B 408 6.24 1.26 -10.32
N ALA B 409 5.64 0.18 -10.80
CA ALA B 409 5.96 -1.20 -10.41
C ALA B 409 7.28 -1.71 -10.97
N GLU B 410 7.77 -2.82 -10.39
CA GLU B 410 8.98 -3.53 -10.84
C GLU B 410 8.57 -4.24 -12.11
N PRO B 411 9.52 -4.47 -13.04
CA PRO B 411 9.04 -5.01 -14.31
C PRO B 411 8.43 -6.39 -14.14
N LEU B 412 7.53 -6.72 -15.07
CA LEU B 412 6.80 -7.98 -15.01
C LEU B 412 7.79 -9.03 -15.42
N ASP B 413 8.06 -9.95 -14.50
CA ASP B 413 9.13 -10.93 -14.64
C ASP B 413 8.53 -12.34 -14.75
N LEU B 414 8.39 -12.83 -15.97
CA LEU B 414 7.78 -14.13 -16.19
C LEU B 414 8.81 -15.30 -16.34
N ARG B 415 10.09 -15.04 -16.10
CA ARG B 415 11.11 -16.10 -16.13
C ARG B 415 10.85 -17.18 -15.08
N PRO B 416 11.45 -18.36 -15.23
CA PRO B 416 11.13 -19.42 -14.28
C PRO B 416 11.69 -19.12 -12.89
N PHE B 417 11.02 -19.64 -11.86
CA PHE B 417 11.41 -19.37 -10.47
C PHE B 417 12.58 -20.14 -9.86
N HIS B 418 12.94 -21.29 -10.43
CA HIS B 418 14.28 -21.90 -10.17
C HIS B 418 15.03 -22.23 -11.43
N ASP B 419 16.33 -22.51 -11.30
CA ASP B 419 17.19 -22.93 -12.44
C ASP B 419 17.18 -24.44 -12.79
N GLY B 420 16.51 -25.26 -11.98
CA GLY B 420 16.38 -26.71 -12.21
C GLY B 420 17.01 -27.47 -11.04
N LEU B 421 17.86 -26.77 -10.28
CA LEU B 421 18.50 -27.30 -9.08
C LEU B 421 19.41 -28.51 -9.38
N GLY B 422 20.01 -28.51 -10.58
CA GLY B 422 20.76 -29.65 -11.11
C GLY B 422 19.96 -30.91 -11.50
N GLN B 423 18.65 -30.80 -11.76
CA GLN B 423 17.89 -31.94 -12.34
C GLN B 423 18.42 -32.19 -13.77
N ASP B 424 18.73 -33.45 -14.10
CA ASP B 424 19.20 -33.84 -15.45
C ASP B 424 18.50 -35.10 -15.94
N GLY B 425 17.53 -34.92 -16.83
CA GLY B 425 16.77 -36.02 -17.41
C GLY B 425 15.63 -36.51 -16.55
N TYR B 426 14.78 -37.33 -17.14
CA TYR B 426 13.53 -37.73 -16.55
C TYR B 426 13.62 -38.46 -15.18
N GLU B 427 14.75 -39.13 -14.87
CA GLU B 427 14.83 -39.88 -13.60
C GLU B 427 14.88 -38.89 -12.42
N ASP B 428 15.72 -37.85 -12.55
CA ASP B 428 15.79 -36.76 -11.58
C ASP B 428 14.45 -36.01 -11.48
N GLN B 429 13.89 -35.66 -12.62
CA GLN B 429 12.69 -34.85 -12.69
C GLN B 429 11.55 -35.53 -11.98
N LEU B 430 11.44 -36.84 -12.14
CA LEU B 430 10.45 -37.62 -11.41
C LEU B 430 10.83 -37.92 -9.95
N ASP B 431 12.10 -37.71 -9.61
CA ASP B 431 12.53 -37.85 -8.22
C ASP B 431 12.21 -36.57 -7.42
N ALA B 432 12.42 -35.41 -8.03
CA ALA B 432 11.83 -34.15 -7.50
C ALA B 432 10.27 -34.21 -7.36
N LEU B 433 9.54 -34.60 -8.42
CA LEU B 433 8.07 -34.75 -8.33
C LEU B 433 7.66 -35.48 -7.07
N GLU B 434 8.50 -36.37 -6.52
CA GLU B 434 8.12 -37.15 -5.31
C GLU B 434 8.18 -36.38 -3.99
N ILE B 435 8.92 -35.27 -3.94
CA ILE B 435 9.08 -34.45 -2.73
C ILE B 435 8.43 -33.03 -2.80
N THR B 436 8.61 -32.30 -3.91
CA THR B 436 7.87 -31.03 -4.13
C THR B 436 6.58 -31.11 -4.97
N TYR B 437 6.17 -32.28 -5.44
CA TYR B 437 4.97 -32.48 -6.35
C TYR B 437 4.98 -31.59 -7.61
N GLU B 438 6.19 -31.23 -8.07
CA GLU B 438 6.44 -30.49 -9.31
C GLU B 438 7.11 -31.40 -10.35
N ASP B 439 6.54 -31.47 -11.55
CA ASP B 439 7.18 -32.13 -12.70
C ASP B 439 7.91 -31.08 -13.58
N TRP B 440 9.14 -30.75 -13.25
CA TRP B 440 9.91 -29.78 -14.04
C TRP B 440 10.45 -30.36 -15.34
N GLU B 441 10.80 -29.51 -16.30
CA GLU B 441 11.67 -29.90 -17.40
C GLU B 441 12.29 -28.64 -17.96
N PRO B 442 13.51 -28.73 -18.51
CA PRO B 442 14.03 -27.49 -19.15
C PRO B 442 13.22 -27.06 -20.39
N GLY B 443 13.07 -25.74 -20.60
CA GLY B 443 12.28 -25.20 -21.70
C GLY B 443 10.77 -25.22 -21.53
N PHE B 444 10.22 -25.94 -20.53
CA PHE B 444 8.77 -26.00 -20.26
C PHE B 444 8.22 -24.95 -19.26
N ASP B 445 9.15 -24.27 -18.59
CA ASP B 445 8.84 -23.19 -17.64
C ASP B 445 8.58 -21.90 -18.38
N THR B 446 7.63 -21.90 -19.29
CA THR B 446 7.64 -20.81 -20.19
C THR B 446 6.22 -20.26 -20.28
N PRO B 447 6.13 -18.92 -20.19
CA PRO B 447 4.90 -18.23 -20.39
C PRO B 447 4.61 -17.93 -21.87
N TYR B 448 5.50 -18.30 -22.80
CA TYR B 448 5.27 -17.99 -24.23
C TYR B 448 3.93 -18.57 -24.61
N GLY B 449 2.99 -17.70 -25.03
CA GLY B 449 1.66 -18.13 -25.46
C GLY B 449 0.52 -18.05 -24.46
N ILE B 450 0.79 -17.67 -23.21
CA ILE B 450 -0.29 -17.42 -22.24
C ILE B 450 -0.95 -16.10 -22.61
N ALA B 451 -2.18 -15.91 -22.13
CA ALA B 451 -2.92 -14.68 -22.35
C ALA B 451 -3.52 -14.08 -21.09
N ARG B 452 -3.94 -12.82 -21.25
CA ARG B 452 -4.73 -12.12 -20.26
C ARG B 452 -5.72 -11.06 -20.85
N THR B 453 -6.97 -11.11 -20.36
CA THR B 453 -8.02 -10.12 -20.71
C THR B 453 -8.43 -9.17 -19.57
N SER B 454 -8.38 -7.88 -19.88
CA SER B 454 -8.82 -6.79 -19.03
C SER B 454 -10.14 -6.16 -19.51
N GLU B 455 -11.10 -5.97 -18.60
CA GLU B 455 -12.40 -5.35 -18.90
C GLU B 455 -12.32 -3.85 -18.56
N VAL B 456 -12.23 -3.01 -19.59
CA VAL B 456 -12.01 -1.57 -19.49
C VAL B 456 -13.31 -0.88 -19.93
N TYR B 457 -13.57 0.32 -19.40
CA TYR B 457 -14.77 1.06 -19.77
C TYR B 457 -14.40 2.50 -20.08
N LEU B 458 -14.99 3.01 -21.17
CA LEU B 458 -14.90 4.41 -21.59
C LEU B 458 -16.25 5.09 -21.44
N PHE B 459 -16.22 6.36 -21.01
CA PHE B 459 -17.42 7.16 -20.79
C PHE B 459 -17.27 8.55 -21.36
N ALA B 460 -18.20 8.95 -22.21
CA ALA B 460 -18.12 10.24 -22.87
C ALA B 460 -19.11 11.28 -22.30
N PHE B 461 -18.60 12.50 -22.10
CA PHE B 461 -19.34 13.52 -21.38
C PHE B 461 -19.38 14.83 -22.15
N ASP B 462 -20.59 15.37 -22.35
CA ASP B 462 -20.76 16.65 -23.03
C ASP B 462 -20.26 17.81 -22.18
N GLN B 463 -20.43 17.73 -20.86
CA GLN B 463 -19.77 18.64 -19.90
C GLN B 463 -19.39 17.86 -18.67
N THR B 464 -18.42 18.33 -17.90
CA THR B 464 -18.02 17.62 -16.69
C THR B 464 -19.27 17.15 -15.91
N PRO B 465 -19.39 15.86 -15.68
CA PRO B 465 -20.57 15.40 -14.99
C PRO B 465 -20.50 15.65 -13.46
N THR B 466 -21.58 15.32 -12.76
CA THR B 466 -21.60 15.42 -11.32
C THR B 466 -20.68 14.36 -10.74
N SER B 467 -20.01 14.65 -9.65
CA SER B 467 -19.39 13.59 -8.90
C SER B 467 -20.32 12.39 -8.57
N ASP B 468 -21.60 12.62 -8.34
CA ASP B 468 -22.52 11.49 -8.05
C ASP B 468 -22.61 10.52 -9.23
N LYS B 469 -22.70 11.08 -10.44
CA LYS B 469 -22.73 10.27 -11.64
C LYS B 469 -21.41 9.46 -11.78
N LEU B 470 -20.27 10.15 -11.73
CA LEU B 470 -18.99 9.47 -11.79
C LEU B 470 -18.93 8.28 -10.83
N ALA B 471 -19.44 8.44 -9.61
CA ALA B 471 -19.41 7.36 -8.65
C ALA B 471 -20.30 6.24 -9.08
N SER B 472 -21.48 6.58 -9.60
CA SER B 472 -22.40 5.57 -10.09
C SER B 472 -21.76 4.76 -11.25
N LEU B 473 -21.01 5.44 -12.13
CA LEU B 473 -20.35 4.76 -13.25
C LEU B 473 -19.19 3.90 -12.76
N THR B 474 -18.43 4.38 -11.78
CA THR B 474 -17.44 3.58 -11.05
C THR B 474 -18.07 2.31 -10.43
N ALA B 475 -19.17 2.48 -9.69
CA ALA B 475 -19.95 1.38 -9.11
C ALA B 475 -20.43 0.40 -10.16
N TYR B 476 -20.84 0.94 -11.31
CA TYR B 476 -21.26 0.16 -12.48
C TYR B 476 -20.13 -0.73 -13.07
N ASN B 478 -17.36 -1.75 -11.77
CA ASN B 478 -16.93 -2.78 -10.83
C ASN B 478 -18.04 -3.78 -10.50
N ASP B 479 -19.25 -3.60 -11.01
CA ASP B 479 -20.29 -4.61 -10.81
C ASP B 479 -21.28 -4.58 -11.98
N PRO B 480 -20.82 -5.04 -13.13
CA PRO B 480 -21.60 -4.77 -14.32
C PRO B 480 -22.87 -5.60 -14.31
N PRO B 481 -24.06 -4.95 -14.34
CA PRO B 481 -25.28 -5.70 -14.19
C PRO B 481 -25.46 -6.75 -15.31
N VAL B 482 -25.92 -7.92 -14.89
CA VAL B 482 -25.98 -9.12 -15.68
C VAL B 482 -27.42 -9.63 -15.55
N LEU B 483 -27.96 -10.12 -16.67
CA LEU B 483 -29.35 -10.55 -16.77
C LEU B 483 -29.29 -12.05 -17.09
N VAL B 484 -29.98 -12.87 -16.30
CA VAL B 484 -29.89 -14.33 -16.46
C VAL B 484 -31.23 -15.03 -16.33
N ALA B 485 -31.33 -16.18 -16.96
CA ALA B 485 -32.53 -16.98 -16.84
C ALA B 485 -32.72 -17.51 -15.41
N GLU B 486 -33.99 -17.81 -15.12
CA GLU B 486 -34.41 -18.59 -13.97
C GLU B 486 -33.73 -20.00 -13.96
N PRO B 487 -33.17 -20.43 -12.81
CA PRO B 487 -32.71 -21.81 -12.71
C PRO B 487 -33.73 -22.94 -13.03
N LYS B 488 -35.01 -22.83 -12.60
CA LYS B 488 -36.05 -23.85 -12.98
C LYS B 488 -36.12 -24.00 -14.52
N TYR B 489 -36.04 -22.87 -15.25
CA TYR B 489 -36.11 -22.89 -16.71
C TYR B 489 -34.88 -23.52 -17.39
N ILE B 490 -33.69 -23.12 -16.99
CA ILE B 490 -32.44 -23.64 -17.56
C ILE B 490 -32.44 -25.18 -17.42
N HIS B 491 -32.60 -25.65 -16.18
CA HIS B 491 -32.68 -27.09 -15.92
C HIS B 491 -33.76 -27.80 -16.78
N GLU B 492 -34.91 -27.17 -16.92
CA GLU B 492 -36.03 -27.77 -17.62
C GLU B 492 -35.78 -27.91 -19.13
N THR B 493 -35.10 -26.93 -19.73
CA THR B 493 -34.73 -27.04 -21.14
C THR B 493 -33.63 -28.08 -21.41
N GLN B 494 -32.85 -28.39 -20.39
CA GLN B 494 -31.78 -29.38 -20.47
C GLN B 494 -30.68 -28.94 -21.40
N ALA B 495 -30.60 -27.62 -21.61
CA ALA B 495 -29.59 -27.01 -22.46
C ALA B 495 -28.27 -26.71 -21.75
N LEU B 496 -28.12 -27.14 -20.49
CA LEU B 496 -26.83 -27.18 -19.81
C LEU B 496 -26.70 -28.42 -18.92
N GLY B 497 -26.96 -29.59 -19.51
CA GLY B 497 -26.83 -30.85 -18.79
C GLY B 497 -28.01 -31.15 -17.86
N GLU B 498 -28.22 -32.43 -17.62
CA GLU B 498 -29.29 -32.91 -16.74
C GLU B 498 -28.72 -33.26 -15.34
N TYR B 499 -27.41 -33.04 -15.14
CA TYR B 499 -26.64 -33.55 -13.98
C TYR B 499 -26.58 -32.56 -12.82
N TRP B 500 -27.68 -31.83 -12.62
CA TRP B 500 -27.81 -30.88 -11.53
C TRP B 500 -29.25 -30.52 -11.43
N ALA B 501 -29.63 -30.08 -10.24
CA ALA B 501 -31.02 -29.71 -9.98
C ALA B 501 -31.03 -28.60 -8.96
N LEU B 502 -32.18 -27.94 -8.85
CA LEU B 502 -32.38 -26.87 -7.84
C LEU B 502 -32.32 -27.45 -6.41
N PRO B 503 -31.85 -26.64 -5.43
CA PRO B 503 -31.72 -27.08 -4.05
C PRO B 503 -33.01 -27.56 -3.39
N GLY B 504 -33.97 -26.66 -3.13
CA GLY B 504 -35.18 -26.96 -2.32
C GLY B 504 -35.21 -28.30 -1.58
N SER B 505 -34.64 -28.33 -0.37
CA SER B 505 -34.45 -29.60 0.36
C SER B 505 -35.76 -30.22 0.89
N ALA B 506 -35.76 -31.55 0.98
CA ALA B 506 -36.84 -32.33 1.61
C ALA B 506 -36.37 -33.02 2.88
N SER B 507 -35.12 -33.52 2.91
CA SER B 507 -34.51 -34.17 4.11
C SER B 507 -33.64 -33.18 4.89
N PRO B 508 -33.39 -33.48 6.18
CA PRO B 508 -32.40 -32.71 6.89
C PRO B 508 -30.96 -33.04 6.45
N ALA B 509 -30.75 -34.23 5.89
CA ALA B 509 -29.41 -34.68 5.43
C ALA B 509 -28.94 -33.94 4.20
N ALA B 510 -29.89 -33.64 3.30
CA ALA B 510 -29.66 -32.81 2.10
C ALA B 510 -29.45 -31.34 2.44
N ALA B 511 -30.28 -30.85 3.36
CA ALA B 511 -30.12 -29.49 3.89
C ALA B 511 -28.71 -29.26 4.42
N THR B 512 -28.15 -30.23 5.17
CA THR B 512 -26.80 -30.10 5.74
C THR B 512 -25.76 -30.10 4.63
N LEU B 513 -26.01 -30.88 3.57
CA LEU B 513 -25.20 -30.80 2.35
C LEU B 513 -25.25 -29.40 1.73
N GLU B 514 -26.43 -28.82 1.62
CA GLU B 514 -26.48 -27.42 1.10
C GLU B 514 -25.61 -26.52 1.95
N ASP B 515 -25.74 -26.65 3.27
CA ASP B 515 -25.08 -25.74 4.20
C ASP B 515 -23.58 -25.92 4.12
N ARG B 516 -23.17 -27.17 3.87
CA ARG B 516 -21.77 -27.43 3.59
C ARG B 516 -21.25 -26.86 2.24
N LEU B 517 -22.07 -26.84 1.20
CA LEU B 517 -21.66 -26.16 -0.02
C LEU B 517 -21.44 -24.67 0.20
N GLN B 518 -22.31 -24.02 0.99
CA GLN B 518 -22.10 -22.61 1.33
C GLN B 518 -20.85 -22.45 2.18
N PHE B 519 -20.58 -23.43 3.04
CA PHE B 519 -19.38 -23.38 3.86
C PHE B 519 -18.15 -23.32 2.95
N ILE B 520 -18.14 -24.21 1.94
CA ILE B 520 -17.02 -24.28 0.99
C ILE B 520 -16.88 -22.97 0.17
N PHE B 521 -18.02 -22.47 -0.29
CA PHE B 521 -18.04 -21.24 -1.03
C PHE B 521 -17.54 -20.03 -0.20
N ASP B 522 -18.16 -19.86 0.97
CA ASP B 522 -17.81 -18.76 1.87
C ASP B 522 -16.31 -18.82 2.23
N PHE B 523 -15.78 -20.02 2.40
CA PHE B 523 -14.39 -20.18 2.82
C PHE B 523 -13.42 -19.73 1.72
N TYR B 524 -13.68 -20.20 0.49
CA TYR B 524 -12.87 -19.85 -0.69
C TYR B 524 -13.01 -18.38 -1.06
N LYS B 525 -14.25 -17.89 -1.09
CA LYS B 525 -14.49 -16.46 -1.28
C LYS B 525 -13.69 -15.65 -0.25
N GLY B 526 -13.67 -16.14 0.99
CA GLY B 526 -12.87 -15.56 2.07
C GLY B 526 -11.38 -15.51 1.81
N GLN B 527 -10.82 -16.66 1.42
CA GLN B 527 -9.37 -16.83 1.24
C GLN B 527 -8.74 -15.98 0.15
N ILE B 528 -9.50 -15.68 -0.89
CA ILE B 528 -9.05 -14.73 -1.90
C ILE B 528 -8.67 -13.43 -1.21
N GLU B 529 -9.53 -12.95 -0.34
CA GLU B 529 -9.24 -11.70 0.38
C GLU B 529 -8.14 -11.90 1.40
N GLN B 530 -8.23 -12.99 2.15
CA GLN B 530 -7.31 -13.18 3.26
C GLN B 530 -5.88 -13.43 2.86
N ARG B 531 -5.68 -14.09 1.73
CA ARG B 531 -4.35 -14.48 1.27
C ARG B 531 -3.87 -13.60 0.10
N ARG B 532 -4.55 -12.46 -0.05
CA ARG B 532 -4.34 -11.50 -1.14
C ARG B 532 -4.09 -12.16 -2.51
N TRP B 533 -4.96 -13.07 -2.93
CA TRP B 533 -4.90 -13.69 -4.26
C TRP B 533 -5.37 -12.72 -5.36
N TYR B 534 -4.54 -11.69 -5.53
CA TYR B 534 -4.80 -10.59 -6.41
C TYR B 534 -3.59 -10.44 -7.30
N GLY B 535 -3.82 -9.70 -8.37
CA GLY B 535 -2.75 -9.27 -9.27
C GLY B 535 -3.16 -9.42 -10.73
N PHE B 536 -2.46 -8.64 -11.55
CA PHE B 536 -2.57 -8.70 -13.00
C PHE B 536 -2.85 -10.09 -13.59
N LEU B 537 -2.00 -11.05 -13.27
CA LEU B 537 -2.15 -12.42 -13.77
C LEU B 537 -2.80 -13.37 -12.77
N ASP B 538 -2.51 -13.23 -11.48
CA ASP B 538 -3.05 -14.13 -10.43
C ASP B 538 -4.56 -14.05 -10.20
N TYR B 539 -5.13 -12.85 -10.16
CA TYR B 539 -6.51 -12.72 -9.72
C TYR B 539 -7.46 -13.59 -10.50
N GLY B 540 -8.10 -14.51 -9.78
CA GLY B 540 -9.12 -15.39 -10.35
C GLY B 540 -8.83 -16.84 -9.99
N ASP B 541 -7.55 -17.15 -9.76
CA ASP B 541 -7.18 -18.46 -9.26
C ASP B 541 -7.10 -18.44 -7.74
N PHE B 542 -7.03 -19.64 -7.17
CA PHE B 542 -6.79 -19.90 -5.74
C PHE B 542 -5.77 -21.04 -5.71
N HIS B 544 -3.93 -24.83 -4.02
CA HIS B 544 -4.19 -26.26 -4.17
C HIS B 544 -4.23 -27.00 -2.83
N THR B 545 -3.17 -26.89 -2.04
CA THR B 545 -3.09 -27.56 -0.76
C THR B 545 -2.48 -26.60 0.30
N TYR B 546 -2.88 -26.84 1.57
CA TYR B 546 -2.50 -26.01 2.71
C TYR B 546 -1.28 -26.58 3.44
N ASP B 547 -0.39 -25.72 3.86
CA ASP B 547 0.68 -26.10 4.80
C ASP B 547 0.20 -25.85 6.24
N PRO B 548 -0.16 -26.91 7.00
CA PRO B 548 -0.75 -26.67 8.31
C PRO B 548 0.22 -26.14 9.40
N ASP B 549 1.53 -26.23 9.18
CA ASP B 549 2.53 -25.74 10.16
C ASP B 549 2.82 -24.26 10.02
N ARG B 550 2.95 -23.80 8.78
CA ARG B 550 3.17 -22.37 8.54
C ARG B 550 1.86 -21.56 8.51
N HIS B 551 0.71 -22.22 8.40
CA HIS B 551 -0.60 -21.56 8.21
C HIS B 551 -0.63 -20.65 7.00
N THR B 552 -0.12 -21.16 5.90
CA THR B 552 -0.07 -20.47 4.64
C THR B 552 -0.54 -21.53 3.66
N TRP B 553 -1.17 -21.15 2.56
CA TRP B 553 -1.39 -22.14 1.52
C TRP B 553 0.00 -22.36 0.97
N ARG B 554 0.19 -23.49 0.31
CA ARG B 554 1.55 -23.94 -0.11
C ARG B 554 2.11 -23.25 -1.38
N TYR B 555 2.23 -21.93 -1.26
CA TYR B 555 2.53 -21.03 -2.41
C TYR B 555 3.93 -21.23 -3.00
N ASP B 556 4.83 -21.82 -2.21
CA ASP B 556 6.23 -21.98 -2.57
C ASP B 556 6.70 -23.44 -2.68
N VAL B 557 5.80 -24.43 -2.71
CA VAL B 557 6.21 -25.83 -2.94
C VAL B 557 5.55 -26.47 -4.17
N GLY B 558 6.31 -26.42 -5.28
CA GLY B 558 5.91 -27.04 -6.53
C GLY B 558 4.43 -27.05 -6.83
N GLY B 559 3.80 -28.22 -6.76
CA GLY B 559 2.45 -28.41 -7.30
C GLY B 559 1.32 -28.26 -6.33
N TYR B 560 1.63 -27.66 -5.18
CA TYR B 560 0.68 -27.43 -4.12
C TYR B 560 0.24 -25.94 -4.13
N ALA B 561 0.80 -25.14 -5.03
CA ALA B 561 0.49 -23.73 -5.08
C ALA B 561 -0.71 -23.50 -6.01
N TRP B 562 -0.57 -22.73 -7.08
CA TRP B 562 -1.76 -22.28 -7.82
C TRP B 562 -2.47 -23.46 -8.38
N ASP B 563 -3.78 -23.52 -8.18
CA ASP B 563 -4.56 -24.72 -8.46
C ASP B 563 -4.72 -25.01 -9.97
N ASN B 564 -4.69 -24.01 -10.83
CA ASN B 564 -4.93 -24.19 -12.25
C ASN B 564 -5.99 -25.27 -12.63
N SER B 565 -7.20 -25.08 -12.13
CA SER B 565 -8.31 -25.98 -12.49
C SER B 565 -8.07 -27.49 -12.18
N GLU B 566 -7.27 -27.84 -11.17
CA GLU B 566 -7.12 -29.27 -10.89
C GLU B 566 -8.31 -29.89 -10.21
N LEU B 567 -8.75 -31.01 -10.76
CA LEU B 567 -9.94 -31.74 -10.37
C LEU B 567 -11.25 -30.92 -10.54
N SER B 568 -11.23 -30.04 -11.53
CA SER B 568 -12.42 -29.38 -12.04
C SER B 568 -13.15 -28.49 -11.07
N PRO B 569 -12.43 -27.59 -10.37
CA PRO B 569 -13.15 -26.60 -9.54
C PRO B 569 -14.15 -25.82 -10.33
N ASP B 570 -13.76 -25.42 -11.54
CA ASP B 570 -14.61 -24.66 -12.47
C ASP B 570 -15.97 -25.36 -12.65
N LEU B 571 -15.98 -26.70 -12.69
CA LEU B 571 -17.24 -27.43 -12.85
C LEU B 571 -18.10 -27.24 -11.62
N PHE B 572 -17.48 -27.28 -10.44
CA PHE B 572 -18.23 -27.14 -9.21
C PHE B 572 -18.81 -25.73 -9.03
N PHE B 573 -17.96 -24.72 -9.12
CA PHE B 573 -18.41 -23.33 -8.96
C PHE B 573 -19.45 -22.84 -9.97
N TRP B 574 -19.35 -23.28 -11.23
CA TRP B 574 -20.35 -22.93 -12.24
C TRP B 574 -21.64 -23.66 -12.02
N LEU B 575 -21.57 -24.91 -11.60
CA LEU B 575 -22.78 -25.69 -11.31
C LEU B 575 -23.43 -25.13 -10.05
N TYR B 576 -22.62 -24.74 -9.07
CA TYR B 576 -23.16 -24.05 -7.90
C TYR B 576 -23.93 -22.79 -8.29
N PHE B 577 -23.42 -22.00 -9.25
CA PHE B 577 -24.22 -20.88 -9.76
C PHE B 577 -25.56 -21.32 -10.42
N LEU B 578 -25.50 -22.32 -11.28
CA LEU B 578 -26.71 -22.72 -12.02
C LEU B 578 -27.88 -23.00 -11.10
N ARG B 579 -27.58 -23.71 -10.01
CA ARG B 579 -28.54 -24.17 -9.01
C ARG B 579 -29.20 -23.05 -8.23
N THR B 580 -28.38 -22.07 -7.85
CA THR B 580 -28.74 -21.05 -6.86
C THR B 580 -29.19 -19.71 -7.45
N GLY B 581 -28.49 -19.23 -8.48
CA GLY B 581 -28.67 -17.87 -9.00
C GLY B 581 -27.80 -16.84 -8.30
N SER B 582 -27.01 -17.26 -7.31
CA SER B 582 -26.23 -16.33 -6.47
C SER B 582 -25.34 -15.36 -7.24
N LYS B 583 -25.48 -14.08 -6.99
CA LYS B 583 -24.58 -13.11 -7.58
C LYS B 583 -23.11 -13.41 -7.25
N ASP B 584 -22.84 -13.61 -5.95
CA ASP B 584 -21.51 -13.97 -5.49
C ASP B 584 -20.93 -15.17 -6.23
N ALA B 585 -21.79 -16.16 -6.48
CA ALA B 585 -21.39 -17.40 -7.13
C ALA B 585 -21.00 -17.22 -8.60
N TYR B 586 -21.76 -16.42 -9.33
CA TYR B 586 -21.47 -16.07 -10.70
C TYR B 586 -20.17 -15.32 -10.71
N ARG B 587 -20.02 -14.35 -9.81
CA ARG B 587 -18.84 -13.48 -9.82
C ARG B 587 -17.54 -14.20 -9.59
N PHE B 588 -17.61 -15.24 -8.76
CA PHE B 588 -16.45 -16.08 -8.42
C PHE B 588 -16.05 -17.01 -9.59
N ALA B 589 -17.08 -17.62 -10.16
CA ALA B 589 -16.93 -18.55 -11.29
C ALA B 589 -16.42 -17.82 -12.51
N GLU B 590 -16.89 -16.59 -12.69
CA GLU B 590 -16.43 -15.69 -13.74
C GLU B 590 -14.98 -15.36 -13.56
N ALA B 591 -14.59 -14.80 -12.42
CA ALA B 591 -13.19 -14.43 -12.24
C ALA B 591 -12.27 -15.63 -12.49
N LEU B 592 -12.70 -16.82 -12.04
CA LEU B 592 -11.96 -18.05 -12.25
C LEU B 592 -11.75 -18.32 -13.75
N THR B 593 -12.84 -18.44 -14.50
CA THR B 593 -12.81 -18.65 -15.95
C THR B 593 -11.96 -17.59 -16.69
N ARG B 594 -12.06 -16.33 -16.29
CA ARG B 594 -11.19 -15.30 -16.86
C ARG B 594 -9.70 -15.51 -16.57
N HIS B 595 -9.38 -16.32 -15.56
CA HIS B 595 -8.01 -16.64 -15.25
C HIS B 595 -7.58 -17.91 -15.94
N THR B 596 -8.31 -18.99 -15.63
CA THR B 596 -7.89 -20.32 -15.99
C THR B 596 -7.93 -20.52 -17.50
N GLY B 597 -8.94 -19.94 -18.15
CA GLY B 597 -9.08 -20.02 -19.59
C GLY B 597 -8.06 -19.24 -20.41
N GLU B 598 -7.31 -18.35 -19.74
CA GLU B 598 -6.47 -17.35 -20.35
C GLU B 598 -5.01 -17.48 -19.96
N VAL B 599 -4.67 -17.42 -18.67
CA VAL B 599 -3.23 -17.46 -18.27
C VAL B 599 -2.74 -18.89 -18.02
N ASP B 600 -3.66 -19.81 -17.76
CA ASP B 600 -3.31 -21.23 -17.57
C ASP B 600 -3.30 -22.10 -18.87
N VAL B 601 -3.69 -21.53 -20.01
CA VAL B 601 -3.73 -22.19 -21.33
C VAL B 601 -2.69 -21.52 -22.24
N TYR B 602 -2.25 -22.23 -23.28
CA TYR B 602 -1.41 -21.64 -24.33
C TYR B 602 -2.29 -21.36 -25.59
N HIS B 603 -2.05 -20.22 -26.24
CA HIS B 603 -2.93 -19.74 -27.36
C HIS B 603 -2.25 -19.73 -28.73
N ILE B 604 -0.92 -19.81 -28.72
CA ILE B 604 -0.12 -19.88 -29.93
C ILE B 604 0.96 -20.94 -29.71
N GLY B 605 1.90 -21.09 -30.64
CA GLY B 605 3.03 -22.01 -30.50
C GLY B 605 2.63 -23.47 -30.62
N ASP B 606 3.58 -24.33 -30.29
CA ASP B 606 3.44 -25.79 -30.49
C ASP B 606 2.54 -26.42 -29.45
N TRP B 607 2.45 -25.81 -28.27
CA TRP B 607 1.56 -26.31 -27.22
C TRP B 607 0.18 -25.68 -27.23
N LYS B 608 -0.16 -24.97 -28.30
CA LYS B 608 -1.44 -24.29 -28.41
C LYS B 608 -2.59 -25.24 -28.08
N GLY B 609 -3.34 -24.89 -27.05
CA GLY B 609 -4.55 -25.64 -26.69
C GLY B 609 -4.41 -26.51 -25.45
N LEU B 610 -3.20 -26.51 -24.89
CA LEU B 610 -2.89 -27.22 -23.65
C LEU B 610 -2.71 -26.21 -22.54
N GLY B 611 -2.96 -26.69 -21.33
CA GLY B 611 -2.77 -25.91 -20.14
C GLY B 611 -1.72 -26.47 -19.23
N THR B 612 -1.25 -25.65 -18.32
CA THR B 612 -0.18 -26.02 -17.45
C THR B 612 -0.70 -26.54 -16.08
N ARG B 613 -0.11 -27.64 -15.62
CA ARG B 613 -0.48 -28.24 -14.37
C ARG B 613 -0.19 -27.24 -13.24
N HIS B 614 -1.03 -27.34 -12.23
CA HIS B 614 -0.88 -26.61 -11.00
C HIS B 614 0.57 -26.46 -10.56
N GLY B 615 0.92 -25.22 -10.23
CA GLY B 615 2.26 -24.90 -9.77
C GLY B 615 2.44 -23.56 -9.11
N VAL B 616 3.70 -23.26 -8.86
CA VAL B 616 4.12 -22.06 -8.16
C VAL B 616 3.93 -20.84 -9.05
N GLN B 617 4.28 -21.03 -10.31
CA GLN B 617 3.82 -20.13 -11.34
C GLN B 617 2.71 -20.85 -12.06
N HIS B 618 1.94 -20.09 -12.84
CA HIS B 618 0.81 -20.65 -13.59
C HIS B 618 1.26 -21.47 -14.81
N TRP B 619 2.53 -21.30 -15.18
CA TRP B 619 3.13 -21.88 -16.39
C TRP B 619 4.45 -22.66 -16.09
N SER B 620 4.79 -22.87 -14.81
CA SER B 620 6.08 -23.46 -14.40
C SER B 620 6.18 -25.00 -14.56
N ASP B 621 5.07 -25.72 -14.41
CA ASP B 621 5.11 -27.18 -14.50
C ASP B 621 5.33 -27.58 -15.96
N SER B 622 5.96 -28.75 -16.15
CA SER B 622 6.20 -29.32 -17.47
C SER B 622 5.05 -30.19 -17.96
N ALA B 623 4.04 -30.41 -17.15
CA ALA B 623 2.94 -31.24 -17.60
C ALA B 623 1.95 -30.35 -18.28
N LYS B 624 2.02 -30.29 -19.59
CA LYS B 624 1.08 -29.50 -20.36
C LYS B 624 0.07 -30.50 -20.91
N GLN B 625 -1.20 -30.35 -20.53
CA GLN B 625 -2.22 -31.41 -20.70
C GLN B 625 -3.60 -30.85 -21.01
N ALA B 626 -4.38 -31.58 -21.78
CA ALA B 626 -5.72 -31.17 -22.18
C ALA B 626 -6.74 -31.25 -21.07
N ARG B 627 -6.45 -32.01 -20.02
CA ARG B 627 -7.30 -32.02 -18.81
C ARG B 627 -7.51 -30.62 -18.23
N ILE B 628 -6.54 -29.72 -18.45
CA ILE B 628 -6.55 -28.39 -17.86
C ILE B 628 -7.31 -27.36 -18.71
N SER B 629 -7.06 -27.39 -20.02
CA SER B 629 -7.79 -26.55 -20.99
C SER B 629 -9.25 -26.96 -21.23
N GLN B 630 -9.60 -28.18 -20.83
CA GLN B 630 -10.95 -28.73 -20.88
C GLN B 630 -12.06 -27.71 -21.19
N PRO B 631 -12.51 -27.66 -22.45
CA PRO B 631 -13.55 -26.73 -22.87
C PRO B 631 -14.87 -26.79 -22.14
N GLN B 632 -15.18 -27.87 -21.43
CA GLN B 632 -16.37 -27.91 -20.56
C GLN B 632 -16.30 -26.80 -19.50
N TYR B 633 -15.10 -26.51 -19.01
CA TYR B 633 -14.89 -25.49 -18.01
C TYR B 633 -15.40 -24.11 -18.45
N ARG B 634 -15.33 -23.82 -19.75
CA ARG B 634 -15.74 -22.51 -20.29
C ARG B 634 -17.16 -22.50 -20.91
N LYS B 635 -17.81 -23.65 -20.98
CA LYS B 635 -19.11 -23.80 -21.68
C LYS B 635 -20.29 -23.08 -21.00
N TYR B 636 -20.34 -23.15 -19.67
CA TYR B 636 -21.47 -22.62 -18.88
C TYR B 636 -21.41 -21.12 -18.93
N PHE B 637 -20.22 -20.55 -18.74
CA PHE B 637 -20.02 -19.10 -18.91
C PHE B 637 -20.29 -18.63 -20.32
N PHE B 638 -19.91 -19.44 -21.31
CA PHE B 638 -20.02 -19.00 -22.69
C PHE B 638 -21.46 -18.72 -23.03
N TYR B 639 -22.35 -19.64 -22.69
CA TYR B 639 -23.76 -19.48 -23.00
C TYR B 639 -24.46 -18.46 -22.09
N LEU B 640 -24.23 -18.55 -20.77
CA LEU B 640 -24.92 -17.66 -19.80
C LEU B 640 -24.57 -16.19 -20.00
N SER B 641 -23.38 -15.90 -20.54
CA SER B 641 -23.01 -14.52 -20.84
C SER B 641 -23.68 -13.95 -22.12
N GLY B 642 -24.33 -14.82 -22.91
CA GLY B 642 -24.83 -14.46 -24.23
C GLY B 642 -23.80 -14.51 -25.36
N GLY B 643 -22.85 -15.46 -25.28
CA GLY B 643 -21.88 -15.68 -26.35
C GLY B 643 -20.69 -14.78 -26.19
N ASP B 644 -20.06 -14.81 -25.04
CA ASP B 644 -18.94 -13.90 -24.82
C ASP B 644 -17.95 -14.13 -25.94
N GLU B 645 -17.84 -13.16 -26.81
CA GLU B 645 -17.05 -13.32 -28.02
C GLU B 645 -15.59 -13.75 -27.74
N ARG B 646 -14.95 -13.19 -26.72
CA ARG B 646 -13.63 -13.69 -26.32
C ARG B 646 -13.63 -15.17 -25.86
N VAL B 647 -14.60 -15.61 -25.07
CA VAL B 647 -14.61 -17.03 -24.69
C VAL B 647 -14.93 -17.90 -25.90
N GLY B 648 -15.84 -17.42 -26.74
CA GLY B 648 -16.01 -17.96 -28.08
C GLY B 648 -14.70 -18.19 -28.85
N GLU B 649 -13.85 -17.16 -28.88
CA GLU B 649 -12.57 -17.23 -29.58
C GLU B 649 -11.71 -18.35 -28.95
N LEU B 650 -11.68 -18.38 -27.62
CA LEU B 650 -10.86 -19.32 -26.90
C LEU B 650 -11.32 -20.75 -27.14
N LEU B 651 -12.63 -20.91 -27.29
CA LEU B 651 -13.16 -22.22 -27.54
C LEU B 651 -12.74 -22.71 -28.94
N GLU B 652 -12.59 -21.80 -29.89
CA GLU B 652 -12.10 -22.20 -31.20
C GLU B 652 -10.63 -22.64 -31.17
N GLU B 653 -9.74 -21.90 -30.48
CA GLU B 653 -8.34 -22.30 -30.28
C GLU B 653 -8.20 -23.78 -29.82
N LEU B 654 -9.03 -24.16 -28.87
CA LEU B 654 -9.01 -25.49 -28.31
C LEU B 654 -9.34 -26.63 -29.31
N LEU B 655 -9.90 -26.30 -30.48
CA LEU B 655 -10.13 -27.28 -31.56
C LEU B 655 -8.84 -27.80 -32.21
N ASP B 656 -7.74 -27.04 -32.03
CA ASP B 656 -6.40 -27.50 -32.37
C ASP B 656 -5.71 -28.34 -31.28
N THR B 657 -6.45 -28.86 -30.30
CA THR B 657 -5.74 -29.43 -29.15
C THR B 657 -5.09 -30.75 -29.61
N ASP B 658 -5.83 -31.51 -30.42
CA ASP B 658 -5.35 -32.78 -30.95
C ASP B 658 -3.97 -32.62 -31.66
N LYS B 659 -3.80 -31.61 -32.53
CA LYS B 659 -2.49 -31.36 -33.15
C LYS B 659 -1.28 -31.53 -32.17
N THR B 660 -1.41 -31.10 -30.92
CA THR B 660 -0.30 -31.20 -29.95
C THR B 660 0.17 -32.63 -29.63
N TYR B 661 -0.68 -33.63 -29.87
CA TYR B 661 -0.36 -35.02 -29.55
C TYR B 661 0.63 -35.67 -30.56
N GLY B 662 0.91 -34.96 -31.66
CA GLY B 662 2.07 -35.23 -32.52
C GLY B 662 3.24 -34.30 -32.22
N GLU B 663 3.13 -33.47 -31.19
CA GLU B 663 4.23 -32.55 -30.77
C GLU B 663 4.66 -32.72 -29.29
N LEU B 664 3.83 -33.37 -28.48
CA LEU B 664 4.21 -33.61 -27.11
C LEU B 664 3.48 -34.83 -26.59
N ASP B 665 4.24 -35.63 -25.86
CA ASP B 665 3.72 -36.79 -25.21
C ASP B 665 3.52 -36.38 -23.73
N PRO B 666 2.27 -36.41 -23.24
CA PRO B 666 2.16 -36.26 -21.78
C PRO B 666 2.92 -37.35 -20.99
N GLN B 667 3.08 -38.57 -21.56
CA GLN B 667 3.82 -39.67 -20.88
C GLN B 667 5.32 -39.84 -21.23
N ARG B 668 5.91 -38.87 -21.91
CA ARG B 668 7.34 -38.95 -22.24
C ARG B 668 8.28 -39.37 -21.07
N LYS B 669 7.88 -39.15 -19.82
CA LYS B 669 8.75 -39.48 -18.68
C LYS B 669 8.40 -40.82 -18.05
N VAL B 670 7.12 -41.19 -18.06
CA VAL B 670 6.60 -42.36 -17.32
C VAL B 670 6.50 -43.62 -18.24
N ARG B 671 7.42 -43.71 -19.22
CA ARG B 671 7.35 -44.64 -20.36
C ARG B 671 8.57 -45.60 -20.43
N THR B 672 8.37 -46.85 -20.01
CA THR B 672 9.32 -47.97 -20.24
C THR B 672 8.83 -48.67 -21.52
N ASP B 673 9.14 -48.06 -22.67
CA ASP B 673 8.37 -48.32 -23.92
C ASP B 673 8.99 -47.89 -25.27
N GLY B 674 9.73 -46.78 -25.32
CA GLY B 674 10.44 -46.34 -26.54
C GLY B 674 9.71 -45.42 -27.51
N TRP B 675 8.36 -45.39 -27.46
CA TRP B 675 7.51 -44.56 -28.37
C TRP B 675 7.83 -43.04 -28.36
N GLU B 676 7.53 -42.39 -29.48
CA GLU B 676 7.72 -40.95 -29.62
C GLU B 676 6.67 -40.36 -30.58
N PRO B 677 6.37 -39.07 -30.41
CA PRO B 677 5.30 -38.57 -31.24
C PRO B 677 5.88 -37.93 -32.53
N SER B 678 5.16 -38.10 -33.64
CA SER B 678 5.33 -37.24 -34.83
C SER B 678 3.94 -36.76 -35.34
N PRO B 679 3.93 -35.65 -36.12
CA PRO B 679 2.68 -35.17 -36.75
C PRO B 679 2.05 -36.21 -37.68
N ASN B 680 0.73 -36.26 -37.73
CA ASN B 680 0.01 -37.18 -38.61
C ASN B 680 0.32 -38.71 -38.33
N SER B 681 0.99 -39.03 -37.22
CA SER B 681 1.23 -40.43 -36.75
C SER B 681 0.29 -40.67 -35.58
N THR B 682 -0.07 -41.94 -35.39
CA THR B 682 -1.13 -42.31 -34.44
C THR B 682 -0.64 -42.18 -33.00
N VAL B 683 -1.56 -41.87 -32.09
CA VAL B 683 -1.24 -41.51 -30.70
C VAL B 683 -2.14 -42.26 -29.73
N SER B 684 -1.67 -42.46 -28.49
CA SER B 684 -2.50 -42.99 -27.42
C SER B 684 -3.24 -41.87 -26.68
N PHE B 685 -4.56 -42.01 -26.58
CA PHE B 685 -5.44 -41.14 -25.80
C PHE B 685 -6.00 -41.93 -24.63
N GLY B 686 -5.76 -41.44 -23.39
CA GLY B 686 -6.54 -41.84 -22.22
C GLY B 686 -7.97 -41.35 -22.43
N LEU B 687 -8.94 -42.24 -22.22
CA LEU B 687 -10.33 -41.96 -22.55
C LEU B 687 -11.02 -40.89 -21.68
N GLY B 688 -10.44 -40.55 -20.54
CA GLY B 688 -10.89 -39.41 -19.76
C GLY B 688 -9.87 -38.30 -19.81
N THR B 689 -8.68 -38.64 -19.35
CA THR B 689 -7.57 -37.70 -19.27
C THR B 689 -7.19 -36.91 -20.59
N ASP B 690 -7.35 -37.52 -21.76
CA ASP B 690 -7.10 -36.86 -23.05
C ASP B 690 -8.38 -36.66 -23.92
N TRP B 691 -9.15 -37.73 -24.10
CA TRP B 691 -10.32 -37.69 -24.96
C TRP B 691 -11.47 -36.75 -24.50
N SER B 692 -11.79 -36.67 -23.21
CA SER B 692 -12.97 -35.89 -22.81
C SER B 692 -12.79 -34.39 -23.10
N GLY B 693 -11.60 -33.85 -22.87
CA GLY B 693 -11.26 -32.49 -23.30
C GLY B 693 -11.36 -32.19 -24.80
N LEU B 694 -11.03 -33.17 -25.62
CA LEU B 694 -11.17 -33.06 -27.08
C LEU B 694 -12.66 -33.17 -27.46
N ALA B 695 -13.33 -34.21 -26.97
CA ALA B 695 -14.77 -34.36 -27.20
C ALA B 695 -15.54 -33.11 -26.77
N ALA B 696 -15.21 -32.57 -25.61
CA ALA B 696 -15.79 -31.33 -25.13
C ALA B 696 -15.72 -30.24 -26.19
N GLY B 697 -14.50 -29.99 -26.67
CA GLY B 697 -14.20 -29.00 -27.69
C GLY B 697 -14.94 -29.23 -28.99
N TRP B 698 -15.06 -30.51 -29.37
CA TRP B 698 -15.75 -30.90 -30.61
C TRP B 698 -17.25 -30.80 -30.45
N LEU B 699 -17.77 -31.25 -29.31
CA LEU B 699 -19.20 -31.11 -29.01
C LEU B 699 -19.65 -29.66 -29.00
N ILE B 700 -18.79 -28.75 -28.53
CA ILE B 700 -19.12 -27.33 -28.43
C ILE B 700 -19.23 -26.69 -29.83
N GLU B 701 -18.18 -26.84 -30.67
CA GLU B 701 -18.20 -26.35 -32.06
C GLU B 701 -19.39 -26.93 -32.87
N TRP B 702 -19.75 -28.17 -32.63
CA TRP B 702 -20.89 -28.74 -33.32
C TRP B 702 -22.14 -27.97 -32.84
N GLU B 703 -22.28 -27.75 -31.52
CA GLU B 703 -23.44 -26.99 -30.97
C GLU B 703 -23.53 -25.56 -31.50
N ARG B 704 -22.40 -24.87 -31.51
CA ARG B 704 -22.30 -23.53 -32.07
C ARG B 704 -22.48 -23.43 -33.59
N ARG B 705 -22.24 -24.56 -34.30
CA ARG B 705 -22.16 -24.57 -35.77
C ARG B 705 -21.10 -23.57 -36.28
N GLY B 706 -19.91 -23.66 -35.71
CA GLY B 706 -18.82 -22.80 -36.11
C GLY B 706 -18.16 -23.26 -37.39
N PRO B 707 -17.15 -22.49 -37.83
CA PRO B 707 -16.49 -22.84 -39.08
C PRO B 707 -16.04 -24.29 -39.19
N ARG B 708 -15.72 -24.95 -38.07
CA ARG B 708 -15.21 -26.33 -38.11
C ARG B 708 -16.18 -27.38 -37.60
N TRP B 709 -17.47 -27.14 -37.76
CA TRP B 709 -18.43 -27.99 -37.09
C TRP B 709 -18.58 -29.35 -37.74
N GLU B 710 -18.47 -29.41 -39.07
CA GLU B 710 -18.56 -30.67 -39.80
C GLU B 710 -17.39 -31.50 -39.31
N GLU B 711 -16.21 -30.89 -39.30
CA GLU B 711 -15.01 -31.55 -38.80
C GLU B 711 -15.26 -32.11 -37.43
N ALA B 712 -15.85 -31.27 -36.58
CA ALA B 712 -16.02 -31.55 -35.17
C ALA B 712 -16.98 -32.70 -34.95
N LYS B 713 -18.12 -32.62 -35.63
CA LYS B 713 -19.11 -33.68 -35.64
C LYS B 713 -18.47 -35.03 -36.01
N THR B 714 -17.71 -35.10 -37.10
CA THR B 714 -17.20 -36.40 -37.51
C THR B 714 -16.13 -36.88 -36.50
N LYS B 715 -15.22 -36.01 -36.06
CA LYS B 715 -14.24 -36.40 -35.02
C LYS B 715 -14.89 -36.91 -33.71
N LEU B 716 -15.98 -36.27 -33.28
CA LEU B 716 -16.71 -36.72 -32.09
C LEU B 716 -17.40 -38.05 -32.37
N THR B 717 -18.27 -38.12 -33.37
CA THR B 717 -19.03 -39.35 -33.69
C THR B 717 -18.13 -40.55 -34.02
N ASN B 718 -17.05 -40.30 -34.76
CA ASN B 718 -16.10 -41.39 -35.07
C ASN B 718 -15.56 -41.97 -33.77
N THR B 719 -14.89 -41.13 -33.00
CA THR B 719 -14.33 -41.54 -31.72
C THR B 719 -15.36 -42.10 -30.75
N ILE B 720 -16.58 -41.58 -30.75
CA ILE B 720 -17.65 -42.13 -29.87
C ILE B 720 -18.01 -43.55 -30.30
N ALA B 721 -18.13 -43.80 -31.61
CA ALA B 721 -18.36 -45.17 -32.09
C ALA B 721 -17.10 -46.01 -31.91
N GLY B 722 -15.93 -45.39 -32.13
CA GLY B 722 -14.64 -46.00 -31.77
C GLY B 722 -14.67 -46.71 -30.43
N ILE B 723 -15.05 -45.96 -29.39
CA ILE B 723 -15.08 -46.44 -28.00
C ILE B 723 -16.12 -47.54 -27.81
N ALA B 724 -17.25 -47.44 -28.50
CA ALA B 724 -18.28 -48.50 -28.44
C ALA B 724 -17.82 -49.86 -29.02
N ASN B 725 -16.95 -49.83 -30.04
CA ASN B 725 -16.52 -51.04 -30.75
C ASN B 725 -15.23 -51.59 -30.16
N LEU B 726 -14.64 -50.88 -29.19
CA LEU B 726 -13.74 -51.51 -28.20
C LEU B 726 -14.53 -52.55 -27.41
N THR B 727 -13.85 -53.67 -27.11
CA THR B 727 -14.51 -54.82 -26.53
C THR B 727 -14.95 -54.51 -25.11
N ASN B 728 -14.04 -53.91 -24.35
CA ASN B 728 -14.34 -53.54 -22.97
C ASN B 728 -14.81 -52.08 -22.73
N GLY B 729 -15.00 -51.29 -23.78
CA GLY B 729 -15.60 -49.97 -23.65
C GLY B 729 -14.64 -49.03 -22.95
N PHE B 730 -15.11 -48.30 -21.92
CA PHE B 730 -14.27 -47.32 -21.24
C PHE B 730 -13.31 -48.01 -20.32
N VAL B 731 -13.70 -49.24 -19.91
CA VAL B 731 -12.85 -50.08 -19.07
C VAL B 731 -11.52 -50.27 -19.77
N THR B 732 -11.52 -50.38 -21.11
CA THR B 732 -10.24 -50.40 -21.85
C THR B 732 -9.68 -49.02 -21.58
N GLY B 733 -8.54 -48.93 -20.93
CA GLY B 733 -8.15 -47.64 -20.35
C GLY B 733 -8.01 -46.50 -21.34
N SER B 734 -7.59 -46.84 -22.55
CA SER B 734 -7.23 -45.83 -23.51
C SER B 734 -7.45 -46.41 -24.91
N GLY B 735 -7.23 -45.56 -25.90
CA GLY B 735 -7.39 -45.92 -27.30
C GLY B 735 -6.23 -45.38 -28.13
N LEU B 736 -6.28 -45.71 -29.41
CA LEU B 736 -5.26 -45.32 -30.39
C LEU B 736 -5.96 -44.55 -31.47
N TYR B 737 -5.57 -43.29 -31.65
CA TYR B 737 -6.28 -42.37 -32.55
C TYR B 737 -5.39 -42.09 -33.73
N ASP B 738 -6.02 -42.13 -34.89
CA ASP B 738 -5.40 -41.86 -36.16
C ASP B 738 -5.72 -40.37 -36.47
N PRO B 739 -4.72 -39.49 -36.50
CA PRO B 739 -4.96 -38.14 -37.02
C PRO B 739 -5.33 -38.07 -38.49
N VAL B 740 -5.08 -39.13 -39.28
CA VAL B 740 -5.37 -39.06 -40.71
C VAL B 740 -6.83 -39.51 -40.89
N THR B 741 -7.19 -40.64 -40.30
CA THR B 741 -8.56 -41.16 -40.47
C THR B 741 -9.59 -40.53 -39.50
N TRP B 742 -9.14 -39.82 -38.46
CA TRP B 742 -10.03 -39.33 -37.40
C TRP B 742 -10.84 -40.42 -36.65
N THR B 743 -10.19 -41.55 -36.38
CA THR B 743 -10.88 -42.74 -35.81
C THR B 743 -10.07 -43.28 -34.64
N LEU B 744 -10.68 -44.16 -33.85
CA LEU B 744 -10.10 -44.63 -32.59
C LEU B 744 -10.15 -46.14 -32.55
N GLY B 745 -8.99 -46.76 -32.35
CA GLY B 745 -8.93 -48.22 -32.29
C GLY B 745 -8.34 -48.68 -30.97
N PRO B 746 -8.17 -50.01 -30.79
CA PRO B 746 -7.61 -50.56 -29.54
C PRO B 746 -6.24 -49.97 -29.21
N PRO B 747 -5.84 -50.01 -27.93
CA PRO B 747 -4.54 -49.46 -27.57
C PRO B 747 -3.43 -50.39 -28.01
N PRO B 748 -2.19 -49.86 -28.19
CA PRO B 748 -1.12 -50.71 -28.72
C PRO B 748 -0.84 -51.95 -27.82
N SER B 749 -1.20 -51.89 -26.54
CA SER B 749 -1.20 -53.06 -25.66
C SER B 749 -2.21 -54.19 -26.02
N ASP B 750 -3.03 -54.03 -27.07
CA ASP B 750 -4.03 -55.07 -27.47
C ASP B 750 -4.59 -54.83 -28.88
N PRO B 751 -3.71 -54.81 -29.90
CA PRO B 751 -4.29 -54.70 -31.25
C PRO B 751 -5.02 -56.00 -31.47
N GLY B 752 -6.04 -56.01 -32.31
CA GLY B 752 -6.80 -57.25 -32.48
C GLY B 752 -7.96 -57.38 -31.50
N ASN B 753 -7.94 -56.54 -30.46
CA ASN B 753 -9.14 -56.21 -29.68
C ASN B 753 -9.78 -57.42 -29.04
N ARG B 754 -8.94 -58.30 -28.45
CA ARG B 754 -9.43 -59.46 -27.71
C ARG B 754 -10.00 -58.95 -26.36
N GLY B 755 -9.45 -57.82 -25.86
CA GLY B 755 -9.94 -57.13 -24.64
C GLY B 755 -8.82 -56.57 -23.74
N ASN B 756 -8.96 -55.31 -23.30
CA ASN B 756 -8.03 -54.71 -22.34
C ASN B 756 -8.81 -54.23 -21.12
N VAL B 757 -8.08 -54.11 -19.99
CA VAL B 757 -8.56 -53.55 -18.71
C VAL B 757 -7.45 -52.66 -18.15
N SER B 758 -7.73 -51.37 -18.03
CA SER B 758 -6.81 -50.41 -17.43
C SER B 758 -7.66 -49.29 -16.86
N ILE B 759 -7.41 -49.00 -15.59
CA ILE B 759 -8.27 -48.11 -14.84
C ILE B 759 -7.43 -47.13 -14.06
N SER B 760 -7.77 -45.87 -14.26
CA SER B 760 -7.15 -44.72 -13.60
C SER B 760 -8.25 -43.93 -12.91
N HIS B 761 -7.97 -43.54 -11.66
CA HIS B 761 -8.81 -42.66 -10.88
C HIS B 761 -8.91 -41.28 -11.51
N LEU B 762 -7.93 -40.94 -12.34
CA LEU B 762 -7.90 -39.65 -13.03
C LEU B 762 -8.91 -39.49 -14.18
N ASN B 763 -9.50 -40.57 -14.71
CA ASN B 763 -10.27 -40.46 -15.95
C ASN B 763 -11.63 -39.77 -15.78
N ALA B 764 -12.37 -40.13 -14.73
CA ALA B 764 -13.68 -39.51 -14.48
C ALA B 764 -13.66 -38.05 -13.96
N VAL B 765 -12.54 -37.58 -13.40
CA VAL B 765 -12.59 -36.37 -12.57
C VAL B 765 -12.29 -35.04 -13.28
N PHE B 766 -12.15 -35.05 -14.61
CA PHE B 766 -11.85 -33.83 -15.39
C PHE B 766 -12.91 -33.54 -16.45
N GLY B 767 -14.18 -33.72 -16.07
CA GLY B 767 -15.26 -33.46 -16.99
C GLY B 767 -15.75 -34.63 -17.83
N LEU B 768 -15.19 -35.84 -17.67
CA LEU B 768 -15.69 -37.00 -18.42
C LEU B 768 -17.19 -37.28 -18.31
N PRO B 769 -17.74 -37.46 -17.09
CA PRO B 769 -19.20 -37.73 -16.98
C PRO B 769 -20.08 -36.63 -17.54
N GLU B 770 -19.58 -35.41 -17.49
CA GLU B 770 -20.34 -34.26 -17.97
C GLU B 770 -20.44 -34.29 -19.50
N VAL B 771 -19.30 -34.44 -20.20
CA VAL B 771 -19.24 -34.55 -21.67
C VAL B 771 -20.05 -35.75 -22.24
N VAL B 772 -19.90 -36.89 -21.59
CA VAL B 772 -20.58 -38.11 -22.01
C VAL B 772 -22.09 -38.01 -21.84
N SER B 773 -22.54 -37.49 -20.69
CA SER B 773 -23.99 -37.32 -20.43
C SER B 773 -24.61 -36.42 -21.51
N GLU B 774 -23.90 -35.28 -21.74
CA GLU B 774 -24.32 -34.26 -22.71
C GLU B 774 -24.34 -34.81 -24.15
N ALA B 775 -23.30 -35.58 -24.51
CA ALA B 775 -23.16 -36.15 -25.86
C ALA B 775 -24.24 -37.17 -26.12
N ILE B 776 -24.44 -38.10 -25.19
CA ILE B 776 -25.50 -39.10 -25.30
C ILE B 776 -26.83 -38.41 -25.60
N ALA B 777 -27.13 -37.36 -24.86
CA ALA B 777 -28.38 -36.59 -25.04
C ALA B 777 -28.38 -35.83 -26.37
N TYR B 778 -27.22 -35.28 -26.74
CA TYR B 778 -27.11 -34.52 -27.97
C TYR B 778 -27.40 -35.38 -29.21
N LEU B 779 -26.74 -36.55 -29.30
CA LEU B 779 -26.89 -37.49 -30.42
C LEU B 779 -28.26 -38.17 -30.49
N ALA B 780 -28.84 -38.47 -29.34
CA ALA B 780 -30.18 -39.06 -29.23
C ALA B 780 -30.27 -40.44 -29.92
N ASP B 781 -31.01 -40.52 -31.02
CA ASP B 781 -31.25 -41.80 -31.70
C ASP B 781 -30.11 -42.19 -32.61
N ASP B 782 -29.23 -41.23 -32.93
CA ASP B 782 -28.05 -41.49 -33.75
C ASP B 782 -26.82 -41.89 -32.90
N ILE B 783 -27.04 -42.29 -31.64
CA ILE B 783 -25.96 -42.81 -30.80
C ILE B 783 -25.53 -44.17 -31.38
N PRO B 784 -24.21 -44.35 -31.60
CA PRO B 784 -23.71 -45.69 -31.95
C PRO B 784 -24.17 -46.77 -30.95
N LYS B 785 -24.68 -47.91 -31.45
CA LYS B 785 -25.11 -49.05 -30.62
C LYS B 785 -24.02 -49.37 -29.60
N GLY B 786 -24.43 -49.55 -28.34
CA GLY B 786 -23.53 -49.93 -27.24
C GLY B 786 -22.56 -48.88 -26.71
N PHE B 787 -22.77 -47.60 -27.01
CA PHE B 787 -21.95 -46.56 -26.37
C PHE B 787 -22.45 -46.27 -24.95
N LYS B 788 -23.75 -46.03 -24.83
CA LYS B 788 -24.38 -45.73 -23.53
C LYS B 788 -24.12 -46.86 -22.54
N GLN B 789 -24.26 -48.10 -23.00
CA GLN B 789 -23.96 -49.28 -22.15
C GLN B 789 -22.47 -49.37 -21.74
N ALA B 790 -21.55 -49.00 -22.64
CA ALA B 790 -20.11 -49.00 -22.32
C ALA B 790 -19.79 -47.99 -21.22
N TRP B 791 -20.56 -46.90 -21.21
CA TRP B 791 -20.46 -45.90 -20.16
C TRP B 791 -21.07 -46.42 -18.87
N LEU B 792 -22.32 -46.89 -18.90
CA LEU B 792 -22.95 -47.44 -17.68
C LEU B 792 -22.10 -48.51 -17.01
N ASP B 793 -21.39 -49.31 -17.81
CA ASP B 793 -20.47 -50.31 -17.27
C ASP B 793 -19.31 -49.67 -16.47
N TYR B 794 -18.70 -48.60 -16.96
CA TYR B 794 -17.68 -47.91 -16.18
C TYR B 794 -18.31 -47.42 -14.86
N CYS B 795 -19.47 -46.78 -14.99
CA CYS B 795 -20.22 -46.22 -13.87
C CYS B 795 -20.63 -47.27 -12.85
N TYR B 796 -20.96 -48.47 -13.32
CA TYR B 796 -21.35 -49.57 -12.43
C TYR B 796 -20.15 -50.30 -11.82
N TYR B 797 -19.19 -50.66 -12.65
CA TYR B 797 -18.09 -51.53 -12.25
C TYR B 797 -16.95 -50.82 -11.54
N TYR B 798 -16.88 -49.49 -11.58
CA TYR B 798 -15.69 -48.80 -11.03
C TYR B 798 -15.41 -49.23 -9.59
N HIS B 799 -16.47 -49.24 -8.79
CA HIS B 799 -16.40 -49.69 -7.41
C HIS B 799 -17.58 -50.66 -7.14
N ALA B 800 -17.59 -51.76 -7.89
CA ALA B 800 -18.33 -52.98 -7.52
C ALA B 800 -17.33 -53.99 -6.92
N SER B 801 -17.85 -55.12 -6.44
CA SER B 801 -16.99 -56.15 -5.80
C SER B 801 -16.09 -56.79 -6.85
N ALA B 802 -14.92 -57.25 -6.45
CA ALA B 802 -14.03 -58.01 -7.37
C ALA B 802 -14.59 -59.41 -7.83
N SER B 803 -15.62 -59.94 -7.13
CA SER B 803 -16.44 -61.06 -7.63
C SER B 803 -17.32 -60.67 -8.84
N GLU B 804 -17.82 -59.42 -8.89
CA GLU B 804 -18.59 -58.86 -10.04
C GLU B 804 -17.66 -58.36 -11.20
N GLN B 805 -16.44 -57.94 -10.88
CA GLN B 805 -15.41 -57.51 -11.87
C GLN B 805 -14.45 -58.60 -12.44
N LYS B 806 -14.47 -59.81 -11.87
CA LYS B 806 -13.83 -60.98 -12.52
C LYS B 806 -14.93 -61.69 -13.33
N ASP B 807 -16.13 -61.85 -12.75
CA ASP B 807 -17.26 -62.55 -13.40
C ASP B 807 -17.67 -61.93 -14.73
N ARG B 808 -17.17 -60.71 -15.00
CA ARG B 808 -17.15 -60.17 -16.35
C ARG B 808 -15.95 -59.21 -16.48
N TYR B 809 -15.33 -59.17 -17.67
CA TYR B 809 -13.95 -58.63 -17.90
C TYR B 809 -12.83 -59.58 -17.48
N GLY B 810 -13.16 -60.70 -16.81
CA GLY B 810 -12.19 -61.70 -16.36
C GLY B 810 -10.96 -61.31 -15.55
N VAL B 811 -10.82 -60.04 -15.11
CA VAL B 811 -9.60 -59.61 -14.39
C VAL B 811 -9.85 -58.48 -13.41
N SER B 812 -10.73 -58.68 -12.41
CA SER B 812 -11.00 -57.72 -11.28
C SER B 812 -9.99 -56.56 -11.03
N PHE B 813 -10.51 -55.33 -10.90
CA PHE B 813 -9.72 -54.06 -10.96
C PHE B 813 -8.71 -53.81 -9.81
N SER B 814 -8.02 -52.66 -9.83
CA SER B 814 -7.20 -52.16 -8.69
C SER B 814 -7.18 -50.61 -8.63
N ILE B 816 -9.21 -48.70 -7.86
CA ILE B 816 -10.30 -47.85 -7.40
C ILE B 816 -9.66 -46.90 -6.40
N SER B 817 -9.69 -45.60 -6.67
CA SER B 817 -8.93 -44.67 -5.82
C SER B 817 -9.51 -43.31 -5.45
N LEU B 818 -10.67 -42.86 -5.95
CA LEU B 818 -11.28 -41.63 -5.36
C LEU B 818 -12.76 -41.86 -5.26
N LEU B 819 -13.12 -42.68 -4.29
CA LEU B 819 -14.47 -43.23 -4.24
C LEU B 819 -15.51 -42.13 -4.07
N GLN B 820 -15.18 -41.05 -3.37
CA GLN B 820 -16.18 -40.01 -3.11
C GLN B 820 -16.50 -39.30 -4.41
N ALA B 821 -15.44 -38.79 -5.05
CA ALA B 821 -15.51 -38.26 -6.43
C ALA B 821 -16.29 -39.14 -7.41
N HIS B 822 -15.99 -40.43 -7.42
CA HIS B 822 -16.62 -41.34 -8.37
C HIS B 822 -18.01 -41.78 -7.94
N SER B 823 -18.45 -41.40 -6.75
CA SER B 823 -19.84 -41.69 -6.31
C SER B 823 -20.90 -41.13 -7.28
N ARG B 824 -20.57 -40.02 -7.95
CA ARG B 824 -21.40 -39.38 -9.00
C ARG B 824 -21.79 -40.34 -10.10
N LEU B 825 -20.82 -41.15 -10.54
CA LEU B 825 -21.00 -42.10 -11.63
C LEU B 825 -22.01 -43.18 -11.28
N ALA B 826 -21.82 -43.78 -10.11
CA ALA B 826 -22.79 -44.70 -9.55
C ALA B 826 -24.20 -44.09 -9.62
N ALA B 827 -24.32 -42.83 -9.23
CA ALA B 827 -25.61 -42.11 -9.21
C ALA B 827 -26.24 -41.92 -10.61
N TYR B 828 -25.43 -41.57 -11.61
CA TYR B 828 -25.89 -41.47 -13.01
C TYR B 828 -26.49 -42.79 -13.49
N ALA B 829 -25.76 -43.87 -13.20
CA ALA B 829 -26.15 -45.23 -13.55
C ALA B 829 -27.39 -45.63 -12.75
N ALA B 830 -27.43 -45.22 -11.49
CA ALA B 830 -28.60 -45.44 -10.68
C ALA B 830 -29.82 -44.78 -11.32
N TYR B 831 -29.74 -43.49 -11.68
CA TYR B 831 -30.87 -42.80 -12.31
C TYR B 831 -31.33 -43.51 -13.56
N GLU B 832 -30.37 -43.81 -14.44
CA GLU B 832 -30.67 -44.29 -15.77
C GLU B 832 -31.20 -45.73 -15.75
N THR B 833 -30.62 -46.58 -14.92
CA THR B 833 -31.06 -47.99 -14.77
C THR B 833 -32.30 -48.19 -13.85
N LYS B 834 -32.80 -47.13 -13.22
CA LYS B 834 -33.79 -47.24 -12.12
C LYS B 834 -33.31 -48.39 -11.15
N ASN B 835 -32.08 -48.31 -10.61
CA ASN B 835 -31.49 -49.38 -9.74
C ASN B 835 -31.15 -48.93 -8.29
N LYS B 836 -32.07 -49.20 -7.36
CA LYS B 836 -31.96 -48.73 -5.95
C LYS B 836 -30.77 -49.31 -5.18
N THR B 837 -30.36 -50.57 -5.44
CA THR B 837 -29.05 -51.10 -4.93
C THR B 837 -27.86 -50.18 -5.27
N LEU B 838 -27.89 -49.61 -6.48
CA LEU B 838 -26.77 -48.82 -6.98
C LEU B 838 -26.78 -47.45 -6.32
N ALA B 839 -27.97 -46.86 -6.21
CA ALA B 839 -28.09 -45.54 -5.61
C ALA B 839 -27.55 -45.55 -4.18
N LEU B 840 -27.88 -46.59 -3.41
CA LEU B 840 -27.45 -46.67 -2.02
C LEU B 840 -25.92 -46.82 -1.91
N ARG B 841 -25.33 -47.54 -2.87
CA ARG B 841 -23.85 -47.66 -2.96
C ARG B 841 -23.22 -46.30 -3.24
N ALA B 842 -23.90 -45.52 -4.08
CA ALA B 842 -23.42 -44.19 -4.42
C ALA B 842 -23.38 -43.33 -3.17
N TRP B 843 -24.45 -43.40 -2.37
CA TRP B 843 -24.49 -42.70 -1.08
C TRP B 843 -23.48 -43.28 -0.04
N LYS B 844 -23.29 -44.61 0.01
CA LYS B 844 -22.25 -45.23 0.88
C LYS B 844 -20.87 -44.70 0.51
N ASP B 845 -20.51 -44.80 -0.78
CA ASP B 845 -19.24 -44.26 -1.30
C ASP B 845 -19.11 -42.74 -1.04
N PHE B 846 -20.21 -41.99 -1.08
CA PHE B 846 -20.16 -40.55 -0.79
C PHE B 846 -19.83 -40.25 0.66
N TYR B 847 -20.69 -40.77 1.56
CA TYR B 847 -20.60 -40.51 3.00
C TYR B 847 -19.49 -41.27 3.75
N ALA B 848 -18.96 -42.35 3.18
CA ALA B 848 -18.12 -43.29 3.93
C ALA B 848 -16.96 -43.87 3.12
N SER B 849 -16.03 -43.03 2.68
CA SER B 849 -14.78 -43.55 2.10
C SER B 849 -13.64 -42.54 2.19
N ASP B 850 -13.49 -41.70 1.17
CA ASP B 850 -12.36 -40.75 1.15
C ASP B 850 -12.92 -39.34 1.02
N GLY B 851 -12.08 -38.39 0.65
CA GLY B 851 -12.52 -37.03 0.43
C GLY B 851 -12.87 -36.38 1.74
N LEU B 852 -14.01 -35.68 1.77
CA LEU B 852 -14.53 -35.06 2.98
C LEU B 852 -15.61 -35.96 3.61
N LEU B 853 -15.16 -36.71 4.64
CA LEU B 853 -16.05 -37.50 5.48
C LEU B 853 -16.99 -36.60 6.28
N PRO B 854 -18.19 -37.09 6.62
CA PRO B 854 -19.18 -36.25 7.31
C PRO B 854 -18.82 -35.94 8.76
N ASP B 855 -17.93 -36.73 9.34
CA ASP B 855 -17.36 -36.51 10.68
C ASP B 855 -16.22 -35.50 10.68
N ALA B 856 -15.87 -34.94 9.53
CA ALA B 856 -14.69 -34.09 9.45
C ALA B 856 -15.00 -32.81 10.25
N PRO B 857 -13.95 -32.00 10.56
CA PRO B 857 -14.15 -30.82 11.41
C PRO B 857 -15.34 -29.96 10.99
N TRP B 858 -15.46 -29.72 9.68
CA TRP B 858 -16.53 -28.90 9.10
C TRP B 858 -16.71 -27.57 9.82
N ASN B 859 -15.59 -26.87 10.01
CA ASN B 859 -15.57 -25.52 10.55
C ASN B 859 -14.18 -24.93 10.27
N ILE B 860 -14.02 -23.64 10.54
CA ILE B 860 -12.75 -22.93 10.34
C ILE B 860 -12.07 -22.72 11.67
N THR B 861 -10.77 -22.49 11.63
CA THR B 861 -10.02 -22.12 12.82
C THR B 861 -9.34 -20.78 12.52
N HIS B 862 -9.56 -19.80 13.39
CA HIS B 862 -8.97 -18.47 13.23
C HIS B 862 -7.59 -18.50 13.86
N VAL B 863 -6.61 -17.83 13.23
CA VAL B 863 -5.19 -17.92 13.61
C VAL B 863 -4.54 -16.57 13.48
N ASP B 864 -3.83 -16.13 14.52
CA ASP B 864 -3.35 -14.74 14.63
C ASP B 864 -2.23 -14.70 15.62
N GLY B 865 -1.86 -13.52 16.09
CA GLY B 865 -0.65 -13.38 16.88
C GLY B 865 0.54 -13.71 16.02
N SER B 866 1.61 -14.19 16.64
CA SER B 866 2.94 -14.23 15.99
C SER B 866 3.19 -15.52 15.24
N ASP B 867 2.19 -16.40 15.15
CA ASP B 867 2.25 -17.56 14.26
C ASP B 867 2.24 -17.21 12.76
N VAL B 868 1.61 -16.07 12.42
CA VAL B 868 1.37 -15.69 11.01
C VAL B 868 1.60 -14.21 10.77
N LEU B 869 1.69 -13.85 9.50
CA LEU B 869 2.01 -12.49 9.10
C LEU B 869 0.82 -11.60 9.35
N VAL B 870 -0.34 -12.05 8.88
CA VAL B 870 -1.59 -11.38 9.17
C VAL B 870 -2.61 -12.41 9.58
N PRO B 871 -3.63 -11.97 10.30
CA PRO B 871 -4.62 -12.95 10.77
C PRO B 871 -5.38 -13.70 9.66
N VAL B 872 -5.64 -15.00 9.86
CA VAL B 872 -6.28 -15.84 8.85
C VAL B 872 -7.17 -16.92 9.43
N ASP B 873 -8.22 -17.24 8.68
CA ASP B 873 -9.06 -18.40 8.93
C ASP B 873 -8.49 -19.51 8.07
N GLU B 874 -8.50 -20.72 8.62
CA GLU B 874 -7.93 -21.86 7.95
C GLU B 874 -8.83 -23.08 8.09
N ALA B 875 -8.69 -24.03 7.14
CA ALA B 875 -9.32 -25.35 7.21
C ALA B 875 -8.31 -26.34 6.62
N ALA B 876 -7.35 -26.74 7.46
CA ALA B 876 -6.23 -27.62 7.07
C ALA B 876 -6.69 -29.03 6.79
N TRP B 877 -7.82 -29.39 7.36
CA TRP B 877 -8.53 -30.64 7.08
C TRP B 877 -9.10 -30.76 5.65
N LEU B 878 -9.01 -29.70 4.84
CA LEU B 878 -9.37 -29.77 3.41
C LEU B 878 -8.26 -29.25 2.48
N ALA B 879 -8.49 -29.58 1.21
CA ALA B 879 -7.65 -29.16 0.11
C ALA B 879 -8.55 -29.09 -1.14
N THR B 880 -8.10 -28.35 -2.15
CA THR B 880 -8.96 -27.90 -3.21
C THR B 880 -9.48 -29.07 -4.00
N ASN B 881 -8.63 -30.08 -4.20
CA ASN B 881 -9.04 -31.35 -4.82
C ASN B 881 -10.26 -31.95 -4.13
N ASP B 882 -10.30 -31.90 -2.80
CA ASP B 882 -11.42 -32.51 -2.03
C ASP B 882 -12.70 -31.75 -2.23
N ILE B 883 -12.65 -30.41 -2.11
CA ILE B 883 -13.89 -29.58 -2.24
C ILE B 883 -14.47 -29.58 -3.65
N ALA B 884 -13.58 -29.56 -4.64
CA ALA B 884 -14.00 -29.58 -6.02
C ALA B 884 -14.83 -30.81 -6.25
N GLN B 885 -14.30 -31.97 -5.83
CA GLN B 885 -14.97 -33.26 -6.04
C GLN B 885 -16.07 -33.56 -5.03
N TYR B 886 -15.93 -33.05 -3.82
CA TYR B 886 -17.04 -33.07 -2.85
C TYR B 886 -18.26 -32.33 -3.41
N GLY B 887 -18.03 -31.12 -3.92
CA GLY B 887 -19.08 -30.27 -4.46
C GLY B 887 -19.78 -30.86 -5.66
N LEU B 888 -19.02 -31.49 -6.56
CA LEU B 888 -19.63 -32.14 -7.71
C LEU B 888 -20.47 -33.33 -7.29
N ALA B 889 -19.93 -34.16 -6.40
CA ALA B 889 -20.67 -35.31 -5.84
C ALA B 889 -21.98 -34.93 -5.15
N VAL B 890 -21.99 -33.84 -4.36
CA VAL B 890 -23.22 -33.35 -3.72
C VAL B 890 -24.25 -32.95 -4.78
N ILE B 891 -23.81 -32.09 -5.69
CA ILE B 891 -24.69 -31.56 -6.72
C ILE B 891 -25.28 -32.68 -7.57
N GLN B 892 -24.41 -33.61 -7.97
CA GLN B 892 -24.78 -34.68 -8.90
C GLN B 892 -25.57 -35.80 -8.23
N ASN B 893 -25.13 -36.24 -7.05
CA ASN B 893 -25.86 -37.26 -6.31
C ASN B 893 -27.28 -36.80 -5.95
N LEU B 894 -27.43 -35.53 -5.62
CA LEU B 894 -28.77 -34.95 -5.36
C LEU B 894 -29.64 -34.90 -6.60
N ALA B 895 -29.02 -34.63 -7.75
CA ALA B 895 -29.77 -34.53 -8.99
C ALA B 895 -30.28 -35.90 -9.38
N TYR B 896 -29.43 -36.91 -9.29
CA TYR B 896 -29.82 -38.23 -9.77
C TYR B 896 -30.56 -39.15 -8.78
N VAL B 897 -30.14 -39.17 -7.50
CA VAL B 897 -30.63 -40.15 -6.50
C VAL B 897 -30.97 -39.55 -5.12
N SER B 898 -31.67 -38.42 -5.11
CA SER B 898 -32.07 -37.82 -3.85
C SER B 898 -33.29 -38.53 -3.24
N ASP B 899 -34.01 -39.32 -4.01
CA ASP B 899 -35.02 -40.23 -3.43
C ASP B 899 -34.39 -41.27 -2.53
N SER B 900 -33.28 -41.83 -3.01
CA SER B 900 -32.53 -42.86 -2.34
C SER B 900 -31.73 -42.33 -1.13
N LEU B 901 -31.76 -41.02 -0.91
CA LEU B 901 -31.10 -40.41 0.26
C LEU B 901 -31.86 -40.63 1.58
N ASP B 902 -33.18 -40.38 1.58
CA ASP B 902 -34.04 -40.71 2.74
C ASP B 902 -33.78 -42.18 3.16
N ASP B 903 -33.76 -43.09 2.19
CA ASP B 903 -33.56 -44.52 2.45
C ASP B 903 -32.16 -44.89 2.91
N TYR B 904 -31.15 -44.15 2.47
CA TYR B 904 -29.77 -44.39 2.92
C TYR B 904 -29.59 -44.17 4.43
N GLN B 905 -30.32 -43.20 5.01
CA GLN B 905 -30.39 -43.07 6.48
C GLN B 905 -31.07 -44.37 7.06
N SER B 906 -30.22 -45.37 7.33
CA SER B 906 -30.62 -46.76 7.70
C SER B 906 -29.49 -47.44 8.44
#